data_5S94
# 
_entry.id   5S94 
# 
_audit_conform.dict_name       mmcif_pdbx.dic 
_audit_conform.dict_version    5.387 
_audit_conform.dict_location   http://mmcif.pdb.org/dictionaries/ascii/mmcif_pdbx.dic 
# 
loop_
_database_2.database_id 
_database_2.database_code 
_database_2.pdbx_database_accession 
_database_2.pdbx_DOI 
PDB   5S94         pdb_00005s94 10.2210/pdb5s94/pdb 
WWPDB D_1001404213 ?            ?                   
# 
loop_
_pdbx_audit_revision_history.ordinal 
_pdbx_audit_revision_history.data_content_type 
_pdbx_audit_revision_history.major_revision 
_pdbx_audit_revision_history.minor_revision 
_pdbx_audit_revision_history.revision_date 
1 'Structure model' 1 0 2021-02-17 
2 'Structure model' 1 1 2024-03-06 
# 
_pdbx_audit_revision_details.ordinal             1 
_pdbx_audit_revision_details.revision_ordinal    1 
_pdbx_audit_revision_details.data_content_type   'Structure model' 
_pdbx_audit_revision_details.provider            repository 
_pdbx_audit_revision_details.type                'Initial release' 
_pdbx_audit_revision_details.description         ? 
_pdbx_audit_revision_details.details             ? 
# 
loop_
_pdbx_audit_revision_group.ordinal 
_pdbx_audit_revision_group.revision_ordinal 
_pdbx_audit_revision_group.data_content_type 
_pdbx_audit_revision_group.group 
1 2 'Structure model' 'Data collection'     
2 2 'Structure model' 'Database references' 
# 
loop_
_pdbx_audit_revision_category.ordinal 
_pdbx_audit_revision_category.revision_ordinal 
_pdbx_audit_revision_category.data_content_type 
_pdbx_audit_revision_category.category 
1 2 'Structure model' chem_comp_atom 
2 2 'Structure model' chem_comp_bond 
3 2 'Structure model' database_2     
# 
loop_
_pdbx_audit_revision_item.ordinal 
_pdbx_audit_revision_item.revision_ordinal 
_pdbx_audit_revision_item.data_content_type 
_pdbx_audit_revision_item.item 
1 2 'Structure model' '_database_2.pdbx_DOI'                
2 2 'Structure model' '_database_2.pdbx_database_accession' 
# 
_pdbx_database_status.entry_id                        5S94 
_pdbx_database_status.status_code                     REL 
_pdbx_database_status.status_code_sf                  REL 
_pdbx_database_status.status_code_mr                  ? 
_pdbx_database_status.status_code_cs                  ? 
_pdbx_database_status.recvd_initial_deposition_date   2021-01-22 
_pdbx_database_status.status_code_nmr_data            ? 
_pdbx_database_status.deposit_site                    RCSB 
_pdbx_database_status.process_site                    RCSB 
_pdbx_database_status.SG_entry                        ? 
_pdbx_database_status.pdb_format_compatible           Y 
_pdbx_database_status.methods_development_category    ? 
# 
loop_
_audit_author.name 
_audit_author.pdbx_ordinal 
_audit_author.identifier_ORCID 
'Grosjean, H.'     1  ? 
'Aimon, A.'        2  ? 
'Hassel-Hart , S.' 3  ? 
'Krojer, T.'       4  ? 
'Talon, R.'        5  ? 
'Douangamath, A.'  6  ? 
'Koekemoer, L.'    7  ? 
'Biggin, P.C.'     8  ? 
'Spencer, J.'      9  ? 
'von Delft, F.'    10 ? 
# 
_citation.id                        primary 
_citation.title                     
;Crystal Structures of the second bromodomain of Pleckstrin homology domain interacting protein (PHIP) in space group C2 soaked with crude reaction mixtures
;
_citation.journal_abbrev            'To Be Published' 
_citation.journal_volume            ? 
_citation.page_first                ? 
_citation.page_last                 ? 
_citation.year                      ? 
_citation.journal_id_ASTM           ? 
_citation.country                   ? 
_citation.journal_id_ISSN           ? 
_citation.journal_id_CSD            0353 
_citation.book_publisher            ? 
_citation.pdbx_database_id_PubMed   ? 
_citation.pdbx_database_id_DOI      ? 
# 
loop_
_citation_author.citation_id 
_citation_author.name 
_citation_author.identifier_ORCID 
_citation_author.ordinal 
primary 'Grosjean, H.'    ? 1  
primary 'Aimon, A.'       ? 2  
primary 'Hart , S.'       ? 3  
primary 'Krojer, T.'      ? 4  
primary 'Talon, R.'       ? 5  
primary 'Douangamath, A.' ? 6  
primary 'Koekemoer, L.'   ? 7  
primary 'Biggin, P.C.'    ? 8  
primary 'Spencer, J.'     ? 9  
primary 'von Delft, F.'   ? 10 
# 
loop_
_entity.id 
_entity.type 
_entity.src_method 
_entity.pdbx_description 
_entity.formula_weight 
_entity.pdbx_number_of_molecules 
_entity.pdbx_ec 
_entity.pdbx_mutation 
_entity.pdbx_fragment 
_entity.details 
1 polymer     man 'PH-interacting protein'                                                     17627.859 1   ? ? ? ? 
2 non-polymer syn 'N-(cyclopropylmethyl)-4-(5-methylfuran-2-carbonyl)piperazine-1-carboxamide' 291.346   1   ? ? ? ? 
3 water       nat water                                                                        18.015    194 ? ? ? ? 
# 
_entity_name_com.entity_id   1 
_entity_name_com.name        
'PHIP,DDB1- and CUL4-associated factor 14,IRS-1 PH domain-binding protein,WD repeat-containing protein 11' 
# 
_entity_poly.entity_id                      1 
_entity_poly.type                           'polypeptide(L)' 
_entity_poly.nstd_linkage                   no 
_entity_poly.nstd_monomer                   no 
_entity_poly.pdbx_seq_one_letter_code       
;MHHHHHHSSGVDLGTENLYFQSMSYDIQAWKKQCEELLNLIFQCEDSEPFRQPVDLLEYPDYRDIIDTPMDFATVRETLE
AGNYESPMELCKDVRLIFSNSKAYTPSKRSRIYSMSLRLSAFFEEHISSVLSDYKSALRFHKRNTITKR
;
_entity_poly.pdbx_seq_one_letter_code_can   
;MHHHHHHSSGVDLGTENLYFQSMSYDIQAWKKQCEELLNLIFQCEDSEPFRQPVDLLEYPDYRDIIDTPMDFATVRETLE
AGNYESPMELCKDVRLIFSNSKAYTPSKRSRIYSMSLRLSAFFEEHISSVLSDYKSALRFHKRNTITKR
;
_entity_poly.pdbx_strand_id                 A 
_entity_poly.pdbx_target_identifier         ? 
# 
loop_
_pdbx_entity_nonpoly.entity_id 
_pdbx_entity_nonpoly.name 
_pdbx_entity_nonpoly.comp_id 
2 'N-(cyclopropylmethyl)-4-(5-methylfuran-2-carbonyl)piperazine-1-carboxamide' Y2M 
3 water                                                                        HOH 
# 
loop_
_entity_poly_seq.entity_id 
_entity_poly_seq.num 
_entity_poly_seq.mon_id 
_entity_poly_seq.hetero 
1 1   MET n 
1 2   HIS n 
1 3   HIS n 
1 4   HIS n 
1 5   HIS n 
1 6   HIS n 
1 7   HIS n 
1 8   SER n 
1 9   SER n 
1 10  GLY n 
1 11  VAL n 
1 12  ASP n 
1 13  LEU n 
1 14  GLY n 
1 15  THR n 
1 16  GLU n 
1 17  ASN n 
1 18  LEU n 
1 19  TYR n 
1 20  PHE n 
1 21  GLN n 
1 22  SER n 
1 23  MET n 
1 24  SER n 
1 25  TYR n 
1 26  ASP n 
1 27  ILE n 
1 28  GLN n 
1 29  ALA n 
1 30  TRP n 
1 31  LYS n 
1 32  LYS n 
1 33  GLN n 
1 34  CYS n 
1 35  GLU n 
1 36  GLU n 
1 37  LEU n 
1 38  LEU n 
1 39  ASN n 
1 40  LEU n 
1 41  ILE n 
1 42  PHE n 
1 43  GLN n 
1 44  CYS n 
1 45  GLU n 
1 46  ASP n 
1 47  SER n 
1 48  GLU n 
1 49  PRO n 
1 50  PHE n 
1 51  ARG n 
1 52  GLN n 
1 53  PRO n 
1 54  VAL n 
1 55  ASP n 
1 56  LEU n 
1 57  LEU n 
1 58  GLU n 
1 59  TYR n 
1 60  PRO n 
1 61  ASP n 
1 62  TYR n 
1 63  ARG n 
1 64  ASP n 
1 65  ILE n 
1 66  ILE n 
1 67  ASP n 
1 68  THR n 
1 69  PRO n 
1 70  MET n 
1 71  ASP n 
1 72  PHE n 
1 73  ALA n 
1 74  THR n 
1 75  VAL n 
1 76  ARG n 
1 77  GLU n 
1 78  THR n 
1 79  LEU n 
1 80  GLU n 
1 81  ALA n 
1 82  GLY n 
1 83  ASN n 
1 84  TYR n 
1 85  GLU n 
1 86  SER n 
1 87  PRO n 
1 88  MET n 
1 89  GLU n 
1 90  LEU n 
1 91  CYS n 
1 92  LYS n 
1 93  ASP n 
1 94  VAL n 
1 95  ARG n 
1 96  LEU n 
1 97  ILE n 
1 98  PHE n 
1 99  SER n 
1 100 ASN n 
1 101 SER n 
1 102 LYS n 
1 103 ALA n 
1 104 TYR n 
1 105 THR n 
1 106 PRO n 
1 107 SER n 
1 108 LYS n 
1 109 ARG n 
1 110 SER n 
1 111 ARG n 
1 112 ILE n 
1 113 TYR n 
1 114 SER n 
1 115 MET n 
1 116 SER n 
1 117 LEU n 
1 118 ARG n 
1 119 LEU n 
1 120 SER n 
1 121 ALA n 
1 122 PHE n 
1 123 PHE n 
1 124 GLU n 
1 125 GLU n 
1 126 HIS n 
1 127 ILE n 
1 128 SER n 
1 129 SER n 
1 130 VAL n 
1 131 LEU n 
1 132 SER n 
1 133 ASP n 
1 134 TYR n 
1 135 LYS n 
1 136 SER n 
1 137 ALA n 
1 138 LEU n 
1 139 ARG n 
1 140 PHE n 
1 141 HIS n 
1 142 LYS n 
1 143 ARG n 
1 144 ASN n 
1 145 THR n 
1 146 ILE n 
1 147 THR n 
1 148 LYS n 
1 149 ARG n 
# 
_entity_src_gen.entity_id                          1 
_entity_src_gen.pdbx_src_id                        1 
_entity_src_gen.pdbx_alt_source_flag               sample 
_entity_src_gen.pdbx_seq_type                      'Biological sequence' 
_entity_src_gen.pdbx_beg_seq_num                   1 
_entity_src_gen.pdbx_end_seq_num                   149 
_entity_src_gen.gene_src_common_name               Human 
_entity_src_gen.gene_src_genus                     ? 
_entity_src_gen.pdbx_gene_src_gene                 'PHIP, DCAF14, WDR11' 
_entity_src_gen.gene_src_species                   ? 
_entity_src_gen.gene_src_strain                    ? 
_entity_src_gen.gene_src_tissue                    ? 
_entity_src_gen.gene_src_tissue_fraction           ? 
_entity_src_gen.gene_src_details                   ? 
_entity_src_gen.pdbx_gene_src_fragment             ? 
_entity_src_gen.pdbx_gene_src_scientific_name      'Homo sapiens' 
_entity_src_gen.pdbx_gene_src_ncbi_taxonomy_id     9606 
_entity_src_gen.pdbx_gene_src_variant              ? 
_entity_src_gen.pdbx_gene_src_cell_line            ? 
_entity_src_gen.pdbx_gene_src_atcc                 ? 
_entity_src_gen.pdbx_gene_src_organ                ? 
_entity_src_gen.pdbx_gene_src_organelle            ? 
_entity_src_gen.pdbx_gene_src_cell                 ? 
_entity_src_gen.pdbx_gene_src_cellular_location    ? 
_entity_src_gen.host_org_common_name               ? 
_entity_src_gen.pdbx_host_org_scientific_name      'Escherichia coli' 
_entity_src_gen.pdbx_host_org_ncbi_taxonomy_id     562 
_entity_src_gen.host_org_genus                     ? 
_entity_src_gen.pdbx_host_org_gene                 ? 
_entity_src_gen.pdbx_host_org_organ                ? 
_entity_src_gen.host_org_species                   ? 
_entity_src_gen.pdbx_host_org_tissue               ? 
_entity_src_gen.pdbx_host_org_tissue_fraction      ? 
_entity_src_gen.pdbx_host_org_strain               ? 
_entity_src_gen.pdbx_host_org_variant              ? 
_entity_src_gen.pdbx_host_org_cell_line            ? 
_entity_src_gen.pdbx_host_org_atcc                 ? 
_entity_src_gen.pdbx_host_org_culture_collection   ? 
_entity_src_gen.pdbx_host_org_cell                 ? 
_entity_src_gen.pdbx_host_org_organelle            ? 
_entity_src_gen.pdbx_host_org_cellular_location    ? 
_entity_src_gen.pdbx_host_org_vector_type          ? 
_entity_src_gen.pdbx_host_org_vector               ? 
_entity_src_gen.host_org_details                   ? 
_entity_src_gen.expression_system_id               ? 
_entity_src_gen.plasmid_name                       ? 
_entity_src_gen.plasmid_details                    ? 
_entity_src_gen.pdbx_description                   ? 
# 
loop_
_chem_comp.id 
_chem_comp.type 
_chem_comp.mon_nstd_flag 
_chem_comp.name 
_chem_comp.pdbx_synonyms 
_chem_comp.formula 
_chem_comp.formula_weight 
ALA 'L-peptide linking' y ALANINE                                                                      ? 'C3 H7 N O2'     89.093  
ARG 'L-peptide linking' y ARGININE                                                                     ? 'C6 H15 N4 O2 1' 175.209 
ASN 'L-peptide linking' y ASPARAGINE                                                                   ? 'C4 H8 N2 O3'    132.118 
ASP 'L-peptide linking' y 'ASPARTIC ACID'                                                              ? 'C4 H7 N O4'     133.103 
CYS 'L-peptide linking' y CYSTEINE                                                                     ? 'C3 H7 N O2 S'   121.158 
GLN 'L-peptide linking' y GLUTAMINE                                                                    ? 'C5 H10 N2 O3'   146.144 
GLU 'L-peptide linking' y 'GLUTAMIC ACID'                                                              ? 'C5 H9 N O4'     147.129 
GLY 'peptide linking'   y GLYCINE                                                                      ? 'C2 H5 N O2'     75.067  
HIS 'L-peptide linking' y HISTIDINE                                                                    ? 'C6 H10 N3 O2 1' 156.162 
HOH non-polymer         . WATER                                                                        ? 'H2 O'           18.015  
ILE 'L-peptide linking' y ISOLEUCINE                                                                   ? 'C6 H13 N O2'    131.173 
LEU 'L-peptide linking' y LEUCINE                                                                      ? 'C6 H13 N O2'    131.173 
LYS 'L-peptide linking' y LYSINE                                                                       ? 'C6 H15 N2 O2 1' 147.195 
MET 'L-peptide linking' y METHIONINE                                                                   ? 'C5 H11 N O2 S'  149.211 
PHE 'L-peptide linking' y PHENYLALANINE                                                                ? 'C9 H11 N O2'    165.189 
PRO 'L-peptide linking' y PROLINE                                                                      ? 'C5 H9 N O2'     115.130 
SER 'L-peptide linking' y SERINE                                                                       ? 'C3 H7 N O3'     105.093 
THR 'L-peptide linking' y THREONINE                                                                    ? 'C4 H9 N O3'     119.119 
TRP 'L-peptide linking' y TRYPTOPHAN                                                                   ? 'C11 H12 N2 O2'  204.225 
TYR 'L-peptide linking' y TYROSINE                                                                     ? 'C9 H11 N O3'    181.189 
VAL 'L-peptide linking' y VALINE                                                                       ? 'C5 H11 N O2'    117.146 
Y2M non-polymer         . 'N-(cyclopropylmethyl)-4-(5-methylfuran-2-carbonyl)piperazine-1-carboxamide' ? 'C15 H21 N3 O3'  291.346 
# 
loop_
_pdbx_poly_seq_scheme.asym_id 
_pdbx_poly_seq_scheme.entity_id 
_pdbx_poly_seq_scheme.seq_id 
_pdbx_poly_seq_scheme.mon_id 
_pdbx_poly_seq_scheme.ndb_seq_num 
_pdbx_poly_seq_scheme.pdb_seq_num 
_pdbx_poly_seq_scheme.auth_seq_num 
_pdbx_poly_seq_scheme.pdb_mon_id 
_pdbx_poly_seq_scheme.auth_mon_id 
_pdbx_poly_seq_scheme.pdb_strand_id 
_pdbx_poly_seq_scheme.pdb_ins_code 
_pdbx_poly_seq_scheme.hetero 
A 1 1   MET 1   1292 ?    ?   ?   A . n 
A 1 2   HIS 2   1293 ?    ?   ?   A . n 
A 1 3   HIS 3   1294 ?    ?   ?   A . n 
A 1 4   HIS 4   1295 ?    ?   ?   A . n 
A 1 5   HIS 5   1296 ?    ?   ?   A . n 
A 1 6   HIS 6   1297 ?    ?   ?   A . n 
A 1 7   HIS 7   1298 ?    ?   ?   A . n 
A 1 8   SER 8   1299 ?    ?   ?   A . n 
A 1 9   SER 9   1300 ?    ?   ?   A . n 
A 1 10  GLY 10  1301 ?    ?   ?   A . n 
A 1 11  VAL 11  1302 ?    ?   ?   A . n 
A 1 12  ASP 12  1303 ?    ?   ?   A . n 
A 1 13  LEU 13  1304 ?    ?   ?   A . n 
A 1 14  GLY 14  1305 ?    ?   ?   A . n 
A 1 15  THR 15  1306 ?    ?   ?   A . n 
A 1 16  GLU 16  1307 ?    ?   ?   A . n 
A 1 17  ASN 17  1308 ?    ?   ?   A . n 
A 1 18  LEU 18  1309 ?    ?   ?   A . n 
A 1 19  TYR 19  1310 ?    ?   ?   A . n 
A 1 20  PHE 20  1311 ?    ?   ?   A . n 
A 1 21  GLN 21  1312 ?    ?   ?   A . n 
A 1 22  SER 22  1313 ?    ?   ?   A . n 
A 1 23  MET 23  1314 ?    ?   ?   A . n 
A 1 24  SER 24  1315 ?    ?   ?   A . n 
A 1 25  TYR 25  1316 1316 TYR TYR A . n 
A 1 26  ASP 26  1317 1317 ASP ASP A . n 
A 1 27  ILE 27  1318 1318 ILE ILE A . n 
A 1 28  GLN 28  1319 1319 GLN GLN A . n 
A 1 29  ALA 29  1320 1320 ALA ALA A . n 
A 1 30  TRP 30  1321 1321 TRP TRP A . n 
A 1 31  LYS 31  1322 1322 LYS LYS A . n 
A 1 32  LYS 32  1323 1323 LYS LYS A . n 
A 1 33  GLN 33  1324 1324 GLN GLN A . n 
A 1 34  CYS 34  1325 1325 CYS CYS A . n 
A 1 35  GLU 35  1326 1326 GLU GLU A . n 
A 1 36  GLU 36  1327 1327 GLU GLU A . n 
A 1 37  LEU 37  1328 1328 LEU LEU A . n 
A 1 38  LEU 38  1329 1329 LEU LEU A . n 
A 1 39  ASN 39  1330 1330 ASN ASN A . n 
A 1 40  LEU 40  1331 1331 LEU LEU A . n 
A 1 41  ILE 41  1332 1332 ILE ILE A . n 
A 1 42  PHE 42  1333 1333 PHE PHE A . n 
A 1 43  GLN 43  1334 1334 GLN GLN A . n 
A 1 44  CYS 44  1335 1335 CYS CYS A . n 
A 1 45  GLU 45  1336 1336 GLU GLU A . n 
A 1 46  ASP 46  1337 1337 ASP ASP A . n 
A 1 47  SER 47  1338 1338 SER SER A . n 
A 1 48  GLU 48  1339 1339 GLU GLU A . n 
A 1 49  PRO 49  1340 1340 PRO PRO A . n 
A 1 50  PHE 50  1341 1341 PHE PHE A . n 
A 1 51  ARG 51  1342 1342 ARG ARG A . n 
A 1 52  GLN 52  1343 1343 GLN GLN A . n 
A 1 53  PRO 53  1344 1344 PRO PRO A . n 
A 1 54  VAL 54  1345 1345 VAL VAL A . n 
A 1 55  ASP 55  1346 1346 ASP ASP A . n 
A 1 56  LEU 56  1347 1347 LEU LEU A . n 
A 1 57  LEU 57  1348 1348 LEU LEU A . n 
A 1 58  GLU 58  1349 1349 GLU GLU A . n 
A 1 59  TYR 59  1350 1350 TYR TYR A . n 
A 1 60  PRO 60  1351 1351 PRO PRO A . n 
A 1 61  ASP 61  1352 1352 ASP ASP A . n 
A 1 62  TYR 62  1353 1353 TYR TYR A . n 
A 1 63  ARG 63  1354 1354 ARG ARG A . n 
A 1 64  ASP 64  1355 1355 ASP ASP A . n 
A 1 65  ILE 65  1356 1356 ILE ILE A . n 
A 1 66  ILE 66  1357 1357 ILE ILE A . n 
A 1 67  ASP 67  1358 1358 ASP ASP A . n 
A 1 68  THR 68  1359 1359 THR THR A . n 
A 1 69  PRO 69  1360 1360 PRO PRO A . n 
A 1 70  MET 70  1361 1361 MET MET A . n 
A 1 71  ASP 71  1362 1362 ASP ASP A . n 
A 1 72  PHE 72  1363 1363 PHE PHE A . n 
A 1 73  ALA 73  1364 1364 ALA ALA A . n 
A 1 74  THR 74  1365 1365 THR THR A . n 
A 1 75  VAL 75  1366 1366 VAL VAL A . n 
A 1 76  ARG 76  1367 1367 ARG ARG A . n 
A 1 77  GLU 77  1368 1368 GLU GLU A . n 
A 1 78  THR 78  1369 1369 THR THR A . n 
A 1 79  LEU 79  1370 1370 LEU LEU A . n 
A 1 80  GLU 80  1371 1371 GLU GLU A . n 
A 1 81  ALA 81  1372 1372 ALA ALA A . n 
A 1 82  GLY 82  1373 1373 GLY GLY A . n 
A 1 83  ASN 83  1374 1374 ASN ASN A . n 
A 1 84  TYR 84  1375 1375 TYR TYR A . n 
A 1 85  GLU 85  1376 1376 GLU GLU A . n 
A 1 86  SER 86  1377 1377 SER SER A . n 
A 1 87  PRO 87  1378 1378 PRO PRO A . n 
A 1 88  MET 88  1379 1379 MET MET A . n 
A 1 89  GLU 89  1380 1380 GLU GLU A . n 
A 1 90  LEU 90  1381 1381 LEU LEU A . n 
A 1 91  CYS 91  1382 1382 CYS CYS A . n 
A 1 92  LYS 92  1383 1383 LYS LYS A . n 
A 1 93  ASP 93  1384 1384 ASP ASP A . n 
A 1 94  VAL 94  1385 1385 VAL VAL A . n 
A 1 95  ARG 95  1386 1386 ARG ARG A . n 
A 1 96  LEU 96  1387 1387 LEU LEU A . n 
A 1 97  ILE 97  1388 1388 ILE ILE A . n 
A 1 98  PHE 98  1389 1389 PHE PHE A . n 
A 1 99  SER 99  1390 1390 SER SER A . n 
A 1 100 ASN 100 1391 1391 ASN ASN A . n 
A 1 101 SER 101 1392 1392 SER SER A . n 
A 1 102 LYS 102 1393 1393 LYS LYS A . n 
A 1 103 ALA 103 1394 1394 ALA ALA A . n 
A 1 104 TYR 104 1395 1395 TYR TYR A . n 
A 1 105 THR 105 1396 1396 THR THR A . n 
A 1 106 PRO 106 1397 1397 PRO PRO A . n 
A 1 107 SER 107 1398 1398 SER SER A . n 
A 1 108 LYS 108 1399 1399 LYS LYS A . n 
A 1 109 ARG 109 1400 1400 ARG ARG A . n 
A 1 110 SER 110 1401 1401 SER SER A . n 
A 1 111 ARG 111 1402 1402 ARG ARG A . n 
A 1 112 ILE 112 1403 1403 ILE ILE A . n 
A 1 113 TYR 113 1404 1404 TYR TYR A . n 
A 1 114 SER 114 1405 1405 SER SER A . n 
A 1 115 MET 115 1406 1406 MET MET A . n 
A 1 116 SER 116 1407 1407 SER SER A . n 
A 1 117 LEU 117 1408 1408 LEU LEU A . n 
A 1 118 ARG 118 1409 1409 ARG ARG A . n 
A 1 119 LEU 119 1410 1410 LEU LEU A . n 
A 1 120 SER 120 1411 1411 SER SER A . n 
A 1 121 ALA 121 1412 1412 ALA ALA A . n 
A 1 122 PHE 122 1413 1413 PHE PHE A . n 
A 1 123 PHE 123 1414 1414 PHE PHE A . n 
A 1 124 GLU 124 1415 1415 GLU GLU A . n 
A 1 125 GLU 125 1416 1416 GLU GLU A . n 
A 1 126 HIS 126 1417 1417 HIS HIS A . n 
A 1 127 ILE 127 1418 1418 ILE ILE A . n 
A 1 128 SER 128 1419 1419 SER SER A . n 
A 1 129 SER 129 1420 1420 SER SER A . n 
A 1 130 VAL 130 1421 1421 VAL VAL A . n 
A 1 131 LEU 131 1422 1422 LEU LEU A . n 
A 1 132 SER 132 1423 1423 SER SER A . n 
A 1 133 ASP 133 1424 1424 ASP ASP A . n 
A 1 134 TYR 134 1425 1425 TYR TYR A . n 
A 1 135 LYS 135 1426 1426 LYS LYS A . n 
A 1 136 SER 136 1427 1427 SER SER A . n 
A 1 137 ALA 137 1428 1428 ALA ALA A . n 
A 1 138 LEU 138 1429 1429 LEU LEU A . n 
A 1 139 ARG 139 1430 1430 ARG ARG A . n 
A 1 140 PHE 140 1431 1431 PHE PHE A . n 
A 1 141 HIS 141 1432 1432 HIS HIS A . n 
A 1 142 LYS 142 1433 1433 LYS LYS A . n 
A 1 143 ARG 143 1434 1434 ARG ARG A . n 
A 1 144 ASN 144 1435 ?    ?   ?   A . n 
A 1 145 THR 145 1436 ?    ?   ?   A . n 
A 1 146 ILE 146 1437 ?    ?   ?   A . n 
A 1 147 THR 147 1438 ?    ?   ?   A . n 
A 1 148 LYS 148 1439 ?    ?   ?   A . n 
A 1 149 ARG 149 1440 ?    ?   ?   A . n 
# 
loop_
_pdbx_nonpoly_scheme.asym_id 
_pdbx_nonpoly_scheme.entity_id 
_pdbx_nonpoly_scheme.mon_id 
_pdbx_nonpoly_scheme.ndb_seq_num 
_pdbx_nonpoly_scheme.pdb_seq_num 
_pdbx_nonpoly_scheme.auth_seq_num 
_pdbx_nonpoly_scheme.pdb_mon_id 
_pdbx_nonpoly_scheme.auth_mon_id 
_pdbx_nonpoly_scheme.pdb_strand_id 
_pdbx_nonpoly_scheme.pdb_ins_code 
B 2 Y2M 1   1501 1501 Y2M LIG A . 
C 3 HOH 1   1601 93   HOH HOH A . 
C 3 HOH 2   1602 85   HOH HOH A . 
C 3 HOH 3   1603 197  HOH HOH A . 
C 3 HOH 4   1604 98   HOH HOH A . 
C 3 HOH 5   1605 89   HOH HOH A . 
C 3 HOH 6   1606 151  HOH HOH A . 
C 3 HOH 7   1607 172  HOH HOH A . 
C 3 HOH 8   1608 160  HOH HOH A . 
C 3 HOH 9   1609 184  HOH HOH A . 
C 3 HOH 10  1610 121  HOH HOH A . 
C 3 HOH 11  1611 7    HOH HOH A . 
C 3 HOH 12  1612 55   HOH HOH A . 
C 3 HOH 13  1613 162  HOH HOH A . 
C 3 HOH 14  1614 187  HOH HOH A . 
C 3 HOH 15  1615 74   HOH HOH A . 
C 3 HOH 16  1616 128  HOH HOH A . 
C 3 HOH 17  1617 124  HOH HOH A . 
C 3 HOH 18  1618 52   HOH HOH A . 
C 3 HOH 19  1619 141  HOH HOH A . 
C 3 HOH 20  1620 211  HOH HOH A . 
C 3 HOH 21  1621 183  HOH HOH A . 
C 3 HOH 22  1622 10   HOH HOH A . 
C 3 HOH 23  1623 17   HOH HOH A . 
C 3 HOH 24  1624 94   HOH HOH A . 
C 3 HOH 25  1625 36   HOH HOH A . 
C 3 HOH 26  1626 25   HOH HOH A . 
C 3 HOH 27  1627 83   HOH HOH A . 
C 3 HOH 28  1628 173  HOH HOH A . 
C 3 HOH 29  1629 70   HOH HOH A . 
C 3 HOH 30  1630 171  HOH HOH A . 
C 3 HOH 31  1631 41   HOH HOH A . 
C 3 HOH 32  1632 179  HOH HOH A . 
C 3 HOH 33  1633 66   HOH HOH A . 
C 3 HOH 34  1634 31   HOH HOH A . 
C 3 HOH 35  1635 139  HOH HOH A . 
C 3 HOH 36  1636 140  HOH HOH A . 
C 3 HOH 37  1637 101  HOH HOH A . 
C 3 HOH 38  1638 92   HOH HOH A . 
C 3 HOH 39  1639 21   HOH HOH A . 
C 3 HOH 40  1640 176  HOH HOH A . 
C 3 HOH 41  1641 64   HOH HOH A . 
C 3 HOH 42  1642 33   HOH HOH A . 
C 3 HOH 43  1643 9    HOH HOH A . 
C 3 HOH 44  1644 144  HOH HOH A . 
C 3 HOH 45  1645 154  HOH HOH A . 
C 3 HOH 46  1646 65   HOH HOH A . 
C 3 HOH 47  1647 28   HOH HOH A . 
C 3 HOH 48  1648 14   HOH HOH A . 
C 3 HOH 49  1649 45   HOH HOH A . 
C 3 HOH 50  1650 16   HOH HOH A . 
C 3 HOH 51  1651 26   HOH HOH A . 
C 3 HOH 52  1652 161  HOH HOH A . 
C 3 HOH 53  1653 1    HOH HOH A . 
C 3 HOH 54  1654 129  HOH HOH A . 
C 3 HOH 55  1655 180  HOH HOH A . 
C 3 HOH 56  1656 5    HOH HOH A . 
C 3 HOH 57  1657 20   HOH HOH A . 
C 3 HOH 58  1658 3    HOH HOH A . 
C 3 HOH 59  1659 62   HOH HOH A . 
C 3 HOH 60  1660 39   HOH HOH A . 
C 3 HOH 61  1661 77   HOH HOH A . 
C 3 HOH 62  1662 76   HOH HOH A . 
C 3 HOH 63  1663 75   HOH HOH A . 
C 3 HOH 64  1664 4    HOH HOH A . 
C 3 HOH 65  1665 69   HOH HOH A . 
C 3 HOH 66  1666 27   HOH HOH A . 
C 3 HOH 67  1667 152  HOH HOH A . 
C 3 HOH 68  1668 167  HOH HOH A . 
C 3 HOH 69  1669 130  HOH HOH A . 
C 3 HOH 70  1670 123  HOH HOH A . 
C 3 HOH 71  1671 35   HOH HOH A . 
C 3 HOH 72  1672 56   HOH HOH A . 
C 3 HOH 73  1673 159  HOH HOH A . 
C 3 HOH 74  1674 80   HOH HOH A . 
C 3 HOH 75  1675 6    HOH HOH A . 
C 3 HOH 76  1676 71   HOH HOH A . 
C 3 HOH 77  1677 82   HOH HOH A . 
C 3 HOH 78  1678 19   HOH HOH A . 
C 3 HOH 79  1679 100  HOH HOH A . 
C 3 HOH 80  1680 63   HOH HOH A . 
C 3 HOH 81  1681 60   HOH HOH A . 
C 3 HOH 82  1682 54   HOH HOH A . 
C 3 HOH 83  1683 50   HOH HOH A . 
C 3 HOH 84  1684 2    HOH HOH A . 
C 3 HOH 85  1685 122  HOH HOH A . 
C 3 HOH 86  1686 138  HOH HOH A . 
C 3 HOH 87  1687 59   HOH HOH A . 
C 3 HOH 88  1688 86   HOH HOH A . 
C 3 HOH 89  1689 143  HOH HOH A . 
C 3 HOH 90  1690 29   HOH HOH A . 
C 3 HOH 91  1691 113  HOH HOH A . 
C 3 HOH 92  1692 108  HOH HOH A . 
C 3 HOH 93  1693 23   HOH HOH A . 
C 3 HOH 94  1694 191  HOH HOH A . 
C 3 HOH 95  1695 11   HOH HOH A . 
C 3 HOH 96  1696 84   HOH HOH A . 
C 3 HOH 97  1697 133  HOH HOH A . 
C 3 HOH 98  1698 105  HOH HOH A . 
C 3 HOH 99  1699 88   HOH HOH A . 
C 3 HOH 100 1700 119  HOH HOH A . 
C 3 HOH 101 1701 90   HOH HOH A . 
C 3 HOH 102 1702 131  HOH HOH A . 
C 3 HOH 103 1703 40   HOH HOH A . 
C 3 HOH 104 1704 96   HOH HOH A . 
C 3 HOH 105 1705 72   HOH HOH A . 
C 3 HOH 106 1706 120  HOH HOH A . 
C 3 HOH 107 1707 116  HOH HOH A . 
C 3 HOH 108 1708 38   HOH HOH A . 
C 3 HOH 109 1709 178  HOH HOH A . 
C 3 HOH 110 1710 137  HOH HOH A . 
C 3 HOH 111 1711 91   HOH HOH A . 
C 3 HOH 112 1712 42   HOH HOH A . 
C 3 HOH 113 1713 158  HOH HOH A . 
C 3 HOH 114 1714 15   HOH HOH A . 
C 3 HOH 115 1715 95   HOH HOH A . 
C 3 HOH 116 1716 48   HOH HOH A . 
C 3 HOH 117 1717 127  HOH HOH A . 
C 3 HOH 118 1718 106  HOH HOH A . 
C 3 HOH 119 1719 157  HOH HOH A . 
C 3 HOH 120 1720 67   HOH HOH A . 
C 3 HOH 121 1721 182  HOH HOH A . 
C 3 HOH 122 1722 81   HOH HOH A . 
C 3 HOH 123 1723 22   HOH HOH A . 
C 3 HOH 124 1724 135  HOH HOH A . 
C 3 HOH 125 1725 165  HOH HOH A . 
C 3 HOH 126 1726 117  HOH HOH A . 
C 3 HOH 127 1727 34   HOH HOH A . 
C 3 HOH 128 1728 118  HOH HOH A . 
C 3 HOH 129 1729 150  HOH HOH A . 
C 3 HOH 130 1730 49   HOH HOH A . 
C 3 HOH 131 1731 177  HOH HOH A . 
C 3 HOH 132 1732 166  HOH HOH A . 
C 3 HOH 133 1733 125  HOH HOH A . 
C 3 HOH 134 1734 145  HOH HOH A . 
C 3 HOH 135 1735 136  HOH HOH A . 
C 3 HOH 136 1736 53   HOH HOH A . 
C 3 HOH 137 1737 57   HOH HOH A . 
C 3 HOH 138 1738 44   HOH HOH A . 
C 3 HOH 139 1739 126  HOH HOH A . 
C 3 HOH 140 1740 13   HOH HOH A . 
C 3 HOH 141 1741 146  HOH HOH A . 
C 3 HOH 142 1742 134  HOH HOH A . 
C 3 HOH 143 1743 181  HOH HOH A . 
C 3 HOH 144 1744 109  HOH HOH A . 
C 3 HOH 145 1745 194  HOH HOH A . 
C 3 HOH 146 1746 174  HOH HOH A . 
C 3 HOH 147 1747 12   HOH HOH A . 
C 3 HOH 148 1748 132  HOH HOH A . 
C 3 HOH 149 1749 195  HOH HOH A . 
C 3 HOH 150 1750 163  HOH HOH A . 
C 3 HOH 151 1751 164  HOH HOH A . 
C 3 HOH 152 1752 175  HOH HOH A . 
C 3 HOH 153 1753 149  HOH HOH A . 
C 3 HOH 154 1754 153  HOH HOH A . 
C 3 HOH 155 1755 202  HOH HOH A . 
C 3 HOH 156 1756 115  HOH HOH A . 
C 3 HOH 157 1757 185  HOH HOH A . 
C 3 HOH 158 1758 114  HOH HOH A . 
C 3 HOH 159 1759 8    HOH HOH A . 
C 3 HOH 160 1760 112  HOH HOH A . 
C 3 HOH 161 1761 186  HOH HOH A . 
C 3 HOH 162 1762 199  HOH HOH A . 
C 3 HOH 163 1763 104  HOH HOH A . 
C 3 HOH 164 1764 198  HOH HOH A . 
C 3 HOH 165 1765 37   HOH HOH A . 
C 3 HOH 166 1766 107  HOH HOH A . 
C 3 HOH 167 1767 30   HOH HOH A . 
C 3 HOH 168 1768 110  HOH HOH A . 
C 3 HOH 169 1769 61   HOH HOH A . 
C 3 HOH 170 1770 193  HOH HOH A . 
C 3 HOH 171 1771 190  HOH HOH A . 
C 3 HOH 172 1772 188  HOH HOH A . 
C 3 HOH 173 1773 51   HOH HOH A . 
C 3 HOH 174 1774 168  HOH HOH A . 
C 3 HOH 175 1775 170  HOH HOH A . 
C 3 HOH 176 1776 201  HOH HOH A . 
C 3 HOH 177 1777 68   HOH HOH A . 
C 3 HOH 178 1778 99   HOH HOH A . 
C 3 HOH 179 1779 102  HOH HOH A . 
C 3 HOH 180 1780 46   HOH HOH A . 
C 3 HOH 181 1781 73   HOH HOH A . 
C 3 HOH 182 1782 156  HOH HOH A . 
C 3 HOH 183 1783 78   HOH HOH A . 
C 3 HOH 184 1784 196  HOH HOH A . 
C 3 HOH 185 1785 200  HOH HOH A . 
C 3 HOH 186 1786 87   HOH HOH A . 
C 3 HOH 187 1787 103  HOH HOH A . 
C 3 HOH 188 1788 192  HOH HOH A . 
C 3 HOH 189 1789 148  HOH HOH A . 
C 3 HOH 190 1790 111  HOH HOH A . 
C 3 HOH 191 1791 97   HOH HOH A . 
C 3 HOH 192 1792 189  HOH HOH A . 
C 3 HOH 193 1793 203  HOH HOH A . 
C 3 HOH 194 1794 79   HOH HOH A . 
# 
loop_
_pdbx_unobs_or_zero_occ_atoms.id 
_pdbx_unobs_or_zero_occ_atoms.PDB_model_num 
_pdbx_unobs_or_zero_occ_atoms.polymer_flag 
_pdbx_unobs_or_zero_occ_atoms.occupancy_flag 
_pdbx_unobs_or_zero_occ_atoms.auth_asym_id 
_pdbx_unobs_or_zero_occ_atoms.auth_comp_id 
_pdbx_unobs_or_zero_occ_atoms.auth_seq_id 
_pdbx_unobs_or_zero_occ_atoms.PDB_ins_code 
_pdbx_unobs_or_zero_occ_atoms.auth_atom_id 
_pdbx_unobs_or_zero_occ_atoms.label_alt_id 
_pdbx_unobs_or_zero_occ_atoms.label_asym_id 
_pdbx_unobs_or_zero_occ_atoms.label_comp_id 
_pdbx_unobs_or_zero_occ_atoms.label_seq_id 
_pdbx_unobs_or_zero_occ_atoms.label_atom_id 
1 1 Y 1 A LYS 1323 ? CE ? A LYS 32 CE 
2 1 Y 1 A LYS 1323 ? NZ ? A LYS 32 NZ 
# 
loop_
_software.pdbx_ordinal 
_software.name 
_software.version 
_software.date 
_software.type 
_software.contact_author 
_software.contact_author_email 
_software.classification 
_software.location 
_software.language 
_software.citation_id 
1 REFMAC      5.8.0267 ?               program 'Garib N. Murshudov' garib@ysbl.york.ac.uk    refinement        
http://www.ccp4.ac.uk/dist/html/refmac5.html        Fortran_77 ? 
2 Aimless     0.7.4    13/12/18        program 'Phil Evans'         ?                        'data scaling'    
http://www.mrc-lmb.cam.ac.uk/harry/pre/aimless.html ?          ? 
3 PDB_EXTRACT 3.23     'SEP. 23, 2016' package PDB                  deposit@deposit.rcsb.org 'data extraction' 
http://sw-tools.pdb.org/apps/PDB_EXTRACT/           C++        ? 
4 XDS         .        ?               program ?                    ?                        'data reduction'  ? ?          ? 
5 REFMAC      .        ?               program ?                    ?                        phasing           ? ?          ? 
# 
_cell.entry_id           5S94 
_cell.length_a           81.410 
_cell.length_b           27.004 
_cell.length_c           55.785 
_cell.angle_alpha        90.000 
_cell.angle_beta         100.390 
_cell.angle_gamma        90.000 
_cell.Z_PDB              4 
_cell.pdbx_unique_axis   ? 
# 
_symmetry.entry_id                         5S94 
_symmetry.space_group_name_H-M             'C 1 2 1' 
_symmetry.pdbx_full_space_group_name_H-M   ? 
_symmetry.cell_setting                     ? 
_symmetry.Int_Tables_number                5 
# 
_exptl.crystals_number   1 
_exptl.entry_id          5S94 
_exptl.method            'X-RAY DIFFRACTION' 
# 
_exptl_crystal.id                    1 
_exptl_crystal.pdbx_mosaicity        0.000 
_exptl_crystal.pdbx_mosaicity_esd    ? 
_exptl_crystal.density_Matthews      1.71 
_exptl_crystal.density_diffrn        ? 
_exptl_crystal.density_meas          ? 
_exptl_crystal.density_meas_temp     ? 
_exptl_crystal.density_percent_sol   28.10 
_exptl_crystal.size_max              ? 
_exptl_crystal.size_mid              ? 
_exptl_crystal.size_min              ? 
_exptl_crystal.size_rad              ? 
_exptl_crystal.description           ? 
_exptl_crystal.preparation           ? 
# 
_exptl_crystal_grow.crystal_id      1 
_exptl_crystal_grow.method          'VAPOR DIFFUSION, SITTING DROP' 
_exptl_crystal_grow.pH              5.6 
_exptl_crystal_grow.temp            277 
_exptl_crystal_grow.pdbx_details    '20% PEG 8000, 0.04M POTASSIUM PHOSPHATE' 
_exptl_crystal_grow.temp_details    ? 
_exptl_crystal_grow.pdbx_pH_range   ? 
# 
_diffrn.id                               1 
_diffrn.ambient_temp                     100 
_diffrn.crystal_id                       1 
_diffrn.ambient_temp_details             ? 
_diffrn.pdbx_serial_crystal_experiment   ? 
# 
_diffrn_detector.detector               PIXEL 
_diffrn_detector.type                   'DECTRIS PILATUS 6M' 
_diffrn_detector.pdbx_collection_date   2020-08-11 
_diffrn_detector.diffrn_id              1 
_diffrn_detector.details                ? 
# 
_diffrn_radiation.diffrn_id                        1 
_diffrn_radiation.wavelength_id                    1 
_diffrn_radiation.pdbx_diffrn_protocol             'SINGLE WAVELENGTH' 
_diffrn_radiation.pdbx_monochromatic_or_laue_m_l   ? 
_diffrn_radiation.monochromator                    ? 
_diffrn_radiation.pdbx_scattering_type             x-ray 
# 
_diffrn_radiation_wavelength.id           1 
_diffrn_radiation_wavelength.wavelength   0.9126 
_diffrn_radiation_wavelength.wt           1.0 
# 
_diffrn_source.diffrn_id                   1 
_diffrn_source.source                      SYNCHROTRON 
_diffrn_source.type                        'DIAMOND BEAMLINE I04-1' 
_diffrn_source.pdbx_wavelength_list        0.9126 
_diffrn_source.pdbx_synchrotron_site       Diamond 
_diffrn_source.pdbx_synchrotron_beamline   I04-1 
_diffrn_source.pdbx_wavelength             ? 
# 
_reflns.entry_id                     5S94 
_reflns.pdbx_diffrn_id               1 
_reflns.pdbx_ordinal                 1 
_reflns.observed_criterion_sigma_I   ? 
_reflns.observed_criterion_sigma_F   ? 
_reflns.d_resolution_low             54.870 
_reflns.d_resolution_high            1.200 
_reflns.number_obs                   34999 
_reflns.number_all                   ? 
_reflns.percent_possible_obs         92.700 
_reflns.pdbx_Rmerge_I_obs            0.048 
_reflns.pdbx_Rsym_value              ? 
_reflns.pdbx_netI_over_sigmaI        8.600 
_reflns.B_iso_Wilson_estimate        ? 
_reflns.pdbx_redundancy              2.600 
_reflns.pdbx_Rrim_I_all              0.059 
_reflns.pdbx_Rpim_I_all              0.033 
_reflns.pdbx_CC_half                 0.997 
_reflns.pdbx_netI_over_av_sigmaI     ? 
_reflns.pdbx_number_measured_all     89503 
_reflns.pdbx_scaling_rejects         31 
_reflns.pdbx_chi_squared             ? 
_reflns.Rmerge_F_all                 ? 
_reflns.Rmerge_F_obs                 ? 
_reflns.observed_criterion_F_max     ? 
_reflns.observed_criterion_F_min     ? 
_reflns.observed_criterion_I_max     ? 
_reflns.observed_criterion_I_min     ? 
_reflns.pdbx_d_res_high_opt          ? 
_reflns.pdbx_d_res_low_opt           ? 
_reflns.details                      ? 
_reflns.pdbx_CC_star                 ? 
# 
loop_
_reflns_shell.pdbx_diffrn_id 
_reflns_shell.pdbx_ordinal 
_reflns_shell.d_res_high 
_reflns_shell.d_res_low 
_reflns_shell.number_measured_obs 
_reflns_shell.number_measured_all 
_reflns_shell.number_unique_obs 
_reflns_shell.pdbx_rejects 
_reflns_shell.Rmerge_I_obs 
_reflns_shell.meanI_over_sigI_obs 
_reflns_shell.pdbx_Rsym_value 
_reflns_shell.pdbx_chi_squared 
_reflns_shell.pdbx_redundancy 
_reflns_shell.percent_possible_obs 
_reflns_shell.pdbx_netI_over_sigmaI_obs 
_reflns_shell.number_possible 
_reflns_shell.number_unique_all 
_reflns_shell.Rmerge_F_all 
_reflns_shell.Rmerge_F_obs 
_reflns_shell.Rmerge_I_all 
_reflns_shell.meanI_over_sigI_all 
_reflns_shell.percent_possible_all 
_reflns_shell.pdbx_Rrim_I_all 
_reflns_shell.pdbx_Rpim_I_all 
_reflns_shell.pdbx_CC_half 
_reflns_shell.pdbx_CC_star 
1 1 1.200 1.220  ? 1122 ? ? 0.638 ? ? ? 1.100 ? 0.900  ? 982 ? ? ? ? 52.300 0.896 0.628 0.503 ? 
1 2 6.570 54.870 ? 775  ? ? 0.042 ? ? ? 3.000 ? 24.800 ? 262 ? ? ? ? 99.300 0.051 0.029 0.994 ? 
# 
_refine.entry_id                                 5S94 
_refine.pdbx_refine_id                           'X-RAY DIFFRACTION' 
_refine.ls_d_res_high                            1.2000 
_refine.ls_d_res_low                             54.8700 
_refine.pdbx_ls_sigma_F                          0.000 
_refine.pdbx_data_cutoff_high_absF               ? 
_refine.pdbx_data_cutoff_low_absF                ? 
_refine.ls_percent_reflns_obs                    92.5700 
_refine.ls_number_reflns_obs                     33245 
_refine.ls_number_reflns_all                     ? 
_refine.pdbx_ls_cross_valid_method               THROUGHOUT 
_refine.ls_matrix_type                           ? 
_refine.pdbx_R_Free_selection_details            RANDOM 
_refine.details                                  
'HYDROGENS HAVE BEEN ADDED IN THE RIDING POSITIONS U VALUES      : REFINED INDIVIDUALLY' 
_refine.ls_R_factor_all                          ? 
_refine.ls_R_factor_obs                          0.1881 
_refine.ls_R_factor_R_work                       0.1868 
_refine.ls_wR_factor_R_work                      ? 
_refine.ls_R_factor_R_free                       0.2123 
_refine.ls_wR_factor_R_free                      ? 
_refine.ls_percent_reflns_R_free                 5.0000 
_refine.ls_number_reflns_R_free                  1748 
_refine.ls_number_reflns_R_work                  ? 
_refine.ls_R_factor_R_free_error                 ? 
_refine.B_iso_mean                               18.1130 
_refine.solvent_model_param_bsol                 ? 
_refine.solvent_model_param_ksol                 ? 
_refine.pdbx_isotropic_thermal_model             ? 
_refine.aniso_B[1][1]                            0.0100 
_refine.aniso_B[2][2]                            0.8500 
_refine.aniso_B[3][3]                            -0.9200 
_refine.aniso_B[1][2]                            -0.0000 
_refine.aniso_B[1][3]                            0.3300 
_refine.aniso_B[2][3]                            -0.0000 
_refine.correlation_coeff_Fo_to_Fc               0.9710 
_refine.correlation_coeff_Fo_to_Fc_free          0.9610 
_refine.overall_SU_R_Cruickshank_DPI             ? 
_refine.pdbx_overall_SU_R_free_Cruickshank_DPI   ? 
_refine.pdbx_overall_SU_R_Blow_DPI               ? 
_refine.pdbx_overall_SU_R_free_Blow_DPI          ? 
_refine.overall_SU_R_free                        ? 
_refine.pdbx_overall_ESU_R                       0.0620 
_refine.pdbx_overall_ESU_R_Free                  0.0620 
_refine.overall_SU_ML                            0.0620 
_refine.overall_SU_B                             1.5090 
_refine.solvent_model_details                    MASK 
_refine.pdbx_solvent_vdw_probe_radii             1.2000 
_refine.pdbx_solvent_ion_probe_radii             0.8000 
_refine.pdbx_solvent_shrinkage_radii             0.8000 
_refine.ls_number_parameters                     ? 
_refine.ls_number_restraints                     ? 
_refine.pdbx_starting_model                      5RJI 
_refine.pdbx_method_to_determine_struct          'FOURIER SYNTHESIS' 
_refine.pdbx_stereochemistry_target_values       'MAXIMUM LIKELIHOOD' 
_refine.pdbx_stereochem_target_val_spec_case     ? 
_refine.overall_FOM_work_R_set                   ? 
_refine.B_iso_max                                76.060 
_refine.B_iso_min                                5.610 
_refine.pdbx_overall_phase_error                 ? 
_refine.occupancy_max                            ? 
_refine.occupancy_min                            ? 
_refine.pdbx_diffrn_id                           1 
_refine.pdbx_TLS_residual_ADP_flag               ? 
_refine.pdbx_ls_sigma_I                          ? 
_refine.pdbx_data_cutoff_high_rms_absF           ? 
_refine.ls_R_factor_R_free_error_details         ? 
# 
_refine_hist.cycle_id                         final 
_refine_hist.pdbx_refine_id                   'X-RAY DIFFRACTION' 
_refine_hist.d_res_high                       1.2000 
_refine_hist.d_res_low                        54.8700 
_refine_hist.pdbx_number_atoms_ligand         21 
_refine_hist.number_atoms_solvent             194 
_refine_hist.number_atoms_total               1205 
_refine_hist.pdbx_number_residues_total       119 
_refine_hist.pdbx_B_iso_mean_ligand           13.21 
_refine_hist.pdbx_B_iso_mean_solvent          29.77 
_refine_hist.pdbx_number_atoms_protein        990 
_refine_hist.pdbx_number_atoms_nucleic_acid   0 
# 
loop_
_refine_ls_restr.pdbx_refine_id 
_refine_ls_restr.type 
_refine_ls_restr.number 
_refine_ls_restr.dev_ideal 
_refine_ls_restr.dev_ideal_target 
_refine_ls_restr.weight 
_refine_ls_restr.pdbx_restraint_function 
'X-RAY DIFFRACTION' r_bond_refined_d       2194 0.014  0.015  ? ? 
'X-RAY DIFFRACTION' r_bond_other_d         1548 0.001  0.017  ? ? 
'X-RAY DIFFRACTION' r_angle_refined_deg    2287 1.607  1.651  ? ? 
'X-RAY DIFFRACTION' r_angle_other_deg      3624 1.492  1.624  ? ? 
'X-RAY DIFFRACTION' r_dihedral_angle_1_deg 220  5.233  5.000  ? ? 
'X-RAY DIFFRACTION' r_dihedral_angle_2_deg 92   26.464 21.304 ? ? 
'X-RAY DIFFRACTION' r_dihedral_angle_3_deg 306  14.455 15.000 ? ? 
'X-RAY DIFFRACTION' r_dihedral_angle_4_deg 15   7.842  15.000 ? ? 
'X-RAY DIFFRACTION' r_chiral_restr         206  0.085  0.200  ? ? 
'X-RAY DIFFRACTION' r_gen_planes_refined   2055 0.009  0.020  ? ? 
'X-RAY DIFFRACTION' r_gen_planes_other     391  0.002  0.020  ? ? 
'X-RAY DIFFRACTION' r_mcbond_it            1049 0.988  1.711  ? ? 
'X-RAY DIFFRACTION' r_mcbond_other         1028 0.998  1.694  ? ? 
'X-RAY DIFFRACTION' r_mcangle_it           1038 1.747  2.476  ? ? 
# 
_refine_ls_shell.d_res_high                       1.2000 
_refine_ls_shell.d_res_low                        1.2310 
_refine_ls_shell.pdbx_total_number_of_bins_used   20 
_refine_ls_shell.percent_reflns_obs               55.0100 
_refine_ls_shell.number_reflns_R_work             1463 
_refine_ls_shell.R_factor_all                     ? 
_refine_ls_shell.R_factor_R_work                  0.3900 
_refine_ls_shell.R_factor_R_free                  0.3970 
_refine_ls_shell.percent_reflns_R_free            ? 
_refine_ls_shell.number_reflns_R_free             70 
_refine_ls_shell.R_factor_R_free_error            ? 
_refine_ls_shell.number_reflns_all                1533 
_refine_ls_shell.number_reflns_obs                ? 
_refine_ls_shell.pdbx_refine_id                   'X-RAY DIFFRACTION' 
_refine_ls_shell.R_factor_obs                     ? 
# 
_struct.entry_id                  5S94 
_struct.title                     
'PanDDA analysis group deposition -- Crystal Structure of PHIP in complex with Z198194396 synthetic derivative' 
_struct.pdbx_model_details        ? 
_struct.pdbx_CASP_flag            ? 
_struct.pdbx_model_type_details   ? 
# 
_struct_keywords.entry_id        5S94 
_struct_keywords.text            
;SGC - Diamond I04-1 fragment screening, PanDDA, XChemExplorer, Robotic chemistry, Crystal soaking, Reaction crudes, SIGNALING PROTEIN
;
_struct_keywords.pdbx_keywords   'SIGNALING PROTEIN' 
# 
loop_
_struct_asym.id 
_struct_asym.pdbx_blank_PDB_chainid_flag 
_struct_asym.pdbx_modified 
_struct_asym.entity_id 
_struct_asym.details 
A N N 1 ? 
B N N 2 ? 
C N N 3 ? 
# 
_struct_ref.id                         1 
_struct_ref.db_name                    UNP 
_struct_ref.db_code                    PHIP_HUMAN 
_struct_ref.pdbx_db_accession          Q8WWQ0 
_struct_ref.pdbx_db_isoform            ? 
_struct_ref.entity_id                  1 
_struct_ref.pdbx_seq_one_letter_code   
;SYDIQAWKKQCEELLNLIFQCEDSEPFRQPVDLLEYPDYRDIIDTPMDFATVRETLEAGNYESPMELCKDVRLIFSNSKA
YTPSKRSRIYSMSLRLSAFFEEHISSVLSDYKSALRFHKRNTITKR
;
_struct_ref.pdbx_align_begin           1315 
# 
_struct_ref_seq.align_id                      1 
_struct_ref_seq.ref_id                        1 
_struct_ref_seq.pdbx_PDB_id_code              5S94 
_struct_ref_seq.pdbx_strand_id                A 
_struct_ref_seq.seq_align_beg                 24 
_struct_ref_seq.pdbx_seq_align_beg_ins_code   ? 
_struct_ref_seq.seq_align_end                 149 
_struct_ref_seq.pdbx_seq_align_end_ins_code   ? 
_struct_ref_seq.pdbx_db_accession             Q8WWQ0 
_struct_ref_seq.db_align_beg                  1315 
_struct_ref_seq.pdbx_db_align_beg_ins_code    ? 
_struct_ref_seq.db_align_end                  1440 
_struct_ref_seq.pdbx_db_align_end_ins_code    ? 
_struct_ref_seq.pdbx_auth_seq_align_beg       1315 
_struct_ref_seq.pdbx_auth_seq_align_end       1440 
# 
loop_
_struct_ref_seq_dif.align_id 
_struct_ref_seq_dif.pdbx_pdb_id_code 
_struct_ref_seq_dif.mon_id 
_struct_ref_seq_dif.pdbx_pdb_strand_id 
_struct_ref_seq_dif.seq_num 
_struct_ref_seq_dif.pdbx_pdb_ins_code 
_struct_ref_seq_dif.pdbx_seq_db_name 
_struct_ref_seq_dif.pdbx_seq_db_accession_code 
_struct_ref_seq_dif.db_mon_id 
_struct_ref_seq_dif.pdbx_seq_db_seq_num 
_struct_ref_seq_dif.details 
_struct_ref_seq_dif.pdbx_auth_seq_num 
_struct_ref_seq_dif.pdbx_ordinal 
1 5S94 MET A 1  ? UNP Q8WWQ0 ? ? 'initiating methionine' 1292 1  
1 5S94 HIS A 2  ? UNP Q8WWQ0 ? ? 'expression tag'        1293 2  
1 5S94 HIS A 3  ? UNP Q8WWQ0 ? ? 'expression tag'        1294 3  
1 5S94 HIS A 4  ? UNP Q8WWQ0 ? ? 'expression tag'        1295 4  
1 5S94 HIS A 5  ? UNP Q8WWQ0 ? ? 'expression tag'        1296 5  
1 5S94 HIS A 6  ? UNP Q8WWQ0 ? ? 'expression tag'        1297 6  
1 5S94 HIS A 7  ? UNP Q8WWQ0 ? ? 'expression tag'        1298 7  
1 5S94 SER A 8  ? UNP Q8WWQ0 ? ? 'expression tag'        1299 8  
1 5S94 SER A 9  ? UNP Q8WWQ0 ? ? 'expression tag'        1300 9  
1 5S94 GLY A 10 ? UNP Q8WWQ0 ? ? 'expression tag'        1301 10 
1 5S94 VAL A 11 ? UNP Q8WWQ0 ? ? 'expression tag'        1302 11 
1 5S94 ASP A 12 ? UNP Q8WWQ0 ? ? 'expression tag'        1303 12 
1 5S94 LEU A 13 ? UNP Q8WWQ0 ? ? 'expression tag'        1304 13 
1 5S94 GLY A 14 ? UNP Q8WWQ0 ? ? 'expression tag'        1305 14 
1 5S94 THR A 15 ? UNP Q8WWQ0 ? ? 'expression tag'        1306 15 
1 5S94 GLU A 16 ? UNP Q8WWQ0 ? ? 'expression tag'        1307 16 
1 5S94 ASN A 17 ? UNP Q8WWQ0 ? ? 'expression tag'        1308 17 
1 5S94 LEU A 18 ? UNP Q8WWQ0 ? ? 'expression tag'        1309 18 
1 5S94 TYR A 19 ? UNP Q8WWQ0 ? ? 'expression tag'        1310 19 
1 5S94 PHE A 20 ? UNP Q8WWQ0 ? ? 'expression tag'        1311 20 
1 5S94 GLN A 21 ? UNP Q8WWQ0 ? ? 'expression tag'        1312 21 
1 5S94 SER A 22 ? UNP Q8WWQ0 ? ? 'expression tag'        1313 22 
1 5S94 MET A 23 ? UNP Q8WWQ0 ? ? 'expression tag'        1314 23 
# 
_pdbx_struct_assembly.id                   1 
_pdbx_struct_assembly.details              author_and_software_defined_assembly 
_pdbx_struct_assembly.method_details       PISA 
_pdbx_struct_assembly.oligomeric_details   monomeric 
_pdbx_struct_assembly.oligomeric_count     1 
# 
_pdbx_struct_assembly_gen.assembly_id       1 
_pdbx_struct_assembly_gen.oper_expression   1 
_pdbx_struct_assembly_gen.asym_id_list      A,B,C 
# 
_pdbx_struct_oper_list.id                   1 
_pdbx_struct_oper_list.type                 'identity operation' 
_pdbx_struct_oper_list.name                 1_555 
_pdbx_struct_oper_list.symmetry_operation   x,y,z 
_pdbx_struct_oper_list.matrix[1][1]         1.0000000000 
_pdbx_struct_oper_list.matrix[1][2]         0.0000000000 
_pdbx_struct_oper_list.matrix[1][3]         0.0000000000 
_pdbx_struct_oper_list.vector[1]            0.0000000000 
_pdbx_struct_oper_list.matrix[2][1]         0.0000000000 
_pdbx_struct_oper_list.matrix[2][2]         1.0000000000 
_pdbx_struct_oper_list.matrix[2][3]         0.0000000000 
_pdbx_struct_oper_list.vector[2]            0.0000000000 
_pdbx_struct_oper_list.matrix[3][1]         0.0000000000 
_pdbx_struct_oper_list.matrix[3][2]         0.0000000000 
_pdbx_struct_oper_list.matrix[3][3]         1.0000000000 
_pdbx_struct_oper_list.vector[3]            0.0000000000 
# 
loop_
_struct_conf.conf_type_id 
_struct_conf.id 
_struct_conf.pdbx_PDB_helix_id 
_struct_conf.beg_label_comp_id 
_struct_conf.beg_label_asym_id 
_struct_conf.beg_label_seq_id 
_struct_conf.pdbx_beg_PDB_ins_code 
_struct_conf.end_label_comp_id 
_struct_conf.end_label_asym_id 
_struct_conf.end_label_seq_id 
_struct_conf.pdbx_end_PDB_ins_code 
_struct_conf.beg_auth_comp_id 
_struct_conf.beg_auth_asym_id 
_struct_conf.beg_auth_seq_id 
_struct_conf.end_auth_comp_id 
_struct_conf.end_auth_asym_id 
_struct_conf.end_auth_seq_id 
_struct_conf.pdbx_PDB_helix_class 
_struct_conf.details 
_struct_conf.pdbx_PDB_helix_length 
HELX_P HELX_P1 AA1 ALA A 29  ? CYS A 44  ? ALA A 1320 CYS A 1335 1 ? 16 
HELX_P HELX_P2 AA2 GLU A 45  ? ARG A 51  ? GLU A 1336 ARG A 1342 5 ? 7  
HELX_P HELX_P3 AA3 ASP A 61  ? ILE A 66  ? ASP A 1352 ILE A 1357 1 ? 6  
HELX_P HELX_P4 AA4 ASP A 71  ? ALA A 81  ? ASP A 1362 ALA A 1372 1 ? 11 
HELX_P HELX_P5 AA5 SER A 86  ? THR A 105 ? SER A 1377 THR A 1396 1 ? 20 
HELX_P HELX_P6 AA6 SER A 110 ? LYS A 142 ? SER A 1401 LYS A 1433 1 ? 33 
# 
_struct_conf_type.id          HELX_P 
_struct_conf_type.criteria    ? 
_struct_conf_type.reference   ? 
# 
_struct_site.id                   AC1 
_struct_site.pdbx_evidence_code   Software 
_struct_site.pdbx_auth_asym_id    A 
_struct_site.pdbx_auth_comp_id    Y2M 
_struct_site.pdbx_auth_seq_id     1501 
_struct_site.pdbx_auth_ins_code   ? 
_struct_site.pdbx_num_residues    14 
_struct_site.details              'binding site for residue Y2M A 1501' 
# 
loop_
_struct_site_gen.id 
_struct_site_gen.site_id 
_struct_site_gen.pdbx_num_res 
_struct_site_gen.label_comp_id 
_struct_site_gen.label_asym_id 
_struct_site_gen.label_seq_id 
_struct_site_gen.pdbx_auth_ins_code 
_struct_site_gen.auth_comp_id 
_struct_site_gen.auth_asym_id 
_struct_site_gen.auth_seq_id 
_struct_site_gen.label_atom_id 
_struct_site_gen.label_alt_id 
_struct_site_gen.symmetry 
_struct_site_gen.details 
1  AC1 14 GLU A 48  ? GLU A 1339 . ? 1_555 ? 
2  AC1 14 PRO A 49  ? PRO A 1340 . ? 1_555 ? 
3  AC1 14 PHE A 50  ? PHE A 1341 . ? 1_555 ? 
4  AC1 14 GLN A 52  ? GLN A 1343 . ? 1_555 ? 
5  AC1 14 PRO A 53  ? PRO A 1344 . ? 1_555 ? 
6  AC1 14 VAL A 54  ? VAL A 1345 . ? 1_555 ? 
7  AC1 14 TYR A 59  ? TYR A 1350 . ? 1_555 ? 
8  AC1 14 SER A 101 ? SER A 1392 . ? 1_555 ? 
9  AC1 14 TYR A 104 ? TYR A 1395 . ? 1_555 ? 
10 AC1 14 THR A 105 ? THR A 1396 . ? 1_555 ? 
11 AC1 14 SER A 110 ? SER A 1401 . ? 1_555 ? 
12 AC1 14 ILE A 112 ? ILE A 1403 . ? 1_555 ? 
13 AC1 14 HOH C .   ? HOH A 1620 . ? 1_555 ? 
14 AC1 14 HOH C .   ? HOH A 1623 . ? 1_555 ? 
# 
loop_
_pdbx_validate_close_contact.id 
_pdbx_validate_close_contact.PDB_model_num 
_pdbx_validate_close_contact.auth_atom_id_1 
_pdbx_validate_close_contact.auth_asym_id_1 
_pdbx_validate_close_contact.auth_comp_id_1 
_pdbx_validate_close_contact.auth_seq_id_1 
_pdbx_validate_close_contact.PDB_ins_code_1 
_pdbx_validate_close_contact.label_alt_id_1 
_pdbx_validate_close_contact.auth_atom_id_2 
_pdbx_validate_close_contact.auth_asym_id_2 
_pdbx_validate_close_contact.auth_comp_id_2 
_pdbx_validate_close_contact.auth_seq_id_2 
_pdbx_validate_close_contact.PDB_ins_code_2 
_pdbx_validate_close_contact.label_alt_id_2 
_pdbx_validate_close_contact.dist 
1 1 O  A HOH 1601 ? ? O A HOH 1679 ? ? 1.42 
2 1 O  A HOH 1630 ? ? O A HOH 1689 ? ? 1.70 
3 1 O  A HOH 1686 ? ? O A HOH 1694 ? ? 1.78 
4 1 O  A HOH 1709 ? ? O A HOH 1733 ? ? 2.17 
5 1 OG A SER 1401 ? ? O A HOH 1601 ? ? 2.19 
6 1 O  A HOH 1686 ? ? O A HOH 1788 ? ? 2.19 
# 
loop_
_pdbx_validate_torsion.id 
_pdbx_validate_torsion.PDB_model_num 
_pdbx_validate_torsion.auth_comp_id 
_pdbx_validate_torsion.auth_asym_id 
_pdbx_validate_torsion.auth_seq_id 
_pdbx_validate_torsion.PDB_ins_code 
_pdbx_validate_torsion.label_alt_id 
_pdbx_validate_torsion.phi 
_pdbx_validate_torsion.psi 
1 1 ASP A 1346 ? ? -54.02 90.62  
2 1 LEU A 1347 ? ? -44.63 -16.14 
3 1 LYS A 1433 ? ? -95.51 34.83  
# 
loop_
_pdbx_struct_special_symmetry.id 
_pdbx_struct_special_symmetry.PDB_model_num 
_pdbx_struct_special_symmetry.auth_asym_id 
_pdbx_struct_special_symmetry.auth_comp_id 
_pdbx_struct_special_symmetry.auth_seq_id 
_pdbx_struct_special_symmetry.PDB_ins_code 
_pdbx_struct_special_symmetry.label_asym_id 
_pdbx_struct_special_symmetry.label_comp_id 
_pdbx_struct_special_symmetry.label_seq_id 
1 1 A HOH 1718 ? C HOH . 
2 1 A HOH 1790 ? C HOH . 
# 
_phasing.method   MR 
# 
loop_
_pdbx_unobs_or_zero_occ_residues.id 
_pdbx_unobs_or_zero_occ_residues.PDB_model_num 
_pdbx_unobs_or_zero_occ_residues.polymer_flag 
_pdbx_unobs_or_zero_occ_residues.occupancy_flag 
_pdbx_unobs_or_zero_occ_residues.auth_asym_id 
_pdbx_unobs_or_zero_occ_residues.auth_comp_id 
_pdbx_unobs_or_zero_occ_residues.auth_seq_id 
_pdbx_unobs_or_zero_occ_residues.PDB_ins_code 
_pdbx_unobs_or_zero_occ_residues.label_asym_id 
_pdbx_unobs_or_zero_occ_residues.label_comp_id 
_pdbx_unobs_or_zero_occ_residues.label_seq_id 
1  1 Y 1 A MET 1292 ? A MET 1   
2  1 Y 1 A HIS 1293 ? A HIS 2   
3  1 Y 1 A HIS 1294 ? A HIS 3   
4  1 Y 1 A HIS 1295 ? A HIS 4   
5  1 Y 1 A HIS 1296 ? A HIS 5   
6  1 Y 1 A HIS 1297 ? A HIS 6   
7  1 Y 1 A HIS 1298 ? A HIS 7   
8  1 Y 1 A SER 1299 ? A SER 8   
9  1 Y 1 A SER 1300 ? A SER 9   
10 1 Y 1 A GLY 1301 ? A GLY 10  
11 1 Y 1 A VAL 1302 ? A VAL 11  
12 1 Y 1 A ASP 1303 ? A ASP 12  
13 1 Y 1 A LEU 1304 ? A LEU 13  
14 1 Y 1 A GLY 1305 ? A GLY 14  
15 1 Y 1 A THR 1306 ? A THR 15  
16 1 Y 1 A GLU 1307 ? A GLU 16  
17 1 Y 1 A ASN 1308 ? A ASN 17  
18 1 Y 1 A LEU 1309 ? A LEU 18  
19 1 Y 1 A TYR 1310 ? A TYR 19  
20 1 Y 1 A PHE 1311 ? A PHE 20  
21 1 Y 1 A GLN 1312 ? A GLN 21  
22 1 Y 1 A SER 1313 ? A SER 22  
23 1 Y 1 A MET 1314 ? A MET 23  
24 1 Y 1 A SER 1315 ? A SER 24  
25 1 Y 1 A ASN 1435 ? A ASN 144 
26 1 Y 1 A THR 1436 ? A THR 145 
27 1 Y 1 A ILE 1437 ? A ILE 146 
28 1 Y 1 A THR 1438 ? A THR 147 
29 1 Y 1 A LYS 1439 ? A LYS 148 
30 1 Y 1 A ARG 1440 ? A ARG 149 
# 
loop_
_chem_comp_atom.comp_id 
_chem_comp_atom.atom_id 
_chem_comp_atom.type_symbol 
_chem_comp_atom.pdbx_aromatic_flag 
_chem_comp_atom.pdbx_stereo_config 
_chem_comp_atom.pdbx_ordinal 
ALA N    N N N 1   
ALA CA   C N S 2   
ALA C    C N N 3   
ALA O    O N N 4   
ALA CB   C N N 5   
ALA OXT  O N N 6   
ALA H    H N N 7   
ALA H2   H N N 8   
ALA HA   H N N 9   
ALA HB1  H N N 10  
ALA HB2  H N N 11  
ALA HB3  H N N 12  
ALA HXT  H N N 13  
ARG N    N N N 14  
ARG CA   C N S 15  
ARG C    C N N 16  
ARG O    O N N 17  
ARG CB   C N N 18  
ARG CG   C N N 19  
ARG CD   C N N 20  
ARG NE   N N N 21  
ARG CZ   C N N 22  
ARG NH1  N N N 23  
ARG NH2  N N N 24  
ARG OXT  O N N 25  
ARG H    H N N 26  
ARG H2   H N N 27  
ARG HA   H N N 28  
ARG HB2  H N N 29  
ARG HB3  H N N 30  
ARG HG2  H N N 31  
ARG HG3  H N N 32  
ARG HD2  H N N 33  
ARG HD3  H N N 34  
ARG HE   H N N 35  
ARG HH11 H N N 36  
ARG HH12 H N N 37  
ARG HH21 H N N 38  
ARG HH22 H N N 39  
ARG HXT  H N N 40  
ASN N    N N N 41  
ASN CA   C N S 42  
ASN C    C N N 43  
ASN O    O N N 44  
ASN CB   C N N 45  
ASN CG   C N N 46  
ASN OD1  O N N 47  
ASN ND2  N N N 48  
ASN OXT  O N N 49  
ASN H    H N N 50  
ASN H2   H N N 51  
ASN HA   H N N 52  
ASN HB2  H N N 53  
ASN HB3  H N N 54  
ASN HD21 H N N 55  
ASN HD22 H N N 56  
ASN HXT  H N N 57  
ASP N    N N N 58  
ASP CA   C N S 59  
ASP C    C N N 60  
ASP O    O N N 61  
ASP CB   C N N 62  
ASP CG   C N N 63  
ASP OD1  O N N 64  
ASP OD2  O N N 65  
ASP OXT  O N N 66  
ASP H    H N N 67  
ASP H2   H N N 68  
ASP HA   H N N 69  
ASP HB2  H N N 70  
ASP HB3  H N N 71  
ASP HD2  H N N 72  
ASP HXT  H N N 73  
CYS N    N N N 74  
CYS CA   C N R 75  
CYS C    C N N 76  
CYS O    O N N 77  
CYS CB   C N N 78  
CYS SG   S N N 79  
CYS OXT  O N N 80  
CYS H    H N N 81  
CYS H2   H N N 82  
CYS HA   H N N 83  
CYS HB2  H N N 84  
CYS HB3  H N N 85  
CYS HG   H N N 86  
CYS HXT  H N N 87  
GLN N    N N N 88  
GLN CA   C N S 89  
GLN C    C N N 90  
GLN O    O N N 91  
GLN CB   C N N 92  
GLN CG   C N N 93  
GLN CD   C N N 94  
GLN OE1  O N N 95  
GLN NE2  N N N 96  
GLN OXT  O N N 97  
GLN H    H N N 98  
GLN H2   H N N 99  
GLN HA   H N N 100 
GLN HB2  H N N 101 
GLN HB3  H N N 102 
GLN HG2  H N N 103 
GLN HG3  H N N 104 
GLN HE21 H N N 105 
GLN HE22 H N N 106 
GLN HXT  H N N 107 
GLU N    N N N 108 
GLU CA   C N S 109 
GLU C    C N N 110 
GLU O    O N N 111 
GLU CB   C N N 112 
GLU CG   C N N 113 
GLU CD   C N N 114 
GLU OE1  O N N 115 
GLU OE2  O N N 116 
GLU OXT  O N N 117 
GLU H    H N N 118 
GLU H2   H N N 119 
GLU HA   H N N 120 
GLU HB2  H N N 121 
GLU HB3  H N N 122 
GLU HG2  H N N 123 
GLU HG3  H N N 124 
GLU HE2  H N N 125 
GLU HXT  H N N 126 
GLY N    N N N 127 
GLY CA   C N N 128 
GLY C    C N N 129 
GLY O    O N N 130 
GLY OXT  O N N 131 
GLY H    H N N 132 
GLY H2   H N N 133 
GLY HA2  H N N 134 
GLY HA3  H N N 135 
GLY HXT  H N N 136 
HIS N    N N N 137 
HIS CA   C N S 138 
HIS C    C N N 139 
HIS O    O N N 140 
HIS CB   C N N 141 
HIS CG   C Y N 142 
HIS ND1  N Y N 143 
HIS CD2  C Y N 144 
HIS CE1  C Y N 145 
HIS NE2  N Y N 146 
HIS OXT  O N N 147 
HIS H    H N N 148 
HIS H2   H N N 149 
HIS HA   H N N 150 
HIS HB2  H N N 151 
HIS HB3  H N N 152 
HIS HD1  H N N 153 
HIS HD2  H N N 154 
HIS HE1  H N N 155 
HIS HE2  H N N 156 
HIS HXT  H N N 157 
HOH O    O N N 158 
HOH H1   H N N 159 
HOH H2   H N N 160 
ILE N    N N N 161 
ILE CA   C N S 162 
ILE C    C N N 163 
ILE O    O N N 164 
ILE CB   C N S 165 
ILE CG1  C N N 166 
ILE CG2  C N N 167 
ILE CD1  C N N 168 
ILE OXT  O N N 169 
ILE H    H N N 170 
ILE H2   H N N 171 
ILE HA   H N N 172 
ILE HB   H N N 173 
ILE HG12 H N N 174 
ILE HG13 H N N 175 
ILE HG21 H N N 176 
ILE HG22 H N N 177 
ILE HG23 H N N 178 
ILE HD11 H N N 179 
ILE HD12 H N N 180 
ILE HD13 H N N 181 
ILE HXT  H N N 182 
LEU N    N N N 183 
LEU CA   C N S 184 
LEU C    C N N 185 
LEU O    O N N 186 
LEU CB   C N N 187 
LEU CG   C N N 188 
LEU CD1  C N N 189 
LEU CD2  C N N 190 
LEU OXT  O N N 191 
LEU H    H N N 192 
LEU H2   H N N 193 
LEU HA   H N N 194 
LEU HB2  H N N 195 
LEU HB3  H N N 196 
LEU HG   H N N 197 
LEU HD11 H N N 198 
LEU HD12 H N N 199 
LEU HD13 H N N 200 
LEU HD21 H N N 201 
LEU HD22 H N N 202 
LEU HD23 H N N 203 
LEU HXT  H N N 204 
LYS N    N N N 205 
LYS CA   C N S 206 
LYS C    C N N 207 
LYS O    O N N 208 
LYS CB   C N N 209 
LYS CG   C N N 210 
LYS CD   C N N 211 
LYS CE   C N N 212 
LYS NZ   N N N 213 
LYS OXT  O N N 214 
LYS H    H N N 215 
LYS H2   H N N 216 
LYS HA   H N N 217 
LYS HB2  H N N 218 
LYS HB3  H N N 219 
LYS HG2  H N N 220 
LYS HG3  H N N 221 
LYS HD2  H N N 222 
LYS HD3  H N N 223 
LYS HE2  H N N 224 
LYS HE3  H N N 225 
LYS HZ1  H N N 226 
LYS HZ2  H N N 227 
LYS HZ3  H N N 228 
LYS HXT  H N N 229 
MET N    N N N 230 
MET CA   C N S 231 
MET C    C N N 232 
MET O    O N N 233 
MET CB   C N N 234 
MET CG   C N N 235 
MET SD   S N N 236 
MET CE   C N N 237 
MET OXT  O N N 238 
MET H    H N N 239 
MET H2   H N N 240 
MET HA   H N N 241 
MET HB2  H N N 242 
MET HB3  H N N 243 
MET HG2  H N N 244 
MET HG3  H N N 245 
MET HE1  H N N 246 
MET HE2  H N N 247 
MET HE3  H N N 248 
MET HXT  H N N 249 
PHE N    N N N 250 
PHE CA   C N S 251 
PHE C    C N N 252 
PHE O    O N N 253 
PHE CB   C N N 254 
PHE CG   C Y N 255 
PHE CD1  C Y N 256 
PHE CD2  C Y N 257 
PHE CE1  C Y N 258 
PHE CE2  C Y N 259 
PHE CZ   C Y N 260 
PHE OXT  O N N 261 
PHE H    H N N 262 
PHE H2   H N N 263 
PHE HA   H N N 264 
PHE HB2  H N N 265 
PHE HB3  H N N 266 
PHE HD1  H N N 267 
PHE HD2  H N N 268 
PHE HE1  H N N 269 
PHE HE2  H N N 270 
PHE HZ   H N N 271 
PHE HXT  H N N 272 
PRO N    N N N 273 
PRO CA   C N S 274 
PRO C    C N N 275 
PRO O    O N N 276 
PRO CB   C N N 277 
PRO CG   C N N 278 
PRO CD   C N N 279 
PRO OXT  O N N 280 
PRO H    H N N 281 
PRO HA   H N N 282 
PRO HB2  H N N 283 
PRO HB3  H N N 284 
PRO HG2  H N N 285 
PRO HG3  H N N 286 
PRO HD2  H N N 287 
PRO HD3  H N N 288 
PRO HXT  H N N 289 
SER N    N N N 290 
SER CA   C N S 291 
SER C    C N N 292 
SER O    O N N 293 
SER CB   C N N 294 
SER OG   O N N 295 
SER OXT  O N N 296 
SER H    H N N 297 
SER H2   H N N 298 
SER HA   H N N 299 
SER HB2  H N N 300 
SER HB3  H N N 301 
SER HG   H N N 302 
SER HXT  H N N 303 
THR N    N N N 304 
THR CA   C N S 305 
THR C    C N N 306 
THR O    O N N 307 
THR CB   C N R 308 
THR OG1  O N N 309 
THR CG2  C N N 310 
THR OXT  O N N 311 
THR H    H N N 312 
THR H2   H N N 313 
THR HA   H N N 314 
THR HB   H N N 315 
THR HG1  H N N 316 
THR HG21 H N N 317 
THR HG22 H N N 318 
THR HG23 H N N 319 
THR HXT  H N N 320 
TRP N    N N N 321 
TRP CA   C N S 322 
TRP C    C N N 323 
TRP O    O N N 324 
TRP CB   C N N 325 
TRP CG   C Y N 326 
TRP CD1  C Y N 327 
TRP CD2  C Y N 328 
TRP NE1  N Y N 329 
TRP CE2  C Y N 330 
TRP CE3  C Y N 331 
TRP CZ2  C Y N 332 
TRP CZ3  C Y N 333 
TRP CH2  C Y N 334 
TRP OXT  O N N 335 
TRP H    H N N 336 
TRP H2   H N N 337 
TRP HA   H N N 338 
TRP HB2  H N N 339 
TRP HB3  H N N 340 
TRP HD1  H N N 341 
TRP HE1  H N N 342 
TRP HE3  H N N 343 
TRP HZ2  H N N 344 
TRP HZ3  H N N 345 
TRP HH2  H N N 346 
TRP HXT  H N N 347 
TYR N    N N N 348 
TYR CA   C N S 349 
TYR C    C N N 350 
TYR O    O N N 351 
TYR CB   C N N 352 
TYR CG   C Y N 353 
TYR CD1  C Y N 354 
TYR CD2  C Y N 355 
TYR CE1  C Y N 356 
TYR CE2  C Y N 357 
TYR CZ   C Y N 358 
TYR OH   O N N 359 
TYR OXT  O N N 360 
TYR H    H N N 361 
TYR H2   H N N 362 
TYR HA   H N N 363 
TYR HB2  H N N 364 
TYR HB3  H N N 365 
TYR HD1  H N N 366 
TYR HD2  H N N 367 
TYR HE1  H N N 368 
TYR HE2  H N N 369 
TYR HH   H N N 370 
TYR HXT  H N N 371 
VAL N    N N N 372 
VAL CA   C N S 373 
VAL C    C N N 374 
VAL O    O N N 375 
VAL CB   C N N 376 
VAL CG1  C N N 377 
VAL CG2  C N N 378 
VAL OXT  O N N 379 
VAL H    H N N 380 
VAL H2   H N N 381 
VAL HA   H N N 382 
VAL HB   H N N 383 
VAL HG11 H N N 384 
VAL HG12 H N N 385 
VAL HG13 H N N 386 
VAL HG21 H N N 387 
VAL HG22 H N N 388 
VAL HG23 H N N 389 
VAL HXT  H N N 390 
Y2M N1   N N N 391 
Y2M C4   C Y N 392 
Y2M C5   C N N 393 
Y2M C6   C N N 394 
Y2M C7   C N N 395 
Y2M C8   C N N 396 
Y2M C10  C N N 397 
Y2M C13  C N N 398 
Y2M N    N N N 399 
Y2M C    C N N 400 
Y2M O    O N N 401 
Y2M C1   C Y N 402 
Y2M C11  C N N 403 
Y2M C12  C N N 404 
Y2M C14  C N N 405 
Y2M C2   C Y N 406 
Y2M C3   C Y N 407 
Y2M C9   C N N 408 
Y2M N2   N N N 409 
Y2M O1   O N N 410 
Y2M O2   O Y N 411 
Y2M H6   H N N 412 
Y2M H5   H N N 413 
Y2M H7   H N N 414 
Y2M H8   H N N 415 
Y2M H12  H N N 416 
Y2M H18  H N N 417 
Y2M H17  H N N 418 
Y2M H2   H N N 419 
Y2M H1   H N N 420 
Y2M H    H N N 421 
Y2M H14  H N N 422 
Y2M H13  H N N 423 
Y2M H16  H N N 424 
Y2M H15  H N N 425 
Y2M H20  H N N 426 
Y2M H19  H N N 427 
Y2M H3   H N N 428 
Y2M H4   H N N 429 
Y2M H10  H N N 430 
Y2M H11  H N N 431 
Y2M H9   H N N 432 
# 
loop_
_chem_comp_bond.comp_id 
_chem_comp_bond.atom_id_1 
_chem_comp_bond.atom_id_2 
_chem_comp_bond.value_order 
_chem_comp_bond.pdbx_aromatic_flag 
_chem_comp_bond.pdbx_stereo_config 
_chem_comp_bond.pdbx_ordinal 
ALA N   CA   sing N N 1   
ALA N   H    sing N N 2   
ALA N   H2   sing N N 3   
ALA CA  C    sing N N 4   
ALA CA  CB   sing N N 5   
ALA CA  HA   sing N N 6   
ALA C   O    doub N N 7   
ALA C   OXT  sing N N 8   
ALA CB  HB1  sing N N 9   
ALA CB  HB2  sing N N 10  
ALA CB  HB3  sing N N 11  
ALA OXT HXT  sing N N 12  
ARG N   CA   sing N N 13  
ARG N   H    sing N N 14  
ARG N   H2   sing N N 15  
ARG CA  C    sing N N 16  
ARG CA  CB   sing N N 17  
ARG CA  HA   sing N N 18  
ARG C   O    doub N N 19  
ARG C   OXT  sing N N 20  
ARG CB  CG   sing N N 21  
ARG CB  HB2  sing N N 22  
ARG CB  HB3  sing N N 23  
ARG CG  CD   sing N N 24  
ARG CG  HG2  sing N N 25  
ARG CG  HG3  sing N N 26  
ARG CD  NE   sing N N 27  
ARG CD  HD2  sing N N 28  
ARG CD  HD3  sing N N 29  
ARG NE  CZ   sing N N 30  
ARG NE  HE   sing N N 31  
ARG CZ  NH1  sing N N 32  
ARG CZ  NH2  doub N N 33  
ARG NH1 HH11 sing N N 34  
ARG NH1 HH12 sing N N 35  
ARG NH2 HH21 sing N N 36  
ARG NH2 HH22 sing N N 37  
ARG OXT HXT  sing N N 38  
ASN N   CA   sing N N 39  
ASN N   H    sing N N 40  
ASN N   H2   sing N N 41  
ASN CA  C    sing N N 42  
ASN CA  CB   sing N N 43  
ASN CA  HA   sing N N 44  
ASN C   O    doub N N 45  
ASN C   OXT  sing N N 46  
ASN CB  CG   sing N N 47  
ASN CB  HB2  sing N N 48  
ASN CB  HB3  sing N N 49  
ASN CG  OD1  doub N N 50  
ASN CG  ND2  sing N N 51  
ASN ND2 HD21 sing N N 52  
ASN ND2 HD22 sing N N 53  
ASN OXT HXT  sing N N 54  
ASP N   CA   sing N N 55  
ASP N   H    sing N N 56  
ASP N   H2   sing N N 57  
ASP CA  C    sing N N 58  
ASP CA  CB   sing N N 59  
ASP CA  HA   sing N N 60  
ASP C   O    doub N N 61  
ASP C   OXT  sing N N 62  
ASP CB  CG   sing N N 63  
ASP CB  HB2  sing N N 64  
ASP CB  HB3  sing N N 65  
ASP CG  OD1  doub N N 66  
ASP CG  OD2  sing N N 67  
ASP OD2 HD2  sing N N 68  
ASP OXT HXT  sing N N 69  
CYS N   CA   sing N N 70  
CYS N   H    sing N N 71  
CYS N   H2   sing N N 72  
CYS CA  C    sing N N 73  
CYS CA  CB   sing N N 74  
CYS CA  HA   sing N N 75  
CYS C   O    doub N N 76  
CYS C   OXT  sing N N 77  
CYS CB  SG   sing N N 78  
CYS CB  HB2  sing N N 79  
CYS CB  HB3  sing N N 80  
CYS SG  HG   sing N N 81  
CYS OXT HXT  sing N N 82  
GLN N   CA   sing N N 83  
GLN N   H    sing N N 84  
GLN N   H2   sing N N 85  
GLN CA  C    sing N N 86  
GLN CA  CB   sing N N 87  
GLN CA  HA   sing N N 88  
GLN C   O    doub N N 89  
GLN C   OXT  sing N N 90  
GLN CB  CG   sing N N 91  
GLN CB  HB2  sing N N 92  
GLN CB  HB3  sing N N 93  
GLN CG  CD   sing N N 94  
GLN CG  HG2  sing N N 95  
GLN CG  HG3  sing N N 96  
GLN CD  OE1  doub N N 97  
GLN CD  NE2  sing N N 98  
GLN NE2 HE21 sing N N 99  
GLN NE2 HE22 sing N N 100 
GLN OXT HXT  sing N N 101 
GLU N   CA   sing N N 102 
GLU N   H    sing N N 103 
GLU N   H2   sing N N 104 
GLU CA  C    sing N N 105 
GLU CA  CB   sing N N 106 
GLU CA  HA   sing N N 107 
GLU C   O    doub N N 108 
GLU C   OXT  sing N N 109 
GLU CB  CG   sing N N 110 
GLU CB  HB2  sing N N 111 
GLU CB  HB3  sing N N 112 
GLU CG  CD   sing N N 113 
GLU CG  HG2  sing N N 114 
GLU CG  HG3  sing N N 115 
GLU CD  OE1  doub N N 116 
GLU CD  OE2  sing N N 117 
GLU OE2 HE2  sing N N 118 
GLU OXT HXT  sing N N 119 
GLY N   CA   sing N N 120 
GLY N   H    sing N N 121 
GLY N   H2   sing N N 122 
GLY CA  C    sing N N 123 
GLY CA  HA2  sing N N 124 
GLY CA  HA3  sing N N 125 
GLY C   O    doub N N 126 
GLY C   OXT  sing N N 127 
GLY OXT HXT  sing N N 128 
HIS N   CA   sing N N 129 
HIS N   H    sing N N 130 
HIS N   H2   sing N N 131 
HIS CA  C    sing N N 132 
HIS CA  CB   sing N N 133 
HIS CA  HA   sing N N 134 
HIS C   O    doub N N 135 
HIS C   OXT  sing N N 136 
HIS CB  CG   sing N N 137 
HIS CB  HB2  sing N N 138 
HIS CB  HB3  sing N N 139 
HIS CG  ND1  sing Y N 140 
HIS CG  CD2  doub Y N 141 
HIS ND1 CE1  doub Y N 142 
HIS ND1 HD1  sing N N 143 
HIS CD2 NE2  sing Y N 144 
HIS CD2 HD2  sing N N 145 
HIS CE1 NE2  sing Y N 146 
HIS CE1 HE1  sing N N 147 
HIS NE2 HE2  sing N N 148 
HIS OXT HXT  sing N N 149 
HOH O   H1   sing N N 150 
HOH O   H2   sing N N 151 
ILE N   CA   sing N N 152 
ILE N   H    sing N N 153 
ILE N   H2   sing N N 154 
ILE CA  C    sing N N 155 
ILE CA  CB   sing N N 156 
ILE CA  HA   sing N N 157 
ILE C   O    doub N N 158 
ILE C   OXT  sing N N 159 
ILE CB  CG1  sing N N 160 
ILE CB  CG2  sing N N 161 
ILE CB  HB   sing N N 162 
ILE CG1 CD1  sing N N 163 
ILE CG1 HG12 sing N N 164 
ILE CG1 HG13 sing N N 165 
ILE CG2 HG21 sing N N 166 
ILE CG2 HG22 sing N N 167 
ILE CG2 HG23 sing N N 168 
ILE CD1 HD11 sing N N 169 
ILE CD1 HD12 sing N N 170 
ILE CD1 HD13 sing N N 171 
ILE OXT HXT  sing N N 172 
LEU N   CA   sing N N 173 
LEU N   H    sing N N 174 
LEU N   H2   sing N N 175 
LEU CA  C    sing N N 176 
LEU CA  CB   sing N N 177 
LEU CA  HA   sing N N 178 
LEU C   O    doub N N 179 
LEU C   OXT  sing N N 180 
LEU CB  CG   sing N N 181 
LEU CB  HB2  sing N N 182 
LEU CB  HB3  sing N N 183 
LEU CG  CD1  sing N N 184 
LEU CG  CD2  sing N N 185 
LEU CG  HG   sing N N 186 
LEU CD1 HD11 sing N N 187 
LEU CD1 HD12 sing N N 188 
LEU CD1 HD13 sing N N 189 
LEU CD2 HD21 sing N N 190 
LEU CD2 HD22 sing N N 191 
LEU CD2 HD23 sing N N 192 
LEU OXT HXT  sing N N 193 
LYS N   CA   sing N N 194 
LYS N   H    sing N N 195 
LYS N   H2   sing N N 196 
LYS CA  C    sing N N 197 
LYS CA  CB   sing N N 198 
LYS CA  HA   sing N N 199 
LYS C   O    doub N N 200 
LYS C   OXT  sing N N 201 
LYS CB  CG   sing N N 202 
LYS CB  HB2  sing N N 203 
LYS CB  HB3  sing N N 204 
LYS CG  CD   sing N N 205 
LYS CG  HG2  sing N N 206 
LYS CG  HG3  sing N N 207 
LYS CD  CE   sing N N 208 
LYS CD  HD2  sing N N 209 
LYS CD  HD3  sing N N 210 
LYS CE  NZ   sing N N 211 
LYS CE  HE2  sing N N 212 
LYS CE  HE3  sing N N 213 
LYS NZ  HZ1  sing N N 214 
LYS NZ  HZ2  sing N N 215 
LYS NZ  HZ3  sing N N 216 
LYS OXT HXT  sing N N 217 
MET N   CA   sing N N 218 
MET N   H    sing N N 219 
MET N   H2   sing N N 220 
MET CA  C    sing N N 221 
MET CA  CB   sing N N 222 
MET CA  HA   sing N N 223 
MET C   O    doub N N 224 
MET C   OXT  sing N N 225 
MET CB  CG   sing N N 226 
MET CB  HB2  sing N N 227 
MET CB  HB3  sing N N 228 
MET CG  SD   sing N N 229 
MET CG  HG2  sing N N 230 
MET CG  HG3  sing N N 231 
MET SD  CE   sing N N 232 
MET CE  HE1  sing N N 233 
MET CE  HE2  sing N N 234 
MET CE  HE3  sing N N 235 
MET OXT HXT  sing N N 236 
PHE N   CA   sing N N 237 
PHE N   H    sing N N 238 
PHE N   H2   sing N N 239 
PHE CA  C    sing N N 240 
PHE CA  CB   sing N N 241 
PHE CA  HA   sing N N 242 
PHE C   O    doub N N 243 
PHE C   OXT  sing N N 244 
PHE CB  CG   sing N N 245 
PHE CB  HB2  sing N N 246 
PHE CB  HB3  sing N N 247 
PHE CG  CD1  doub Y N 248 
PHE CG  CD2  sing Y N 249 
PHE CD1 CE1  sing Y N 250 
PHE CD1 HD1  sing N N 251 
PHE CD2 CE2  doub Y N 252 
PHE CD2 HD2  sing N N 253 
PHE CE1 CZ   doub Y N 254 
PHE CE1 HE1  sing N N 255 
PHE CE2 CZ   sing Y N 256 
PHE CE2 HE2  sing N N 257 
PHE CZ  HZ   sing N N 258 
PHE OXT HXT  sing N N 259 
PRO N   CA   sing N N 260 
PRO N   CD   sing N N 261 
PRO N   H    sing N N 262 
PRO CA  C    sing N N 263 
PRO CA  CB   sing N N 264 
PRO CA  HA   sing N N 265 
PRO C   O    doub N N 266 
PRO C   OXT  sing N N 267 
PRO CB  CG   sing N N 268 
PRO CB  HB2  sing N N 269 
PRO CB  HB3  sing N N 270 
PRO CG  CD   sing N N 271 
PRO CG  HG2  sing N N 272 
PRO CG  HG3  sing N N 273 
PRO CD  HD2  sing N N 274 
PRO CD  HD3  sing N N 275 
PRO OXT HXT  sing N N 276 
SER N   CA   sing N N 277 
SER N   H    sing N N 278 
SER N   H2   sing N N 279 
SER CA  C    sing N N 280 
SER CA  CB   sing N N 281 
SER CA  HA   sing N N 282 
SER C   O    doub N N 283 
SER C   OXT  sing N N 284 
SER CB  OG   sing N N 285 
SER CB  HB2  sing N N 286 
SER CB  HB3  sing N N 287 
SER OG  HG   sing N N 288 
SER OXT HXT  sing N N 289 
THR N   CA   sing N N 290 
THR N   H    sing N N 291 
THR N   H2   sing N N 292 
THR CA  C    sing N N 293 
THR CA  CB   sing N N 294 
THR CA  HA   sing N N 295 
THR C   O    doub N N 296 
THR C   OXT  sing N N 297 
THR CB  OG1  sing N N 298 
THR CB  CG2  sing N N 299 
THR CB  HB   sing N N 300 
THR OG1 HG1  sing N N 301 
THR CG2 HG21 sing N N 302 
THR CG2 HG22 sing N N 303 
THR CG2 HG23 sing N N 304 
THR OXT HXT  sing N N 305 
TRP N   CA   sing N N 306 
TRP N   H    sing N N 307 
TRP N   H2   sing N N 308 
TRP CA  C    sing N N 309 
TRP CA  CB   sing N N 310 
TRP CA  HA   sing N N 311 
TRP C   O    doub N N 312 
TRP C   OXT  sing N N 313 
TRP CB  CG   sing N N 314 
TRP CB  HB2  sing N N 315 
TRP CB  HB3  sing N N 316 
TRP CG  CD1  doub Y N 317 
TRP CG  CD2  sing Y N 318 
TRP CD1 NE1  sing Y N 319 
TRP CD1 HD1  sing N N 320 
TRP CD2 CE2  doub Y N 321 
TRP CD2 CE3  sing Y N 322 
TRP NE1 CE2  sing Y N 323 
TRP NE1 HE1  sing N N 324 
TRP CE2 CZ2  sing Y N 325 
TRP CE3 CZ3  doub Y N 326 
TRP CE3 HE3  sing N N 327 
TRP CZ2 CH2  doub Y N 328 
TRP CZ2 HZ2  sing N N 329 
TRP CZ3 CH2  sing Y N 330 
TRP CZ3 HZ3  sing N N 331 
TRP CH2 HH2  sing N N 332 
TRP OXT HXT  sing N N 333 
TYR N   CA   sing N N 334 
TYR N   H    sing N N 335 
TYR N   H2   sing N N 336 
TYR CA  C    sing N N 337 
TYR CA  CB   sing N N 338 
TYR CA  HA   sing N N 339 
TYR C   O    doub N N 340 
TYR C   OXT  sing N N 341 
TYR CB  CG   sing N N 342 
TYR CB  HB2  sing N N 343 
TYR CB  HB3  sing N N 344 
TYR CG  CD1  doub Y N 345 
TYR CG  CD2  sing Y N 346 
TYR CD1 CE1  sing Y N 347 
TYR CD1 HD1  sing N N 348 
TYR CD2 CE2  doub Y N 349 
TYR CD2 HD2  sing N N 350 
TYR CE1 CZ   doub Y N 351 
TYR CE1 HE1  sing N N 352 
TYR CE2 CZ   sing Y N 353 
TYR CE2 HE2  sing N N 354 
TYR CZ  OH   sing N N 355 
TYR OH  HH   sing N N 356 
TYR OXT HXT  sing N N 357 
VAL N   CA   sing N N 358 
VAL N   H    sing N N 359 
VAL N   H2   sing N N 360 
VAL CA  C    sing N N 361 
VAL CA  CB   sing N N 362 
VAL CA  HA   sing N N 363 
VAL C   O    doub N N 364 
VAL C   OXT  sing N N 365 
VAL CB  CG1  sing N N 366 
VAL CB  CG2  sing N N 367 
VAL CB  HB   sing N N 368 
VAL CG1 HG11 sing N N 369 
VAL CG1 HG12 sing N N 370 
VAL CG1 HG13 sing N N 371 
VAL CG2 HG21 sing N N 372 
VAL CG2 HG22 sing N N 373 
VAL CG2 HG23 sing N N 374 
VAL OXT HXT  sing N N 375 
Y2M C   C1   sing N N 376 
Y2M C1  C2   doub Y N 377 
Y2M C2  C3   sing Y N 378 
Y2M C3  C4   doub Y N 379 
Y2M C4  C5   sing N N 380 
Y2M O   C5   doub N N 381 
Y2M C5  N    sing N N 382 
Y2M N   C6   sing N N 383 
Y2M C6  C7   sing N N 384 
Y2M C7  N1   sing N N 385 
Y2M N1  C8   sing N N 386 
Y2M C8  O1   doub N N 387 
Y2M N2  C8   sing N N 388 
Y2M C9  N2   sing N N 389 
Y2M C10 C9   sing N N 390 
Y2M C10 C11  sing N N 391 
Y2M C11 C12  sing N N 392 
Y2M C12 C10  sing N N 393 
Y2M C13 N1   sing N N 394 
Y2M C14 C13  sing N N 395 
Y2M N   C14  sing N N 396 
Y2M O2  C4   sing Y N 397 
Y2M C1  O2   sing Y N 398 
Y2M C6  H6   sing N N 399 
Y2M C6  H5   sing N N 400 
Y2M C7  H7   sing N N 401 
Y2M C7  H8   sing N N 402 
Y2M C10 H12  sing N N 403 
Y2M C13 H18  sing N N 404 
Y2M C13 H17  sing N N 405 
Y2M C   H2   sing N N 406 
Y2M C   H1   sing N N 407 
Y2M C   H    sing N N 408 
Y2M C11 H14  sing N N 409 
Y2M C11 H13  sing N N 410 
Y2M C12 H16  sing N N 411 
Y2M C12 H15  sing N N 412 
Y2M C14 H20  sing N N 413 
Y2M C14 H19  sing N N 414 
Y2M C2  H3   sing N N 415 
Y2M C3  H4   sing N N 416 
Y2M C9  H10  sing N N 417 
Y2M C9  H11  sing N N 418 
Y2M N2  H9   sing N N 419 
# 
_pdbx_deposit_group.group_id            G_1002190 
_pdbx_deposit_group.group_description   
;XDomainX of XOrganismX PHIP screened against crude reaction mixtures by X-ray Crystallography at the XChem facility of Diamond Light Source beamline I04-1
;
_pdbx_deposit_group.group_title         'PanDDA analysis group deposition' 
_pdbx_deposit_group.group_type          'changed state' 
# 
_atom_sites.entry_id                    5S94 
_atom_sites.fract_transf_matrix[1][1]   0.00094090 
_atom_sites.fract_transf_matrix[1][2]   0.00439142 
_atom_sites.fract_transf_matrix[1][3]   0.01165325 
_atom_sites.fract_transf_matrix[2][1]   -0.01492265 
_atom_sites.fract_transf_matrix[2][2]   0.03209509 
_atom_sites.fract_transf_matrix[2][3]   -0.01088984 
_atom_sites.fract_transf_matrix[3][1]   -0.01610309 
_atom_sites.fract_transf_matrix[3][2]   -0.00518768 
_atom_sites.fract_transf_matrix[3][3]   0.00677711 
_atom_sites.fract_transf_vector[1]      -0.146092 
_atom_sites.fract_transf_vector[2]      0.455901 
_atom_sites.fract_transf_vector[3]      0.232981 
# 
loop_
_atom_type.symbol 
C 
N 
O 
S 
# 
loop_
_atom_site.group_PDB 
_atom_site.id 
_atom_site.type_symbol 
_atom_site.label_atom_id 
_atom_site.label_alt_id 
_atom_site.label_comp_id 
_atom_site.label_asym_id 
_atom_site.label_entity_id 
_atom_site.label_seq_id 
_atom_site.pdbx_PDB_ins_code 
_atom_site.Cartn_x 
_atom_site.Cartn_y 
_atom_site.Cartn_z 
_atom_site.occupancy 
_atom_site.B_iso_or_equiv 
_atom_site.pdbx_formal_charge 
_atom_site.auth_seq_id 
_atom_site.auth_comp_id 
_atom_site.auth_asym_id 
_atom_site.auth_atom_id 
_atom_site.pdbx_PDB_model_num 
ATOM   1    N N   . TYR A 1 25  ? 22.130  8.871   -3.257  1.00 22.43 ? 1316 TYR A N   1 
ATOM   2    C CA  . TYR A 1 25  ? 22.573  8.165   -2.013  1.00 21.57 ? 1316 TYR A CA  1 
ATOM   3    C C   . TYR A 1 25  ? 21.960  8.857   -0.789  1.00 16.66 ? 1316 TYR A C   1 
ATOM   4    O O   . TYR A 1 25  ? 22.422  8.633   0.323   1.00 16.65 ? 1316 TYR A O   1 
ATOM   5    C CB  . TYR A 1 25  ? 24.087  8.059   -1.878  1.00 24.99 ? 1316 TYR A CB  1 
ATOM   6    C CG  . TYR A 1 25  ? 24.826  7.399   -3.017  1.00 24.49 ? 1316 TYR A CG  1 
ATOM   7    C CD1 . TYR A 1 25  ? 24.462  6.155   -3.527  1.00 24.76 ? 1316 TYR A CD1 1 
ATOM   8    C CD2 . TYR A 1 25  ? 25.952  8.020   -3.527  1.00 25.98 ? 1316 TYR A CD2 1 
ATOM   9    C CE1 . TYR A 1 25  ? 25.179  5.566   -4.561  1.00 23.87 ? 1316 TYR A CE1 1 
ATOM   10   C CE2 . TYR A 1 25  ? 26.681  7.444   -4.555  1.00 24.79 ? 1316 TYR A CE2 1 
ATOM   11   C CZ  . TYR A 1 25  ? 26.298  6.214   -5.063  1.00 25.48 ? 1316 TYR A CZ  1 
ATOM   12   O OH  . TYR A 1 25  ? 27.029  5.663   -6.084  1.00 24.80 ? 1316 TYR A OH  1 
ATOM   13   N N   . ASP A 1 26  ? 20.813  9.501   -0.984  1.00 15.69 ? 1317 ASP A N   1 
ATOM   14   C CA  . ASP A 1 26  ? 20.020  10.125  0.107   1.00 15.19 ? 1317 ASP A CA  1 
ATOM   15   C C   . ASP A 1 26  ? 19.213  9.027   0.784   1.00 14.46 ? 1317 ASP A C   1 
ATOM   16   O O   . ASP A 1 26  ? 18.218  8.546   0.190   1.00 15.00 ? 1317 ASP A O   1 
ATOM   17   C CB  . ASP A 1 26  ? 19.179  11.268  -0.423  1.00 15.06 ? 1317 ASP A CB  1 
ATOM   18   C CG  . ASP A 1 26  ? 18.378  11.993  0.627   1.00 14.84 ? 1317 ASP A CG  1 
ATOM   19   O OD1 . ASP A 1 26  ? 18.181  11.422  1.702   1.00 15.65 ? 1317 ASP A OD1 1 
ATOM   20   O OD2 . ASP A 1 26  ? 18.033  13.149  0.357   1.00 18.63 ? 1317 ASP A OD2 1 
ATOM   21   N N   . ILE A 1 27  ? 19.572  8.697   2.008   1.00 12.92 ? 1318 ILE A N   1 
ATOM   22   C CA  . ILE A 1 27  ? 18.974  7.596   2.800   1.00 14.19 ? 1318 ILE A CA  1 
ATOM   23   C C   . ILE A 1 27  ? 17.581  8.009   3.227   1.00 13.79 ? 1318 ILE A C   1 
ATOM   24   O O   . ILE A 1 27  ? 16.811  7.090   3.528   1.00 15.33 ? 1318 ILE A O   1 
ATOM   25   C CB  . ILE A 1 27  ? 19.854  7.277   4.019   1.00 15.80 ? 1318 ILE A CB  1 
ATOM   26   C CG1 . ILE A 1 27  ? 21.259  6.808   3.637   1.00 17.72 ? 1318 ILE A CG1 1 
ATOM   27   C CG2 . ILE A 1 27  ? 19.176  6.327   4.993   1.00 18.54 ? 1318 ILE A CG2 1 
ATOM   28   C CD1 . ILE A 1 27  ? 22.260  6.903   4.774   1.00 20.85 ? 1318 ILE A CD1 1 
ATOM   29   N N   . GLN A 1 28  ? 17.246  9.291   3.224   1.00 12.61 ? 1319 GLN A N   1 
ATOM   30   C CA  . GLN A 1 28  ? 15.916  9.742   3.700   1.00 12.70 ? 1319 GLN A CA  1 
ATOM   31   C C   . GLN A 1 28  ? 14.940  9.985   2.559   1.00 13.30 ? 1319 GLN A C   1 
ATOM   32   O O   . GLN A 1 28  ? 13.755  10.225  2.844   1.00 13.95 ? 1319 GLN A O   1 
ATOM   33   C CB  . GLN A 1 28  ? 16.046  11.025  4.533   1.00 14.66 ? 1319 GLN A CB  1 
ATOM   34   C CG  . GLN A 1 28  ? 16.525  10.740  5.956   1.00 14.50 ? 1319 GLN A CG  1 
ATOM   35   C CD  . GLN A 1 28  ? 18.022  10.872  6.129   1.00 14.35 ? 1319 GLN A CD  1 
ATOM   36   O OE1 . GLN A 1 28  ? 18.629  11.830  5.654   1.00 15.38 ? 1319 GLN A OE1 1 
ATOM   37   N NE2 . GLN A 1 28  ? 18.608  9.906   6.765   1.00 15.64 ? 1319 GLN A NE2 1 
ATOM   38   N N   . ALA A 1 29  ? 15.405  9.965   1.286   1.00 13.52 ? 1320 ALA A N   1 
ATOM   39   C CA  . ALA A 1 29  ? 14.587  10.464  0.163   1.00 14.39 ? 1320 ALA A CA  1 
ATOM   40   C C   . ALA A 1 29  ? 13.301  9.628   -0.025  1.00 12.86 ? 1320 ALA A C   1 
ATOM   41   O O   . ALA A 1 29  ? 12.344  10.152  -0.566  1.00 14.05 ? 1320 ALA A O   1 
ATOM   42   C CB  . ALA A 1 29  ? 15.399  10.426  -1.115  1.00 14.87 ? 1320 ALA A CB  1 
ATOM   43   N N   . TRP A 1 30  ? 13.318  8.380   0.394   1.00 13.23 ? 1321 TRP A N   1 
ATOM   44   C CA  . TRP A 1 30  ? 12.171  7.474   0.188   1.00 14.13 ? 1321 TRP A CA  1 
ATOM   45   C C   . TRP A 1 30  ? 10.926  8.077   0.804   1.00 14.53 ? 1321 TRP A C   1 
ATOM   46   O O   . TRP A 1 30  ? 9.845   7.755   0.323   1.00 13.21 ? 1321 TRP A O   1 
ATOM   47   C CB  . TRP A 1 30  ? 12.463  6.108   0.748   1.00 14.21 ? 1321 TRP A CB  1 
ATOM   48   C CG  . TRP A 1 30  ? 12.630  6.147   2.236   1.00 13.61 ? 1321 TRP A CG  1 
ATOM   49   C CD1 . TRP A 1 30  ? 13.766  6.454   2.909   1.00 13.83 ? 1321 TRP A CD1 1 
ATOM   50   C CD2 . TRP A 1 30  ? 11.618  5.949   3.242   1.00 13.62 ? 1321 TRP A CD2 1 
ATOM   51   N NE1 . TRP A 1 30  ? 13.545  6.451   4.263   1.00 14.49 ? 1321 TRP A NE1 1 
ATOM   52   C CE2 . TRP A 1 30  ? 12.243  6.133   4.480   1.00 13.84 ? 1321 TRP A CE2 1 
ATOM   53   C CE3 . TRP A 1 30  ? 10.278  5.578   3.217   1.00 14.38 ? 1321 TRP A CE3 1 
ATOM   54   C CZ2 . TRP A 1 30  ? 11.589  5.994   5.689   1.00 15.08 ? 1321 TRP A CZ2 1 
ATOM   55   C CZ3 . TRP A 1 30  ? 9.623   5.414   4.422   1.00 14.58 ? 1321 TRP A CZ3 1 
ATOM   56   C CH2 . TRP A 1 30  ? 10.266  5.666   5.629   1.00 16.16 ? 1321 TRP A CH2 1 
ATOM   57   N N   . LYS A 1 31  ? 11.042  8.860   1.876   1.00 13.29 ? 1322 LYS A N   1 
ATOM   58   C CA  . LYS A 1 31  ? 9.827   9.238   2.606   1.00 13.51 ? 1322 LYS A CA  1 
ATOM   59   C C   . LYS A 1 31  ? 8.963   10.180  1.771   1.00 13.27 ? 1322 LYS A C   1 
ATOM   60   O O   . LYS A 1 31  ? 7.761   9.929   1.564   1.00 14.38 ? 1322 LYS A O   1 
ATOM   61   C CB  . LYS A 1 31  ? 10.220  9.766   3.982   1.00 13.23 ? 1322 LYS A CB  1 
ATOM   62   C CG  . LYS A 1 31  ? 9.010   10.236  4.792   1.00 14.12 ? 1322 LYS A CG  1 
ATOM   63   C CD  . LYS A 1 31  ? 9.401   10.615  6.201   1.00 14.46 ? 1322 LYS A CD  1 
ATOM   64   C CE  . LYS A 1 31  ? 8.209   10.979  7.056   1.00 15.49 ? 1322 LYS A CE  1 
ATOM   65   N NZ  . LYS A 1 31  ? 8.701   11.324  8.410   1.00 16.32 ? 1322 LYS A NZ  1 
ATOM   66   N N   . LYS A 1 32  ? 9.542   11.242  1.244   1.00 14.77 ? 1323 LYS A N   1 
ATOM   67   C CA  . LYS A 1 32  ? 8.799   12.130  0.348   1.00 15.25 ? 1323 LYS A CA  1 
ATOM   68   C C   . LYS A 1 32  ? 8.382   11.379  -0.924  1.00 13.99 ? 1323 LYS A C   1 
ATOM   69   O O   . LYS A 1 32  ? 7.330   11.628  -1.448  1.00 14.68 ? 1323 LYS A O   1 
ATOM   70   C CB  . LYS A 1 32  ? 9.686   13.314  -0.018  1.00 18.93 ? 1323 LYS A CB  1 
ATOM   71   C CG  . LYS A 1 32  ? 8.970   14.435  -0.721  1.00 22.48 ? 1323 LYS A CG  1 
ATOM   72   C CD  . LYS A 1 32  ? 9.887   15.633  -0.962  1.00 25.27 ? 1323 LYS A CD  1 
ATOM   73   N N   . GLN A 1 33  ? 9.231   10.516  -1.445  1.00 14.53 ? 1324 GLN A N   1 
ATOM   74   C CA  . GLN A 1 33  ? 8.834   9.745   -2.647  1.00 14.68 ? 1324 GLN A CA  1 
ATOM   75   C C   . GLN A 1 33  ? 7.588   8.909   -2.343  1.00 14.74 ? 1324 GLN A C   1 
ATOM   76   O O   . GLN A 1 33  ? 6.674   8.856   -3.147  1.00 13.94 ? 1324 GLN A O   1 
ATOM   77   C CB  . GLN A 1 33  ? 9.977   8.846   -3.073  1.00 14.07 ? 1324 GLN A CB  1 
ATOM   78   C CG  . GLN A 1 33  ? 11.132  9.637   -3.659  1.00 14.96 ? 1324 GLN A CG  1 
ATOM   79   C CD  . GLN A 1 33  ? 12.399  8.852   -3.709  1.00 16.19 ? 1324 GLN A CD  1 
ATOM   80   O OE1 . GLN A 1 33  ? 12.485  7.719   -3.293  1.00 16.60 ? 1324 GLN A OE1 1 
ATOM   81   N NE2 . GLN A 1 33  ? 13.450  9.509   -4.155  1.00 17.26 ? 1324 GLN A NE2 1 
ATOM   82   N N   . CYS A 1 34  ? 7.500   8.340   -1.158  1.00 13.98 ? 1325 CYS A N   1 
ATOM   83   C CA  . CYS A 1 34  ? 6.316   7.559   -0.768  1.00 12.77 ? 1325 CYS A CA  1 
ATOM   84   C C   . CYS A 1 34  ? 5.143   8.483   -0.513  1.00 13.36 ? 1325 CYS A C   1 
ATOM   85   O O   . CYS A 1 34  ? 4.009   8.152   -0.882  1.00 13.66 ? 1325 CYS A O   1 
ATOM   86   C CB  . CYS A 1 34  ? 6.566   6.704   0.444   1.00 14.49 ? 1325 CYS A CB  1 
ATOM   87   S SG  . CYS A 1 34  ? 7.647   5.289   0.147   1.00 14.28 ? 1325 CYS A SG  1 
ATOM   88   N N   . GLU A 1 35  ? 5.352   9.666   0.044   1.00 13.35 ? 1326 GLU A N   1 
ATOM   89   C CA  . GLU A 1 35  ? 4.245   10.632  0.221   1.00 14.93 ? 1326 GLU A CA  1 
ATOM   90   C C   . GLU A 1 35  ? 3.658   10.981  -1.142  1.00 15.46 ? 1326 GLU A C   1 
ATOM   91   O O   . GLU A 1 35  ? 2.440   11.043  -1.284  1.00 16.56 ? 1326 GLU A O   1 
ATOM   92   C CB  . GLU A 1 35  ? 4.729   11.915  0.906   1.00 17.44 ? 1326 GLU A CB  1 
ATOM   93   C CG  . GLU A 1 35  ? 5.080   11.748  2.364   1.00 19.78 ? 1326 GLU A CG  1 
ATOM   94   C CD  . GLU A 1 35  ? 5.826   12.909  3.020   1.00 24.28 ? 1326 GLU A CD  1 
ATOM   95   O OE1 . GLU A 1 35  ? 6.372   13.773  2.294   1.00 26.71 ? 1326 GLU A OE1 1 
ATOM   96   O OE2 . GLU A 1 35  ? 5.919   12.892  4.287   1.00 27.05 ? 1326 GLU A OE2 1 
ATOM   97   N N   . GLU A 1 36  ? 4.532   11.250  -2.114  0.50 16.43 ? 1327 GLU A N   1 
ATOM   98   C CA  . GLU A 1 36  ? 4.152   11.623  -3.498  0.50 17.35 ? 1327 GLU A CA  1 
ATOM   99   C C   . GLU A 1 36  ? 3.354   10.479  -4.116  0.50 16.10 ? 1327 GLU A C   1 
ATOM   100  O O   . GLU A 1 36  ? 2.295   10.774  -4.707  0.50 17.12 ? 1327 GLU A O   1 
ATOM   101  C CB  . GLU A 1 36  ? 5.395   11.952  -4.325  0.50 19.54 ? 1327 GLU A CB  1 
ATOM   102  C CG  . GLU A 1 36  ? 5.735   13.430  -4.321  0.50 22.86 ? 1327 GLU A CG  1 
ATOM   103  C CD  . GLU A 1 36  ? 7.200   13.760  -4.528  0.50 23.80 ? 1327 GLU A CD  1 
ATOM   104  O OE1 . GLU A 1 36  ? 7.964   12.876  -4.976  0.50 25.23 ? 1327 GLU A OE1 1 
ATOM   105  O OE2 . GLU A 1 36  ? 7.580   14.898  -4.216  0.50 25.85 ? 1327 GLU A OE2 1 
ATOM   106  N N   . LEU A 1 37  ? 3.850   9.249   -3.967  1.00 15.92 ? 1328 LEU A N   1 
ATOM   107  C CA  . LEU A 1 37  ? 3.185   8.071   -4.572  1.00 14.63 ? 1328 LEU A CA  1 
ATOM   108  C C   . LEU A 1 37  ? 1.811   7.870   -3.903  1.00 14.13 ? 1328 LEU A C   1 
ATOM   109  O O   . LEU A 1 37  ? 0.820   7.586   -4.585  1.00 13.99 ? 1328 LEU A O   1 
ATOM   110  C CB  . LEU A 1 37  ? 4.077   6.853   -4.411  1.00 14.90 ? 1328 LEU A CB  1 
ATOM   111  C CG  . LEU A 1 37  ? 3.481   5.546   -4.914  1.00 15.47 ? 1328 LEU A CG  1 
ATOM   112  C CD1 . LEU A 1 37  ? 2.928   5.692   -6.321  1.00 16.13 ? 1328 LEU A CD1 1 
ATOM   113  C CD2 . LEU A 1 37  ? 4.511   4.467   -4.846  1.00 16.68 ? 1328 LEU A CD2 1 
ATOM   114  N N   . LEU A 1 38  ? 1.715   8.072   -2.603  1.00 14.45 ? 1329 LEU A N   1 
ATOM   115  C CA  . LEU A 1 38  ? 0.411   7.948   -1.935  1.00 14.00 ? 1329 LEU A CA  1 
ATOM   116  C C   . LEU A 1 38  ? -0.517  9.032   -2.447  1.00 15.19 ? 1329 LEU A C   1 
ATOM   117  O O   . LEU A 1 38  ? -1.695  8.752   -2.644  1.00 16.87 ? 1329 LEU A O   1 
ATOM   118  C CB  . LEU A 1 38  ? 0.567   8.044   -0.418  1.00 14.85 ? 1329 LEU A CB  1 
ATOM   119  C CG  . LEU A 1 38  ? 1.196   6.816   0.225   1.00 14.71 ? 1329 LEU A CG  1 
ATOM   120  C CD1 . LEU A 1 38  ? 1.628   7.126   1.646   1.00 15.72 ? 1329 LEU A CD1 1 
ATOM   121  C CD2 . LEU A 1 38  ? 0.303   5.581   0.206   1.00 15.42 ? 1329 LEU A CD2 1 
ATOM   122  N N   . ASN A 1 39  ? -0.023  10.219  -2.714  1.00 16.43 ? 1330 ASN A N   1 
ATOM   123  C CA  . ASN A 1 39  ? -0.850  11.298  -3.295  1.00 18.97 ? 1330 ASN A CA  1 
ATOM   124  C C   . ASN A 1 39  ? -1.398  10.800  -4.630  1.00 16.56 ? 1330 ASN A C   1 
ATOM   125  O O   . ASN A 1 39  ? -2.622  10.987  -4.860  1.00 18.96 ? 1330 ASN A O   1 
ATOM   126  C CB  . ASN A 1 39  ? -0.078  12.612  -3.430  1.00 19.79 ? 1330 ASN A CB  1 
ATOM   127  C CG  . ASN A 1 39  ? 0.140   13.298  -2.102  1.00 22.34 ? 1330 ASN A CG  1 
ATOM   128  O OD1 . ASN A 1 39  ? -0.559  13.044  -1.134  1.00 25.36 ? 1330 ASN A OD1 1 
ATOM   129  N ND2 . ASN A 1 39  ? 1.094   14.217  -2.071  1.00 23.89 ? 1330 ASN A ND2 1 
ATOM   130  N N   . LEU A 1 40  ? -0.554  10.252  -5.487  1.00 15.42 ? 1331 LEU A N   1 
ATOM   131  C CA  . LEU A 1 40  ? -1.014  9.703   -6.791  1.00 16.87 ? 1331 LEU A CA  1 
ATOM   132  C C   . LEU A 1 40  ? -2.084  8.644   -6.549  1.00 17.13 ? 1331 LEU A C   1 
ATOM   133  O O   . LEU A 1 40  ? -3.168  8.696   -7.212  1.00 16.82 ? 1331 LEU A O   1 
ATOM   134  C CB  . LEU A 1 40  ? 0.166   9.129   -7.571  1.00 16.78 ? 1331 LEU A CB  1 
ATOM   135  C CG  . LEU A 1 40  ? 1.173   10.171  -8.047  1.00 18.14 ? 1331 LEU A CG  1 
ATOM   136  C CD1 . LEU A 1 40  ? 2.346   9.500   -8.707  1.00 19.50 ? 1331 LEU A CD1 1 
ATOM   137  C CD2 . LEU A 1 40  ? 0.517   11.217  -8.967  1.00 19.96 ? 1331 LEU A CD2 1 
ATOM   138  N N   . ILE A 1 41  ? -1.843  7.761   -5.586  1.00 15.37 ? 1332 ILE A N   1 
ATOM   139  C CA  . ILE A 1 41  ? -2.793  6.655   -5.323  1.00 14.25 ? 1332 ILE A CA  1 
ATOM   140  C C   . ILE A 1 41  ? -4.135  7.255   -4.895  1.00 14.77 ? 1332 ILE A C   1 
ATOM   141  O O   . ILE A 1 41  ? -5.191  6.793   -5.374  1.00 13.87 ? 1332 ILE A O   1 
ATOM   142  C CB  . ILE A 1 41  ? -2.196  5.690   -4.295  1.00 14.10 ? 1332 ILE A CB  1 
ATOM   143  C CG1 . ILE A 1 41  ? -1.114  4.903   -5.027  1.00 15.10 ? 1332 ILE A CG1 1 
ATOM   144  C CG2 . ILE A 1 41  ? -3.267  4.780   -3.730  1.00 14.11 ? 1332 ILE A CG2 1 
ATOM   145  C CD1 . ILE A 1 41  ? -0.257  4.111   -4.139  1.00 15.33 ? 1332 ILE A CD1 1 
ATOM   146  N N   . PHE A 1 42  ? -4.137  8.237   -4.003  1.00 15.81 ? 1333 PHE A N   1 
ATOM   147  C CA  . PHE A 1 42  ? -5.389  8.880   -3.541  1.00 16.53 ? 1333 PHE A CA  1 
ATOM   148  C C   . PHE A 1 42  ? -6.109  9.591   -4.690  1.00 17.86 ? 1333 PHE A C   1 
ATOM   149  O O   . PHE A 1 42  ? -7.353  9.611   -4.638  1.00 24.06 ? 1333 PHE A O   1 
ATOM   150  C CB  . PHE A 1 42  ? -5.121  9.793   -2.346  1.00 15.87 ? 1333 PHE A CB  1 
ATOM   151  C CG  . PHE A 1 42  ? -5.160  9.104   -1.012  1.00 16.85 ? 1333 PHE A CG  1 
ATOM   152  C CD1 . PHE A 1 42  ? -4.018  8.531   -0.469  1.00 17.63 ? 1333 PHE A CD1 1 
ATOM   153  C CD2 . PHE A 1 42  ? -6.344  9.028   -0.288  1.00 18.77 ? 1333 PHE A CD2 1 
ATOM   154  C CE1 . PHE A 1 42  ? -4.058  7.967   0.793   1.00 17.90 ? 1333 PHE A CE1 1 
ATOM   155  C CE2 . PHE A 1 42  ? -6.387  8.401   0.950   1.00 18.37 ? 1333 PHE A CE2 1 
ATOM   156  C CZ  . PHE A 1 42  ? -5.241  7.864   1.485   1.00 18.94 ? 1333 PHE A CZ  1 
ATOM   157  N N   . GLN A 1 43  ? -5.426  10.037  -5.735  1.00 18.79 ? 1334 GLN A N   1 
ATOM   158  C CA  . GLN A 1 43  ? -6.092  10.696  -6.897  1.00 21.64 ? 1334 GLN A CA  1 
ATOM   159  C C   . GLN A 1 43  ? -6.713  9.652   -7.823  1.00 21.51 ? 1334 GLN A C   1 
ATOM   160  O O   . GLN A 1 43  ? -7.583  9.981   -8.606  1.00 25.05 ? 1334 GLN A O   1 
ATOM   161  C CB  . GLN A 1 43  ? -5.098  11.540  -7.694  1.00 24.10 ? 1334 GLN A CB  1 
ATOM   162  C CG  . GLN A 1 43  ? -4.839  12.892  -7.045  1.00 27.73 ? 1334 GLN A CG  1 
ATOM   163  C CD  . GLN A 1 43  ? -6.089  13.746  -6.951  1.00 29.38 ? 1334 GLN A CD  1 
ATOM   164  O OE1 . GLN A 1 43  ? -6.882  13.843  -7.903  1.00 28.15 ? 1334 GLN A OE1 1 
ATOM   165  N NE2 . GLN A 1 43  ? -6.268  14.409  -5.809  1.00 27.01 ? 1334 GLN A NE2 1 
ATOM   166  N N   A CYS A 1 44  ? -6.212  8.401   -7.778  0.25 19.55 ? 1335 CYS A N   1 
ATOM   167  N N   B CYS A 1 44  ? -6.280  8.407   -7.689  0.25 19.41 ? 1335 CYS A N   1 
ATOM   168  C CA  A CYS A 1 44  ? -6.685  7.256   -8.610  0.25 18.39 ? 1335 CYS A CA  1 
ATOM   169  C CA  B CYS A 1 44  ? -6.682  7.312   -8.588  0.25 18.23 ? 1335 CYS A CA  1 
ATOM   170  C C   A CYS A 1 44  ? -8.068  6.802   -8.139  0.25 17.25 ? 1335 CYS A C   1 
ATOM   171  C C   B CYS A 1 44  ? -8.040  6.745   -8.156  0.25 17.02 ? 1335 CYS A C   1 
ATOM   172  O O   A CYS A 1 44  ? -8.211  6.439   -6.965  0.25 15.58 ? 1335 CYS A O   1 
ATOM   173  O O   B CYS A 1 44  ? -8.148  6.277   -7.016  0.25 14.68 ? 1335 CYS A O   1 
ATOM   174  C CB  A CYS A 1 44  ? -5.779  6.030   -8.522  0.25 18.65 ? 1335 CYS A CB  1 
ATOM   175  C CB  B CYS A 1 44  ? -5.597  6.254   -8.565  0.25 18.35 ? 1335 CYS A CB  1 
ATOM   176  S SG  A CYS A 1 44  ? -4.161  6.231   -9.301  0.25 19.62 ? 1335 CYS A SG  1 
ATOM   177  S SG  B CYS A 1 44  ? -5.966  4.974   -9.766  0.25 19.89 ? 1335 CYS A SG  1 
ATOM   178  N N   . GLU A 1 45  ? -9.034  6.732   -9.052  1.00 16.46 ? 1336 GLU A N   1 
ATOM   179  C CA  . GLU A 1 45  ? -10.380 6.230   -8.706  1.00 16.67 ? 1336 GLU A CA  1 
ATOM   180  C C   . GLU A 1 45  ? -10.317 4.793   -8.191  1.00 14.45 ? 1336 GLU A C   1 
ATOM   181  O O   . GLU A 1 45  ? -11.083 4.446   -7.271  1.00 15.24 ? 1336 GLU A O   1 
ATOM   182  C CB  . GLU A 1 45  ? -11.266 6.217   -9.937  1.00 16.87 ? 1336 GLU A CB  1 
ATOM   183  C CG  . GLU A 1 45  ? -11.704 7.614   -10.290 1.00 20.74 ? 1336 GLU A CG  1 
ATOM   184  C CD  . GLU A 1 45  ? -12.483 7.757   -11.579 1.00 22.16 ? 1336 GLU A CD  1 
ATOM   185  O OE1 . GLU A 1 45  ? -12.870 6.740   -12.203 1.00 23.37 ? 1336 GLU A OE1 1 
ATOM   186  O OE2 . GLU A 1 45  ? -12.706 8.921   -11.954 1.00 22.97 ? 1336 GLU A OE2 1 
ATOM   187  N N   . ASP A 1 46  ? -9.364  4.030   -8.696  1.00 13.87 ? 1337 ASP A N   1 
ATOM   188  C CA  . ASP A 1 46  ? -9.226  2.625   -8.239  1.00 14.54 ? 1337 ASP A CA  1 
ATOM   189  C C   . ASP A 1 46  ? -8.881  2.553   -6.753  1.00 14.17 ? 1337 ASP A C   1 
ATOM   190  O O   . ASP A 1 46  ? -9.037  1.478   -6.166  1.00 14.36 ? 1337 ASP A O   1 
ATOM   191  C CB  . ASP A 1 46  ? -8.181  1.881   -9.053  1.00 14.21 ? 1337 ASP A CB  1 
ATOM   192  C CG  . ASP A 1 46  ? -8.652  1.480   -10.439 1.00 14.71 ? 1337 ASP A CG  1 
ATOM   193  O OD1 . ASP A 1 46  ? -9.909  1.400   -10.634 1.00 17.65 ? 1337 ASP A OD1 1 
ATOM   194  O OD2 . ASP A 1 46  ? -7.815  1.194   -11.291 1.00 16.48 ? 1337 ASP A OD2 1 
ATOM   195  N N   . SER A 1 47  ? -8.377  3.595   -6.101  1.00 13.20 ? 1338 SER A N   1 
ATOM   196  C CA  . SER A 1 47  ? -8.048  3.486   -4.664  1.00 13.14 ? 1338 SER A CA  1 
ATOM   197  C C   . SER A 1 47  ? -9.263  3.680   -3.741  1.00 12.52 ? 1338 SER A C   1 
ATOM   198  O O   . SER A 1 47  ? -9.134  3.437   -2.563  1.00 13.12 ? 1338 SER A O   1 
ATOM   199  C CB  . SER A 1 47  ? -6.969  4.420   -4.230  1.00 13.59 ? 1338 SER A CB  1 
ATOM   200  O OG  . SER A 1 47  ? -7.382  5.781   -4.284  1.00 14.53 ? 1338 SER A OG  1 
ATOM   201  N N   . GLU A 1 48  ? -10.399 4.148   -4.279  1.00 14.52 ? 1339 GLU A N   1 
ATOM   202  C CA  . GLU A 1 48  ? -11.485 4.602   -3.376  1.00 15.82 ? 1339 GLU A CA  1 
ATOM   203  C C   . GLU A 1 48  ? -11.889 3.511   -2.377  1.00 13.45 ? 1339 GLU A C   1 
ATOM   204  O O   . GLU A 1 48  ? -11.996 3.810   -1.185  1.00 14.36 ? 1339 GLU A O   1 
ATOM   205  C CB  . GLU A 1 48  ? -12.646 5.141   -4.198  1.00 18.27 ? 1339 GLU A CB  1 
ATOM   206  C CG  . GLU A 1 48  ? -13.621 5.950   -3.355  1.00 20.68 ? 1339 GLU A CG  1 
ATOM   207  C CD  . GLU A 1 48  ? -14.564 5.131   -2.504  1.00 24.46 ? 1339 GLU A CD  1 
ATOM   208  O OE1 . GLU A 1 48  ? -14.804 3.989   -2.877  1.00 23.30 ? 1339 GLU A OE1 1 
ATOM   209  O OE2 . GLU A 1 48  ? -15.062 5.635   -1.441  1.00 30.57 ? 1339 GLU A OE2 1 
ATOM   210  N N   . PRO A 1 49  ? -11.995 2.208   -2.739  1.00 13.59 ? 1340 PRO A N   1 
ATOM   211  C CA  . PRO A 1 49  ? -12.375 1.183   -1.766  1.00 13.52 ? 1340 PRO A CA  1 
ATOM   212  C C   . PRO A 1 49  ? -11.336 0.931   -0.672  1.00 13.41 ? 1340 PRO A C   1 
ATOM   213  O O   . PRO A 1 49  ? -11.686 0.306   0.311   1.00 13.41 ? 1340 PRO A O   1 
ATOM   214  C CB  . PRO A 1 49  ? -12.511 -0.085  -2.615  1.00 15.09 ? 1340 PRO A CB  1 
ATOM   215  C CG  . PRO A 1 49  ? -12.796 0.412   -3.979  1.00 15.64 ? 1340 PRO A CG  1 
ATOM   216  C CD  . PRO A 1 49  ? -11.914 1.634   -4.089  1.00 14.54 ? 1340 PRO A CD  1 
ATOM   217  N N   . PHE A 1 50  ? -10.123 1.427   -0.863  1.00 12.88 ? 1341 PHE A N   1 
ATOM   218  C CA  . PHE A 1 50  ? -8.952  1.112   -0.029  1.00 12.30 ? 1341 PHE A CA  1 
ATOM   219  C C   . PHE A 1 50  ? -8.464  2.355   0.719   1.00 13.30 ? 1341 PHE A C   1 
ATOM   220  O O   . PHE A 1 50  ? -7.437  2.266   1.351   1.00 13.83 ? 1341 PHE A O   1 
ATOM   221  C CB  . PHE A 1 50  ? -7.851  0.551   -0.929  1.00 11.69 ? 1341 PHE A CB  1 
ATOM   222  C CG  . PHE A 1 50  ? -8.364  -0.548  -1.821  1.00 11.17 ? 1341 PHE A CG  1 
ATOM   223  C CD1 . PHE A 1 50  ? -8.794  -1.745  -1.277  1.00 12.47 ? 1341 PHE A CD1 1 
ATOM   224  C CD2 . PHE A 1 50  ? -8.490  -0.356  -3.171  1.00 12.18 ? 1341 PHE A CD2 1 
ATOM   225  C CE1 . PHE A 1 50  ? -9.340  -2.724  -2.080  1.00 13.07 ? 1341 PHE A CE1 1 
ATOM   226  C CE2 . PHE A 1 50  ? -9.036  -1.336  -3.969  1.00 12.50 ? 1341 PHE A CE2 1 
ATOM   227  C CZ  . PHE A 1 50  ? -9.448  -2.518  -3.421  1.00 12.06 ? 1341 PHE A CZ  1 
ATOM   228  N N   . ARG A 1 51  ? -9.175  3.461   0.705   1.00 14.57 ? 1342 ARG A N   1 
ATOM   229  C CA  . ARG A 1 51  ? -8.675  4.712   1.325   1.00 15.95 ? 1342 ARG A CA  1 
ATOM   230  C C   . ARG A 1 51  ? -8.914  4.726   2.813   1.00 18.46 ? 1342 ARG A C   1 
ATOM   231  O O   . ARG A 1 51  ? -8.202  5.446   3.529   1.00 21.04 ? 1342 ARG A O   1 
ATOM   232  C CB  . ARG A 1 51  ? -9.347  5.939   0.700   1.00 17.03 ? 1342 ARG A CB  1 
ATOM   233  C CG  . ARG A 1 51  ? -8.825  6.209   -0.692  1.00 18.45 ? 1342 ARG A CG  1 
ATOM   234  C CD  . ARG A 1 51  ? -9.624  7.279   -1.377  1.00 18.13 ? 1342 ARG A CD  1 
ATOM   235  N NE  . ARG A 1 51  ? -9.365  7.255   -2.786  1.00 19.01 ? 1342 ARG A NE  1 
ATOM   236  C CZ  . ARG A 1 51  ? -10.131 7.838   -3.686  1.00 19.42 ? 1342 ARG A CZ  1 
ATOM   237  N NH1 . ARG A 1 51  ? -11.174 8.556   -3.282  1.00 21.51 ? 1342 ARG A NH1 1 
ATOM   238  N NH2 . ARG A 1 51  ? -9.850  7.732   -4.978  1.00 18.59 ? 1342 ARG A NH2 1 
ATOM   239  N N   . GLN A 1 52  ? -9.874  3.915   3.285   0.32 18.17 ? 1343 GLN A N   1 
ATOM   240  C CA  . GLN A 1 52  ? -10.422 3.914   4.671   0.32 19.50 ? 1343 GLN A CA  1 
ATOM   241  C C   . GLN A 1 52  ? -10.777 2.481   5.067   0.32 19.43 ? 1343 GLN A C   1 
ATOM   242  O O   . GLN A 1 52  ? -10.756 1.585   4.222   0.32 19.39 ? 1343 GLN A O   1 
ATOM   243  C CB  . GLN A 1 52  ? -11.666 4.806   4.755   0.32 20.48 ? 1343 GLN A CB  1 
ATOM   244  C CG  . GLN A 1 52  ? -11.434 6.266   4.388   0.32 22.53 ? 1343 GLN A CG  1 
ATOM   245  C CD  . GLN A 1 52  ? -10.841 7.079   5.514   0.32 23.74 ? 1343 GLN A CD  1 
ATOM   246  O OE1 . GLN A 1 52  ? -11.324 7.063   6.647   0.32 25.46 ? 1343 GLN A OE1 1 
ATOM   247  N NE2 . GLN A 1 52  ? -9.784  7.813   5.205   0.32 24.83 ? 1343 GLN A NE2 1 
ATOM   248  N N   . PRO A 1 53  ? -11.115 2.210   6.353   0.32 20.09 ? 1344 PRO A N   1 
ATOM   249  C CA  . PRO A 1 53  ? -11.471 0.859   6.794   0.32 20.63 ? 1344 PRO A CA  1 
ATOM   250  C C   . PRO A 1 53  ? -12.775 0.304   6.203   0.32 21.28 ? 1344 PRO A C   1 
ATOM   251  O O   . PRO A 1 53  ? -13.579 1.066   5.698   0.32 20.03 ? 1344 PRO A O   1 
ATOM   252  C CB  . PRO A 1 53  ? -11.666 0.995   8.312   0.32 20.65 ? 1344 PRO A CB  1 
ATOM   253  C CG  . PRO A 1 53  ? -10.921 2.260   8.673   0.32 20.38 ? 1344 PRO A CG  1 
ATOM   254  C CD  . PRO A 1 53  ? -11.104 3.164   7.473   0.32 20.28 ? 1344 PRO A CD  1 
ATOM   255  N N   . VAL A 1 54  ? -12.953 -1.013  6.314   0.32 21.84 ? 1345 VAL A N   1 
ATOM   256  C CA  . VAL A 1 54  ? -14.183 -1.728  5.870   0.32 23.10 ? 1345 VAL A CA  1 
ATOM   257  C C   . VAL A 1 54  ? -15.268 -1.473  6.913   0.32 24.11 ? 1345 VAL A C   1 
ATOM   258  O O   . VAL A 1 54  ? -15.132 -1.981  8.046   0.32 23.65 ? 1345 VAL A O   1 
ATOM   259  C CB  . VAL A 1 54  ? -13.942 -3.237  5.680   0.32 22.44 ? 1345 VAL A CB  1 
ATOM   260  C CG1 . VAL A 1 54  ? -15.120 -3.906  4.981   0.32 22.31 ? 1345 VAL A CG1 1 
ATOM   261  C CG2 . VAL A 1 54  ? -12.642 -3.496  4.938   0.32 23.11 ? 1345 VAL A CG2 1 
ATOM   262  N N   . ASP A 1 55  ? -16.299 -0.713  6.551   0.32 26.25 ? 1346 ASP A N   1 
ATOM   263  C CA  . ASP A 1 55  ? -17.528 -0.627  7.376   0.32 27.62 ? 1346 ASP A CA  1 
ATOM   264  C C   . ASP A 1 55  ? -17.982 -2.076  7.571   0.32 28.69 ? 1346 ASP A C   1 
ATOM   265  O O   . ASP A 1 55  ? -18.687 -2.612  6.684   0.32 27.74 ? 1346 ASP A O   1 
ATOM   266  C CB  . ASP A 1 55  ? -18.580 0.301   6.759   0.32 28.67 ? 1346 ASP A CB  1 
ATOM   267  C CG  . ASP A 1 55  ? -19.300 1.147   7.794   0.32 29.76 ? 1346 ASP A CG  1 
ATOM   268  O OD1 . ASP A 1 55  ? -19.652 0.596   8.855   0.32 31.24 ? 1346 ASP A OD1 1 
ATOM   269  O OD2 . ASP A 1 55  ? -19.490 2.351   7.536   0.32 30.74 ? 1346 ASP A OD2 1 
ATOM   270  N N   . LEU A 1 56  ? -17.507 -2.709  8.648   0.32 29.71 ? 1347 LEU A N   1 
ATOM   271  C CA  . LEU A 1 56  ? -17.938 -4.070  9.060   0.32 29.99 ? 1347 LEU A CA  1 
ATOM   272  C C   . LEU A 1 56  ? -19.462 -4.152  8.955   0.32 30.48 ? 1347 LEU A C   1 
ATOM   273  O O   . LEU A 1 56  ? -19.994 -5.270  8.928   0.32 31.40 ? 1347 LEU A O   1 
ATOM   274  C CB  . LEU A 1 56  ? -17.464 -4.369  10.489  0.32 29.69 ? 1347 LEU A CB  1 
ATOM   275  C CG  . LEU A 1 56  ? -16.273 -5.320  10.600  0.32 28.63 ? 1347 LEU A CG  1 
ATOM   276  C CD1 . LEU A 1 56  ? -16.001 -5.681  12.054  0.32 28.80 ? 1347 LEU A CD1 1 
ATOM   277  C CD2 . LEU A 1 56  ? -16.502 -6.578  9.775   0.32 28.21 ? 1347 LEU A CD2 1 
ATOM   278  N N   . LEU A 1 57  ? -20.140 -3.004  8.863   0.32 31.48 ? 1348 LEU A N   1 
ATOM   279  C CA  . LEU A 1 57  ? -21.621 -2.968  8.794   0.32 31.74 ? 1348 LEU A CA  1 
ATOM   280  C C   . LEU A 1 57  ? -22.050 -3.389  7.381   0.32 30.47 ? 1348 LEU A C   1 
ATOM   281  O O   . LEU A 1 57  ? -23.080 -4.082  7.258   0.32 30.25 ? 1348 LEU A O   1 
ATOM   282  C CB  . LEU A 1 57  ? -22.115 -1.568  9.189   0.32 34.44 ? 1348 LEU A CB  1 
ATOM   283  C CG  . LEU A 1 57  ? -21.615 -1.035  10.538  0.32 36.22 ? 1348 LEU A CG  1 
ATOM   284  C CD1 . LEU A 1 57  ? -22.115 0.380   10.783  0.32 37.42 ? 1348 LEU A CD1 1 
ATOM   285  C CD2 . LEU A 1 57  ? -22.026 -1.947  11.682  0.32 37.17 ? 1348 LEU A CD2 1 
ATOM   286  N N   . GLU A 1 58  ? -21.274 -3.018  6.364   0.32 27.01 ? 1349 GLU A N   1 
ATOM   287  C CA  . GLU A 1 58  ? -21.566 -3.353  4.948   0.32 25.43 ? 1349 GLU A CA  1 
ATOM   288  C C   . GLU A 1 58  ? -20.934 -4.704  4.583   0.32 23.65 ? 1349 GLU A C   1 
ATOM   289  O O   . GLU A 1 58  ? -21.389 -5.301  3.584   0.32 23.38 ? 1349 GLU A O   1 
ATOM   290  C CB  . GLU A 1 58  ? -21.061 -2.238  4.038   0.32 24.85 ? 1349 GLU A CB  1 
ATOM   291  C CG  . GLU A 1 58  ? -21.820 -0.933  4.211   0.32 25.10 ? 1349 GLU A CG  1 
ATOM   292  C CD  . GLU A 1 58  ? -21.130 0.287   3.623   0.32 25.91 ? 1349 GLU A CD  1 
ATOM   293  O OE1 . GLU A 1 58  ? -20.037 0.126   3.035   0.32 26.69 ? 1349 GLU A OE1 1 
ATOM   294  O OE2 . GLU A 1 58  ? -21.685 1.398   3.755   0.32 27.15 ? 1349 GLU A OE2 1 
ATOM   295  N N   . TYR A 1 59  ? -19.913 -5.152  5.330   1.00 23.45 ? 1350 TYR A N   1 
ATOM   296  C CA  . TYR A 1 59  ? -19.263 -6.475  5.093   1.00 21.34 ? 1350 TYR A CA  1 
ATOM   297  C C   . TYR A 1 59  ? -19.096 -7.188  6.425   1.00 22.16 ? 1350 TYR A C   1 
ATOM   298  O O   . TYR A 1 59  ? -18.020 -7.234  7.019   1.00 18.76 ? 1350 TYR A O   1 
ATOM   299  C CB  . TYR A 1 59  ? -17.935 -6.253  4.359   1.00 20.18 ? 1350 TYR A CB  1 
ATOM   300  C CG  . TYR A 1 59  ? -18.088 -5.564  3.024   1.00 17.67 ? 1350 TYR A CG  1 
ATOM   301  C CD1 . TYR A 1 59  ? -18.382 -6.253  1.873   1.00 19.49 ? 1350 TYR A CD1 1 
ATOM   302  C CD2 . TYR A 1 59  ? -17.927 -4.193  2.921   1.00 21.02 ? 1350 TYR A CD2 1 
ATOM   303  C CE1 . TYR A 1 59  ? -18.530 -5.608  0.653   1.00 19.36 ? 1350 TYR A CE1 1 
ATOM   304  C CE2 . TYR A 1 59  ? -18.134 -3.528  1.722   1.00 19.64 ? 1350 TYR A CE2 1 
ATOM   305  C CZ  . TYR A 1 59  ? -18.373 -4.238  0.568   1.00 19.98 ? 1350 TYR A CZ  1 
ATOM   306  O OH  . TYR A 1 59  ? -18.459 -3.581  -0.631  1.00 20.50 ? 1350 TYR A OH  1 
ATOM   307  N N   . PRO A 1 60  ? -20.194 -7.744  6.982   1.00 23.15 ? 1351 PRO A N   1 
ATOM   308  C CA  . PRO A 1 60  ? -20.147 -8.184  8.368   1.00 21.35 ? 1351 PRO A CA  1 
ATOM   309  C C   . PRO A 1 60  ? -19.208 -9.371  8.659   1.00 19.81 ? 1351 PRO A C   1 
ATOM   310  O O   . PRO A 1 60  ? -18.820 -9.526  9.799   1.00 21.65 ? 1351 PRO A O   1 
ATOM   311  C CB  . PRO A 1 60  ? -21.626 -8.510  8.684   1.00 23.25 ? 1351 PRO A CB  1 
ATOM   312  C CG  . PRO A 1 60  ? -22.310 -8.668  7.371   1.00 26.18 ? 1351 PRO A CG  1 
ATOM   313  C CD  . PRO A 1 60  ? -21.528 -7.838  6.372   1.00 25.62 ? 1351 PRO A CD  1 
ATOM   314  N N   . ASP A 1 61  ? -18.830 -10.123 7.636   1.00 21.35 ? 1352 ASP A N   1 
ATOM   315  C CA  . ASP A 1 61  ? -17.929 -11.290 7.810   1.00 20.04 ? 1352 ASP A CA  1 
ATOM   316  C C   . ASP A 1 61  ? -16.464 -10.879 7.580   1.00 18.45 ? 1352 ASP A C   1 
ATOM   317  O O   . ASP A 1 61  ? -15.569 -11.736 7.638   1.00 18.41 ? 1352 ASP A O   1 
ATOM   318  C CB  . ASP A 1 61  ? -18.323 -12.372 6.809   1.00 21.93 ? 1352 ASP A CB  1 
ATOM   319  C CG  . ASP A 1 61  ? -18.197 -11.933 5.376   1.00 22.22 ? 1352 ASP A CG  1 
ATOM   320  O OD1 . ASP A 1 61  ? -18.292 -10.696 5.127   1.00 25.19 ? 1352 ASP A OD1 1 
ATOM   321  O OD2 . ASP A 1 61  ? -18.066 -12.803 4.504   1.00 30.17 ? 1352 ASP A OD2 1 
ATOM   322  N N   . TYR A 1 62  ? -16.183 -9.594  7.365   1.00 17.35 ? 1353 TYR A N   1 
ATOM   323  C CA  . TYR A 1 62  ? -14.827 -9.222  6.877   1.00 17.37 ? 1353 TYR A CA  1 
ATOM   324  C C   . TYR A 1 62  ? -13.751 -9.733  7.835   1.00 16.92 ? 1353 TYR A C   1 
ATOM   325  O O   . TYR A 1 62  ? -12.737 -10.346 7.418   1.00 16.13 ? 1353 TYR A O   1 
ATOM   326  C CB  . TYR A 1 62  ? -14.774 -7.713  6.700   1.00 16.09 ? 1353 TYR A CB  1 
ATOM   327  C CG  . TYR A 1 62  ? -13.494 -7.247  6.052   1.00 16.42 ? 1353 TYR A CG  1 
ATOM   328  C CD1 . TYR A 1 62  ? -13.318 -7.476  4.720   1.00 15.85 ? 1353 TYR A CD1 1 
ATOM   329  C CD2 . TYR A 1 62  ? -12.440 -6.706  6.781   1.00 16.74 ? 1353 TYR A CD2 1 
ATOM   330  C CE1 . TYR A 1 62  ? -12.153 -7.107  4.076   1.00 15.39 ? 1353 TYR A CE1 1 
ATOM   331  C CE2 . TYR A 1 62  ? -11.287 -6.263  6.139   1.00 16.49 ? 1353 TYR A CE2 1 
ATOM   332  C CZ  . TYR A 1 62  ? -11.142 -6.525  4.798   1.00 15.94 ? 1353 TYR A CZ  1 
ATOM   333  O OH  . TYR A 1 62  ? -9.994  -6.183  4.136   1.00 14.36 ? 1353 TYR A OH  1 
ATOM   334  N N   . ARG A 1 63  ? -13.911 -9.530  9.134   1.00 17.95 ? 1354 ARG A N   1 
ATOM   335  C CA  . ARG A 1 63  ? -12.900 -9.895  10.143  1.00 18.27 ? 1354 ARG A CA  1 
ATOM   336  C C   . ARG A 1 63  ? -12.885 -11.404 10.425  1.00 18.16 ? 1354 ARG A C   1 
ATOM   337  O O   . ARG A 1 63  ? -11.920 -11.849 11.004  1.00 20.61 ? 1354 ARG A O   1 
ATOM   338  C CB  . ARG A 1 63  ? -13.042 -9.101  11.446  1.00 21.25 ? 1354 ARG A CB  1 
ATOM   339  C CG  . ARG A 1 63  ? -12.785 -7.614  11.292  1.00 23.95 ? 1354 ARG A CG  1 
ATOM   340  C CD  . ARG A 1 63  ? -11.398 -7.290  10.743  1.00 25.61 ? 1354 ARG A CD  1 
ATOM   341  N NE  . ARG A 1 63  ? -10.366 -7.806  11.628  1.00 26.60 ? 1354 ARG A NE  1 
ATOM   342  C CZ  . ARG A 1 63  ? -9.889  -7.167  12.693  1.00 31.12 ? 1354 ARG A CZ  1 
ATOM   343  N NH1 . ARG A 1 63  ? -10.346 -5.968  13.016  1.00 32.05 ? 1354 ARG A NH1 1 
ATOM   344  N NH2 . ARG A 1 63  ? -8.950  -7.725  13.424  1.00 33.18 ? 1354 ARG A NH2 1 
ATOM   345  N N   . ASP A 1 64  ? -13.865 -12.164 9.933   1.00 18.82 ? 1355 ASP A N   1 
ATOM   346  C CA  . ASP A 1 64  ? -13.837 -13.648 9.938   1.00 20.24 ? 1355 ASP A CA  1 
ATOM   347  C C   . ASP A 1 64  ? -12.794 -14.154 8.937   1.00 20.24 ? 1355 ASP A C   1 
ATOM   348  O O   . ASP A 1 64  ? -12.249 -15.265 9.118   1.00 25.97 ? 1355 ASP A O   1 
ATOM   349  C CB  . ASP A 1 64  ? -15.175 -14.234 9.497   1.00 20.52 ? 1355 ASP A CB  1 
ATOM   350  C CG  . ASP A 1 64  ? -16.316 -13.917 10.448  1.00 23.43 ? 1355 ASP A CG  1 
ATOM   351  O OD1 . ASP A 1 64  ? -16.035 -13.449 11.560  1.00 25.16 ? 1355 ASP A OD1 1 
ATOM   352  O OD2 . ASP A 1 64  ? -17.467 -14.073 10.035  1.00 26.40 ? 1355 ASP A OD2 1 
ATOM   353  N N   A ILE A 1 65  ? -12.507 -13.364 7.905   0.25 20.00 ? 1356 ILE A N   1 
ATOM   354  N N   B ILE A 1 65  ? -12.572 -13.343 7.893   0.25 19.28 ? 1356 ILE A N   1 
ATOM   355  C CA  A ILE A 1 65  ? -11.555 -13.761 6.831   0.25 19.32 ? 1356 ILE A CA  1 
ATOM   356  C CA  B ILE A 1 65  ? -11.720 -13.659 6.710   0.25 18.29 ? 1356 ILE A CA  1 
ATOM   357  C C   A ILE A 1 65  ? -10.236 -13.012 7.019   0.25 18.29 ? 1356 ILE A C   1 
ATOM   358  C C   B ILE A 1 65  ? -10.348 -12.982 6.857   0.25 17.66 ? 1356 ILE A C   1 
ATOM   359  O O   A ILE A 1 65  ? -9.160  -13.652 6.951   0.25 17.87 ? 1356 ILE A O   1 
ATOM   360  O O   B ILE A 1 65  ? -9.340  -13.668 6.552   0.25 18.29 ? 1356 ILE A O   1 
ATOM   361  C CB  A ILE A 1 65  ? -12.191 -13.503 5.460   0.25 19.69 ? 1356 ILE A CB  1 
ATOM   362  C CB  B ILE A 1 65  ? -12.428 -13.254 5.403   0.25 18.05 ? 1356 ILE A CB  1 
ATOM   363  C CG1 A ILE A 1 65  ? -13.521 -14.248 5.327   0.25 20.11 ? 1356 ILE A CG1 1 
ATOM   364  C CG1 B ILE A 1 65  ? -13.850 -13.817 5.288   0.25 17.98 ? 1356 ILE A CG1 1 
ATOM   365  C CG2 A ILE A 1 65  ? -11.218 -13.870 4.357   0.25 19.07 ? 1356 ILE A CG2 1 
ATOM   366  C CG2 B ILE A 1 65  ? -11.580 -13.657 4.209   0.25 17.69 ? 1356 ILE A CG2 1 
ATOM   367  C CD1 A ILE A 1 65  ? -14.455 -13.658 4.315   0.25 20.19 ? 1356 ILE A CD1 1 
ATOM   368  C CD1 B ILE A 1 65  ? -13.949 -15.320 5.463   0.25 17.95 ? 1356 ILE A CD1 1 
ATOM   369  N N   . ILE A 1 66  ? -10.315 -11.720 7.315   1.00 17.83 ? 1357 ILE A N   1 
ATOM   370  C CA  . ILE A 1 66  ? -9.117  -10.847 7.326   1.00 17.86 ? 1357 ILE A CA  1 
ATOM   371  C C   . ILE A 1 66  ? -8.659  -10.624 8.758   1.00 18.27 ? 1357 ILE A C   1 
ATOM   372  O O   . ILE A 1 66  ? -9.369  -9.958  9.502   1.00 20.46 ? 1357 ILE A O   1 
ATOM   373  C CB  . ILE A 1 66  ? -9.465  -9.525  6.614   1.00 16.77 ? 1357 ILE A CB  1 
ATOM   374  C CG1 . ILE A 1 66  ? -9.894  -9.788  5.166   1.00 17.40 ? 1357 ILE A CG1 1 
ATOM   375  C CG2 . ILE A 1 66  ? -8.317  -8.541  6.736   1.00 17.97 ? 1357 ILE A CG2 1 
ATOM   376  C CD1 . ILE A 1 66  ? -8.899  -10.530 4.344   1.00 17.09 ? 1357 ILE A CD1 1 
ATOM   377  N N   . ASP A 1 67  ? -7.453  -11.066 9.055   1.00 21.19 ? 1358 ASP A N   1 
ATOM   378  C CA  . ASP A 1 67  ? -6.847  -10.943 10.400  1.00 24.38 ? 1358 ASP A CA  1 
ATOM   379  C C   . ASP A 1 67  ? -6.361  -9.515  10.643  1.00 21.54 ? 1358 ASP A C   1 
ATOM   380  O O   . ASP A 1 67  ? -6.410  -9.042  11.768  1.00 24.31 ? 1358 ASP A O   1 
ATOM   381  C CB  . ASP A 1 67  ? -5.626  -11.853 10.527  1.00 26.89 ? 1358 ASP A CB  1 
ATOM   382  C CG  . ASP A 1 67  ? -5.896  -13.337 10.680  1.00 34.83 ? 1358 ASP A CG  1 
ATOM   383  O OD1 . ASP A 1 67  ? -7.071  -13.727 10.770  1.00 35.44 ? 1358 ASP A OD1 1 
ATOM   384  O OD2 . ASP A 1 67  ? -4.926  -14.093 10.665  1.00 42.29 ? 1358 ASP A OD2 1 
ATOM   385  N N   . THR A 1 68  ? -5.758  -8.873  9.629   1.00 20.09 ? 1359 THR A N   1 
ATOM   386  C CA  . THR A 1 68  ? -5.093  -7.566  9.821   1.00 19.33 ? 1359 THR A CA  1 
ATOM   387  C C   . THR A 1 68  ? -5.558  -6.619  8.736   1.00 17.57 ? 1359 THR A C   1 
ATOM   388  O O   . THR A 1 68  ? -4.976  -6.583  7.645   1.00 18.26 ? 1359 THR A O   1 
ATOM   389  C CB  . THR A 1 68  ? -3.565  -7.644  9.748   1.00 20.42 ? 1359 THR A CB  1 
ATOM   390  O OG1 . THR A 1 68  ? -3.200  -8.687  10.650  1.00 23.57 ? 1359 THR A OG1 1 
ATOM   391  C CG2 . THR A 1 68  ? -2.881  -6.343  10.125  1.00 22.22 ? 1359 THR A CG2 1 
ATOM   392  N N   . PRO A 1 69  ? -6.558  -5.801  9.037   1.00 17.25 ? 1360 PRO A N   1 
ATOM   393  C CA  . PRO A 1 69  ? -7.017  -4.775  8.117   1.00 17.82 ? 1360 PRO A CA  1 
ATOM   394  C C   . PRO A 1 69  ? -5.878  -3.808  7.820   1.00 15.57 ? 1360 PRO A C   1 
ATOM   395  O O   . PRO A 1 69  ? -5.019  -3.512  8.627   1.00 17.49 ? 1360 PRO A O   1 
ATOM   396  C CB  . PRO A 1 69  ? -8.192  -4.097  8.834   1.00 18.86 ? 1360 PRO A CB  1 
ATOM   397  C CG  . PRO A 1 69  ? -8.677  -5.187  9.780   1.00 22.08 ? 1360 PRO A CG  1 
ATOM   398  C CD  . PRO A 1 69  ? -7.394  -5.852  10.255  1.00 18.73 ? 1360 PRO A CD  1 
ATOM   399  N N   . MET A 1 70  ? -5.944  -3.259  6.620   1.00 14.44 ? 1361 MET A N   1 
ATOM   400  C CA  . MET A 1 70  ? -5.012  -2.191  6.243   1.00 13.54 ? 1361 MET A CA  1 
ATOM   401  C C   . MET A 1 70  ? -5.666  -1.370  5.150   1.00 12.80 ? 1361 MET A C   1 
ATOM   402  O O   . MET A 1 70  ? -6.438  -1.889  4.366   1.00 12.87 ? 1361 MET A O   1 
ATOM   403  C CB  . MET A 1 70  ? -3.679  -2.760  5.761   1.00 13.80 ? 1361 MET A CB  1 
ATOM   404  C CG  . MET A 1 70  ? -2.591  -1.753  5.565   1.00 13.55 ? 1361 MET A CG  1 
ATOM   405  S SD  . MET A 1 70  ? -2.235  -0.623  6.888   1.00 14.65 ? 1361 MET A SD  1 
ATOM   406  C CE  . MET A 1 70  ? -1.824  -1.726  8.237   1.00 16.60 ? 1361 MET A CE  1 
ATOM   407  N N   . ASP A 1 71  ? -5.424  -0.054  5.184   0.32 12.90 ? 1362 ASP A N   1 
ATOM   408  C CA  . ASP A 1 71  ? -5.956  0.928   4.200   0.32 13.29 ? 1362 ASP A CA  1 
ATOM   409  C C   . ASP A 1 71  ? -4.903  2.010   3.946   0.32 12.98 ? 1362 ASP A C   1 
ATOM   410  O O   . ASP A 1 71  ? -3.970  2.136   4.759   0.32 13.31 ? 1362 ASP A O   1 
ATOM   411  C CB  . ASP A 1 71  ? -7.290  1.527   4.658   0.32 14.01 ? 1362 ASP A CB  1 
ATOM   412  C CG  . ASP A 1 71  ? -7.266  2.282   5.980   0.32 14.37 ? 1362 ASP A CG  1 
ATOM   413  O OD1 . ASP A 1 71  ? -8.245  2.144   6.736   0.32 14.49 ? 1362 ASP A OD1 1 
ATOM   414  O OD2 . ASP A 1 71  ? -6.293  3.014   6.240   0.32 14.45 ? 1362 ASP A OD2 1 
ATOM   415  N N   . PHE A 1 72  ? -5.059  2.771   2.859   1.00 12.53 ? 1363 PHE A N   1 
ATOM   416  C CA  . PHE A 1 72  ? -4.066  3.793   2.471   1.00 12.97 ? 1363 PHE A CA  1 
ATOM   417  C C   . PHE A 1 72  ? -4.018  4.942   3.455   1.00 13.77 ? 1363 PHE A C   1 
ATOM   418  O O   . PHE A 1 72  ? -2.943  5.551   3.569   1.00 14.03 ? 1363 PHE A O   1 
ATOM   419  C CB  . PHE A 1 72  ? -4.300  4.261   1.050   1.00 12.74 ? 1363 PHE A CB  1 
ATOM   420  C CG  . PHE A 1 72  ? -3.837  3.258   0.043   1.00 12.23 ? 1363 PHE A CG  1 
ATOM   421  C CD1 . PHE A 1 72  ? -2.492  3.058   -0.171  1.00 12.24 ? 1363 PHE A CD1 1 
ATOM   422  C CD2 . PHE A 1 72  ? -4.741  2.517   -0.689  1.00 13.18 ? 1363 PHE A CD2 1 
ATOM   423  C CE1 . PHE A 1 72  ? -2.046  2.126   -1.069  1.00 13.73 ? 1363 PHE A CE1 1 
ATOM   424  C CE2 . PHE A 1 72  ? -4.300  1.617   -1.622  1.00 12.54 ? 1363 PHE A CE2 1 
ATOM   425  C CZ  . PHE A 1 72  ? -2.963  1.397   -1.770  1.00 12.45 ? 1363 PHE A CZ  1 
ATOM   426  N N   . ALA A 1 73  ? -5.120  5.276   4.121   1.00 12.32 ? 1364 ALA A N   1 
ATOM   427  C CA  . ALA A 1 73  ? -5.057  6.329   5.145   1.00 13.85 ? 1364 ALA A CA  1 
ATOM   428  C C   . ALA A 1 73  ? -4.175  5.887   6.307   1.00 13.75 ? 1364 ALA A C   1 
ATOM   429  O O   . ALA A 1 73  ? -3.333  6.677   6.794   1.00 14.93 ? 1364 ALA A O   1 
ATOM   430  C CB  . ALA A 1 73  ? -6.438  6.681   5.634   1.00 14.06 ? 1364 ALA A CB  1 
ATOM   431  N N   . THR A 1 74  ? -4.304  4.656   6.730   1.00 14.15 ? 1365 THR A N   1 
ATOM   432  C CA  . THR A 1 74  ? -3.425  4.113   7.809   1.00 13.90 ? 1365 THR A CA  1 
ATOM   433  C C   . THR A 1 74  ? -1.968  4.140   7.337   1.00 12.47 ? 1365 THR A C   1 
ATOM   434  O O   . THR A 1 74  ? -1.088  4.560   8.101   1.00 14.27 ? 1365 THR A O   1 
ATOM   435  C CB  . THR A 1 74  ? -3.838  2.699   8.196   1.00 14.60 ? 1365 THR A CB  1 
ATOM   436  O OG1 . THR A 1 74  ? -5.183  2.798   8.676   1.00 16.87 ? 1365 THR A OG1 1 
ATOM   437  C CG2 . THR A 1 74  ? -2.938  2.017   9.195   1.00 15.15 ? 1365 THR A CG2 1 
ATOM   438  N N   . VAL A 1 75  ? -1.709  3.752   6.099   1.00 12.66 ? 1366 VAL A N   1 
ATOM   439  C CA  . VAL A 1 75  ? -0.318  3.786   5.589   1.00 12.61 ? 1366 VAL A CA  1 
ATOM   440  C C   . VAL A 1 75  ? 0.205   5.216   5.597   1.00 13.57 ? 1366 VAL A C   1 
ATOM   441  O O   . VAL A 1 75  ? 1.315   5.459   6.100   1.00 12.70 ? 1366 VAL A O   1 
ATOM   442  C CB  . VAL A 1 75  ? -0.201  3.114   4.216   1.00 13.40 ? 1366 VAL A CB  1 
ATOM   443  C CG1 . VAL A 1 75  ? 1.181   3.333   3.671   1.00 13.12 ? 1366 VAL A CG1 1 
ATOM   444  C CG2 . VAL A 1 75  ? -0.558  1.639   4.270   1.00 13.60 ? 1366 VAL A CG2 1 
ATOM   445  N N   . ARG A 1 76  ? -0.556  6.169   5.086   1.00 12.12 ? 1367 ARG A N   1 
ATOM   446  C CA  . ARG A 1 76  ? -0.126  7.577   5.040   1.00 14.24 ? 1367 ARG A CA  1 
ATOM   447  C C   . ARG A 1 76  ? 0.079   8.105   6.456   1.00 13.69 ? 1367 ARG A C   1 
ATOM   448  O O   . ARG A 1 76  ? 1.083   8.773   6.696   1.00 15.13 ? 1367 ARG A O   1 
ATOM   449  C CB  . ARG A 1 76  ? -1.182  8.403   4.308   1.00 15.61 ? 1367 ARG A CB  1 
ATOM   450  C CG  . ARG A 1 76  ? -0.817  9.864   4.157   1.00 19.24 ? 1367 ARG A CG  1 
ATOM   451  C CD  . ARG A 1 76  ? -2.035  10.507  3.563   1.00 21.15 ? 1367 ARG A CD  1 
ATOM   452  N NE  . ARG A 1 76  ? -1.822  10.753  2.189   1.00 21.96 ? 1367 ARG A NE  1 
ATOM   453  C CZ  . ARG A 1 76  ? -2.784  11.158  1.349   1.00 20.67 ? 1367 ARG A CZ  1 
ATOM   454  N NH1 . ARG A 1 76  ? -4.039  11.219  1.750   1.00 21.46 ? 1367 ARG A NH1 1 
ATOM   455  N NH2 . ARG A 1 76  ? -2.436  11.485  0.130   1.00 24.05 ? 1367 ARG A NH2 1 
ATOM   456  N N   . GLU A 1 77  ? -0.818  7.792   7.367   1.00 14.04 ? 1368 GLU A N   1 
ATOM   457  C CA  . GLU A 1 77  ? -0.694  8.268   8.754   1.00 15.64 ? 1368 GLU A CA  1 
ATOM   458  C C   . GLU A 1 77  ? 0.534   7.667   9.404   1.00 14.03 ? 1368 GLU A C   1 
ATOM   459  O O   . GLU A 1 77  ? 1.202   8.364   10.179  1.00 14.88 ? 1368 GLU A O   1 
ATOM   460  C CB  . GLU A 1 77  ? -1.969  7.925   9.508   1.00 18.30 ? 1368 GLU A CB  1 
ATOM   461  C CG  . GLU A 1 77  ? -3.135  8.818   9.117   1.00 22.19 ? 1368 GLU A CG  1 
ATOM   462  C CD  . GLU A 1 77  ? -4.509  8.200   9.277   1.00 27.75 ? 1368 GLU A CD  1 
ATOM   463  O OE1 . GLU A 1 77  ? -4.598  7.120   9.924   1.00 27.36 ? 1368 GLU A OE1 1 
ATOM   464  O OE2 . GLU A 1 77  ? -5.498  8.822   8.761   1.00 33.62 ? 1368 GLU A OE2 1 
ATOM   465  N N   . THR A 1 78  ? 0.790   6.394   9.193   1.00 14.26 ? 1369 THR A N   1 
ATOM   466  C CA  . THR A 1 78  ? 1.996   5.743   9.753   1.00 13.11 ? 1369 THR A CA  1 
ATOM   467  C C   . THR A 1 78  ? 3.235   6.445   9.206   1.00 14.23 ? 1369 THR A C   1 
ATOM   468  O O   . THR A 1 78  ? 4.184   6.734   9.974   1.00 13.87 ? 1369 THR A O   1 
ATOM   469  C CB  . THR A 1 78  ? 1.983   4.252   9.398   1.00 13.92 ? 1369 THR A CB  1 
ATOM   470  O OG1 . THR A 1 78  ? 0.785   3.659   9.901   1.00 14.54 ? 1369 THR A OG1 1 
ATOM   471  C CG2 . THR A 1 78  ? 3.155   3.486   9.944   1.00 14.45 ? 1369 THR A CG2 1 
ATOM   472  N N   . LEU A 1 79  ? 3.282   6.672   7.907   1.00 12.65 ? 1370 LEU A N   1 
ATOM   473  C CA  . LEU A 1 79  ? 4.426   7.374   7.293   1.00 13.03 ? 1370 LEU A CA  1 
ATOM   474  C C   . LEU A 1 79  ? 4.572   8.758   7.920   1.00 13.14 ? 1370 LEU A C   1 
ATOM   475  O O   . LEU A 1 79  ? 5.704   9.159   8.349   1.00 13.70 ? 1370 LEU A O   1 
ATOM   476  C CB  . LEU A 1 79  ? 4.182   7.452   5.790   1.00 13.20 ? 1370 LEU A CB  1 
ATOM   477  C CG  . LEU A 1 79  ? 5.320   8.098   5.001   1.00 13.48 ? 1370 LEU A CG  1 
ATOM   478  C CD1 . LEU A 1 79  ? 6.545   7.194   5.037   1.00 13.34 ? 1370 LEU A CD1 1 
ATOM   479  C CD2 . LEU A 1 79  ? 4.847   8.300   3.569   1.00 15.43 ? 1370 LEU A CD2 1 
ATOM   480  N N   . GLU A 1 80  ? 3.486   9.511   7.996   1.00 14.60 ? 1371 GLU A N   1 
ATOM   481  C CA  . GLU A 1 80  ? 3.536   10.918  8.462   1.00 16.07 ? 1371 GLU A CA  1 
ATOM   482  C C   . GLU A 1 80  ? 3.856   10.976  9.956   1.00 15.33 ? 1371 GLU A C   1 
ATOM   483  O O   . GLU A 1 80  ? 4.447   11.991  10.360  1.00 17.73 ? 1371 GLU A O   1 
ATOM   484  C CB  . GLU A 1 80  ? 2.244   11.660  8.126   1.00 17.23 ? 1371 GLU A CB  1 
ATOM   485  C CG  . GLU A 1 80  ? 2.059   11.810  6.617   1.00 20.30 ? 1371 GLU A CG  1 
ATOM   486  C CD  . GLU A 1 80  ? 3.255   12.429  5.906   1.00 29.19 ? 1371 GLU A CD  1 
ATOM   487  O OE1 . GLU A 1 80  ? 3.263   13.664  5.825   1.00 36.72 ? 1371 GLU A OE1 1 
ATOM   488  O OE2 . GLU A 1 80  ? 4.226   11.701  5.518   1.00 29.81 ? 1371 GLU A OE2 1 
ATOM   489  N N   . ALA A 1 81  ? 3.530   9.963   10.736  1.00 14.96 ? 1372 ALA A N   1 
ATOM   490  C CA  . ALA A 1 81  ? 3.867   9.863   12.181  1.00 15.37 ? 1372 ALA A CA  1 
ATOM   491  C C   . ALA A 1 81  ? 5.356   9.596   12.372  1.00 16.37 ? 1372 ALA A C   1 
ATOM   492  O O   . ALA A 1 81  ? 5.851   9.608   13.498  1.00 17.81 ? 1372 ALA A O   1 
ATOM   493  C CB  . ALA A 1 81  ? 3.059   8.778   12.819  1.00 17.34 ? 1372 ALA A CB  1 
ATOM   494  N N   . GLY A 1 82  ? 6.057   9.239   11.297  1.00 15.15 ? 1373 GLY A N   1 
ATOM   495  C CA  . GLY A 1 82  ? 7.429   8.776   11.441  1.00 13.29 ? 1373 GLY A CA  1 
ATOM   496  C C   . GLY A 1 82  ? 7.504   7.421   12.040  1.00 13.89 ? 1373 GLY A C   1 
ATOM   497  O O   . GLY A 1 82  ? 8.406   7.154   12.812  1.00 14.91 ? 1373 GLY A O   1 
ATOM   498  N N   . ASN A 1 83  ? 6.601   6.515   11.662  1.00 13.38 ? 1374 ASN A N   1 
ATOM   499  C CA  . ASN A 1 83  ? 6.566   5.159   12.215  1.00 13.62 ? 1374 ASN A CA  1 
ATOM   500  C C   . ASN A 1 83  ? 6.873   4.092   11.163  1.00 13.21 ? 1374 ASN A C   1 
ATOM   501  O O   . ASN A 1 83  ? 6.757   2.920   11.462  1.00 13.98 ? 1374 ASN A O   1 
ATOM   502  C CB  . ASN A 1 83  ? 5.215   4.890   12.839  1.00 14.79 ? 1374 ASN A CB  1 
ATOM   503  C CG  . ASN A 1 83  ? 5.049   5.663   14.125  1.00 17.73 ? 1374 ASN A CG  1 
ATOM   504  O OD1 . ASN A 1 83  ? 5.979   6.271   14.701  1.00 19.01 ? 1374 ASN A OD1 1 
ATOM   505  N ND2 . ASN A 1 83  ? 3.844   5.575   14.620  1.00 18.76 ? 1374 ASN A ND2 1 
ATOM   506  N N   . TYR A 1 84  ? 7.400   4.538   10.034  1.00 14.15 ? 1375 TYR A N   1 
ATOM   507  C CA  . TYR A 1 84  ? 8.099   3.604   9.129   1.00 13.72 ? 1375 TYR A CA  1 
ATOM   508  C C   . TYR A 1 84  ? 9.586   3.924   9.197   1.00 13.94 ? 1375 TYR A C   1 
ATOM   509  O O   . TYR A 1 84  ? 9.947   5.081   9.097   1.00 14.96 ? 1375 TYR A O   1 
ATOM   510  C CB  . TYR A 1 84  ? 7.609   3.720   7.685   1.00 13.38 ? 1375 TYR A CB  1 
ATOM   511  C CG  . TYR A 1 84  ? 6.238   3.158   7.422   1.00 12.45 ? 1375 TYR A CG  1 
ATOM   512  C CD1 . TYR A 1 84  ? 5.904   1.878   7.800   1.00 12.45 ? 1375 TYR A CD1 1 
ATOM   513  C CD2 . TYR A 1 84  ? 5.279   3.903   6.782   1.00 12.50 ? 1375 TYR A CD2 1 
ATOM   514  C CE1 . TYR A 1 84  ? 4.656   1.359   7.528   1.00 12.04 ? 1375 TYR A CE1 1 
ATOM   515  C CE2 . TYR A 1 84  ? 4.029   3.408   6.495   1.00 11.95 ? 1375 TYR A CE2 1 
ATOM   516  C CZ  . TYR A 1 84  ? 3.713   2.127   6.890   1.00 11.45 ? 1375 TYR A CZ  1 
ATOM   517  O OH  . TYR A 1 84  ? 2.467   1.668   6.646   1.00 13.73 ? 1375 TYR A OH  1 
ATOM   518  N N   . GLU A 1 85  ? 10.393  2.894   9.300   1.00 15.94 ? 1376 GLU A N   1 
ATOM   519  C CA  . GLU A 1 85  ? 11.861  3.095   9.256   1.00 17.56 ? 1376 GLU A CA  1 
ATOM   520  C C   . GLU A 1 85  ? 12.384  3.027   7.819   1.00 18.63 ? 1376 GLU A C   1 
ATOM   521  O O   . GLU A 1 85  ? 13.455  3.612   7.527   1.00 21.59 ? 1376 GLU A O   1 
ATOM   522  C CB  . GLU A 1 85  ? 12.572  2.062   10.094  1.00 19.67 ? 1376 GLU A CB  1 
ATOM   523  C CG  . GLU A 1 85  ? 14.034  2.433   10.227  1.00 23.73 ? 1376 GLU A CG  1 
ATOM   524  C CD  . GLU A 1 85  ? 14.781  1.581   11.221  1.00 28.79 ? 1376 GLU A CD  1 
ATOM   525  O OE1 . GLU A 1 85  ? 14.211  0.558   11.654  1.00 33.19 ? 1376 GLU A OE1 1 
ATOM   526  O OE2 . GLU A 1 85  ? 15.914  1.998   11.583  1.00 30.68 ? 1376 GLU A OE2 1 
ATOM   527  N N   . SER A 1 86  ? 11.673  2.346   6.925   1.00 16.02 ? 1377 SER A N   1 
ATOM   528  C CA  . SER A 1 86  ? 12.187  2.075   5.571   1.00 15.50 ? 1377 SER A CA  1 
ATOM   529  C C   . SER A 1 86  ? 11.008  1.974   4.635   1.00 14.63 ? 1377 SER A C   1 
ATOM   530  O O   . SER A 1 86  ? 9.883   1.708   5.050   1.00 13.65 ? 1377 SER A O   1 
ATOM   531  C CB  . SER A 1 86  ? 12.930  0.802   5.528   1.00 15.08 ? 1377 SER A CB  1 
ATOM   532  O OG  . SER A 1 86  ? 12.044  -0.289  5.675   1.00 15.94 ? 1377 SER A OG  1 
ATOM   533  N N   . PRO A 1 87  ? 11.241  2.142   3.324   1.00 13.51 ? 1378 PRO A N   1 
ATOM   534  C CA  . PRO A 1 87  ? 10.157  1.950   2.372   1.00 13.02 ? 1378 PRO A CA  1 
ATOM   535  C C   . PRO A 1 87  ? 9.739   0.487   2.277   1.00 12.72 ? 1378 PRO A C   1 
ATOM   536  O O   . PRO A 1 87  ? 8.643   0.254   1.859   1.00 12.18 ? 1378 PRO A O   1 
ATOM   537  C CB  . PRO A 1 87  ? 10.769  2.409   1.036   1.00 13.50 ? 1378 PRO A CB  1 
ATOM   538  C CG  . PRO A 1 87  ? 12.282  2.292   1.229   1.00 13.15 ? 1378 PRO A CG  1 
ATOM   539  C CD  . PRO A 1 87  ? 12.506  2.597   2.698   1.00 13.84 ? 1378 PRO A CD  1 
ATOM   540  N N   . MET A 1 88  ? 10.580  -0.473  2.645   1.00 11.47 ? 1379 MET A N   1 
ATOM   541  C CA  . MET A 1 88  ? 10.184  -1.893  2.689   1.00 12.62 ? 1379 MET A CA  1 
ATOM   542  C C   . MET A 1 88  ? 9.008   -2.066  3.647   1.00 12.28 ? 1379 MET A C   1 
ATOM   543  O O   . MET A 1 88  ? 8.105   -2.831  3.356   1.00 12.57 ? 1379 MET A O   1 
ATOM   544  C CB  . MET A 1 88  ? 11.365  -2.792  3.080   1.00 13.23 ? 1379 MET A CB  1 
ATOM   545  C CG  . MET A 1 88  ? 12.490  -2.760  2.058   1.00 13.79 ? 1379 MET A CG  1 
ATOM   546  S SD  . MET A 1 88  ? 13.657  -1.399  2.184   1.00 16.40 ? 1379 MET A SD  1 
ATOM   547  C CE  . MET A 1 88  ? 14.671  -2.036  3.511   1.00 18.07 ? 1379 MET A CE  1 
ATOM   548  N N   . GLU A 1 89  ? 9.065   -1.403  4.791   1.00 12.05 ? 1380 GLU A N   1 
ATOM   549  C CA  . GLU A 1 89  ? 7.973   -1.541  5.765   1.00 12.24 ? 1380 GLU A CA  1 
ATOM   550  C C   . GLU A 1 89  ? 6.680   -0.996  5.174   1.00 11.47 ? 1380 GLU A C   1 
ATOM   551  O O   . GLU A 1 89  ? 5.616   -1.614  5.338   1.00 12.21 ? 1380 GLU A O   1 
ATOM   552  C CB  . GLU A 1 89  ? 8.273   -0.802  7.057   1.00 14.02 ? 1380 GLU A CB  1 
ATOM   553  C CG  . GLU A 1 89  ? 9.417   -1.399  7.822   1.00 15.41 ? 1380 GLU A CG  1 
ATOM   554  C CD  . GLU A 1 89  ? 9.703   -0.645  9.104   1.00 16.53 ? 1380 GLU A CD  1 
ATOM   555  O OE1 . GLU A 1 89  ? 9.183   0.448   9.248   1.00 16.14 ? 1380 GLU A OE1 1 
ATOM   556  O OE2 . GLU A 1 89  ? 10.512  -1.178  9.907   1.00 21.09 ? 1380 GLU A OE2 1 
ATOM   557  N N   . LEU A 1 90  ? 6.737   0.167   4.533   0.50 11.57 ? 1381 LEU A N   1 
ATOM   558  C CA  . LEU A 1 90  ? 5.540   0.768   3.896   0.50 12.07 ? 1381 LEU A CA  1 
ATOM   559  C C   . LEU A 1 90  ? 5.037   -0.191  2.817   0.50 12.32 ? 1381 LEU A C   1 
ATOM   560  O O   . LEU A 1 90  ? 3.815   -0.426  2.710   0.50 11.71 ? 1381 LEU A O   1 
ATOM   561  C CB  . LEU A 1 90  ? 5.901   2.136   3.317   0.50 12.11 ? 1381 LEU A CB  1 
ATOM   562  C CG  . LEU A 1 90  ? 4.773   2.833   2.560   0.50 12.28 ? 1381 LEU A CG  1 
ATOM   563  C CD1 . LEU A 1 90  ? 4.836   4.336   2.769   0.50 12.29 ? 1381 LEU A CD1 1 
ATOM   564  C CD2 . LEU A 1 90  ? 4.807   2.477   1.084   0.50 12.90 ? 1381 LEU A CD2 1 
ATOM   565  N N   A CYS A 1 91  ? 5.960   -0.745  2.040   0.25 11.86 ? 1382 CYS A N   1 
ATOM   566  N N   B CYS A 1 91  ? 5.922   -0.781  1.999   0.25 12.71 ? 1382 CYS A N   1 
ATOM   567  C CA  A CYS A 1 91  ? 5.618   -1.647  0.925   0.25 11.86 ? 1382 CYS A CA  1 
ATOM   568  C CA  B CYS A 1 91  ? 5.505   -1.741  0.947   0.25 13.13 ? 1382 CYS A CA  1 
ATOM   569  C C   A CYS A 1 91  ? 4.881   -2.873  1.484   0.25 12.27 ? 1382 CYS A C   1 
ATOM   570  C C   B CYS A 1 91  ? 4.757   -2.909  1.556   0.25 13.18 ? 1382 CYS A C   1 
ATOM   571  O O   A CYS A 1 91  ? 3.939   -3.325  0.823   0.25 12.22 ? 1382 CYS A O   1 
ATOM   572  O O   B CYS A 1 91  ? 3.823   -3.415  0.926   0.25 13.38 ? 1382 CYS A O   1 
ATOM   573  C CB  A CYS A 1 91  ? 6.873   -1.992  0.144   0.25 11.85 ? 1382 CYS A CB  1 
ATOM   574  C CB  B CYS A 1 91  ? 6.692   -2.357  0.240   0.25 14.31 ? 1382 CYS A CB  1 
ATOM   575  S SG  A CYS A 1 91  ? 6.484   -2.714  -1.464  0.25 12.06 ? 1382 CYS A SG  1 
ATOM   576  S SG  B CYS A 1 91  ? 7.356   -1.200  -0.959  0.25 15.73 ? 1382 CYS A SG  1 
ATOM   577  N N   . LYS A 1 92  ? 5.294   -3.406  2.640   0.50 12.71 ? 1383 LYS A N   1 
ATOM   578  C CA  . LYS A 1 92  ? 4.649   -4.590  3.262   0.50 13.50 ? 1383 LYS A CA  1 
ATOM   579  C C   . LYS A 1 92  ? 3.197   -4.220  3.587   0.50 13.00 ? 1383 LYS A C   1 
ATOM   580  O O   . LYS A 1 92  ? 2.293   -5.028  3.310   0.50 12.18 ? 1383 LYS A O   1 
ATOM   581  C CB  . LYS A 1 92  ? 5.445   -5.004  4.502   0.50 14.91 ? 1383 LYS A CB  1 
ATOM   582  C CG  . LYS A 1 92  ? 4.857   -6.171  5.275   0.50 16.76 ? 1383 LYS A CG  1 
ATOM   583  C CD  . LYS A 1 92  ? 5.763   -6.672  6.385   0.50 19.22 ? 1383 LYS A CD  1 
ATOM   584  C CE  . LYS A 1 92  ? 5.036   -7.562  7.374   0.50 22.25 ? 1383 LYS A CE  1 
ATOM   585  N NZ  . LYS A 1 92  ? 5.950   -8.132  8.397   0.50 24.28 ? 1383 LYS A NZ  1 
ATOM   586  N N   . ASP A 1 93  ? 2.970   -3.043  4.168   1.00 12.35 ? 1384 ASP A N   1 
ATOM   587  C CA  . ASP A 1 93  ? 1.591   -2.631  4.536   1.00 12.63 ? 1384 ASP A CA  1 
ATOM   588  C C   . ASP A 1 93  ? 0.761   -2.414  3.262   1.00 11.95 ? 1384 ASP A C   1 
ATOM   589  O O   . ASP A 1 93  ? -0.396  -2.824  3.205   1.00 11.76 ? 1384 ASP A O   1 
ATOM   590  C CB  . ASP A 1 93  ? 1.533   -1.421  5.443   1.00 12.68 ? 1384 ASP A CB  1 
ATOM   591  C CG  . ASP A 1 93  ? 1.949   -1.698  6.870   1.00 14.35 ? 1384 ASP A CG  1 
ATOM   592  O OD1 . ASP A 1 93  ? 2.095   -2.906  7.204   1.00 17.68 ? 1384 ASP A OD1 1 
ATOM   593  O OD2 . ASP A 1 93  ? 2.098   -0.725  7.616   1.00 15.18 ? 1384 ASP A OD2 1 
ATOM   594  N N   . VAL A 1 94  ? 1.310   -1.786  2.232   1.00 11.37 ? 1385 VAL A N   1 
ATOM   595  C CA  . VAL A 1 94  ? 0.514   -1.597  1.002   1.00 11.46 ? 1385 VAL A CA  1 
ATOM   596  C C   . VAL A 1 94  ? 0.192   -2.970  0.423   1.00 11.35 ? 1385 VAL A C   1 
ATOM   597  O O   . VAL A 1 94  ? -0.945  -3.181  -0.016  1.00 11.49 ? 1385 VAL A O   1 
ATOM   598  C CB  . VAL A 1 94  ? 1.256   -0.689  0.029   1.00 11.62 ? 1385 VAL A CB  1 
ATOM   599  C CG1 . VAL A 1 94  ? 0.584   -0.663  -1.312  1.00 11.59 ? 1385 VAL A CG1 1 
ATOM   600  C CG2 . VAL A 1 94  ? 1.347   0.739   0.553   1.00 11.58 ? 1385 VAL A CG2 1 
ATOM   601  N N   . ARG A 1 95  ? 1.158   -3.892  0.383   1.00 10.38 ? 1386 ARG A N   1 
ATOM   602  C CA  . ARG A 1 95  ? 0.886   -5.210  -0.190  1.00 11.07 ? 1386 ARG A CA  1 
ATOM   603  C C   . ARG A 1 95  ? -0.180  -5.917  0.632   1.00 11.50 ? 1386 ARG A C   1 
ATOM   604  O O   . ARG A 1 95  ? -0.936  -6.689  0.039   1.00 11.72 ? 1386 ARG A O   1 
ATOM   605  C CB  . ARG A 1 95  ? 2.185   -5.987  -0.304  1.00 11.86 ? 1386 ARG A CB  1 
ATOM   606  C CG  . ARG A 1 95  ? 3.011   -5.463  -1.464  1.00 13.53 ? 1386 ARG A CG  1 
ATOM   607  C CD  . ARG A 1 95  ? 4.407   -6.019  -1.402  1.00 14.24 ? 1386 ARG A CD  1 
ATOM   608  N NE  . ARG A 1 95  ? 5.168   -5.534  -2.513  1.00 14.93 ? 1386 ARG A NE  1 
ATOM   609  C CZ  . ARG A 1 95  ? 6.468   -5.733  -2.691  1.00 20.43 ? 1386 ARG A CZ  1 
ATOM   610  N NH1 . ARG A 1 95  ? 7.194   -6.358  -1.770  1.00 20.66 ? 1386 ARG A NH1 1 
ATOM   611  N NH2 . ARG A 1 95  ? 7.050   -5.281  -3.792  1.00 24.02 ? 1386 ARG A NH2 1 
ATOM   612  N N   . LEU A 1 96  ? -0.279  -5.648  1.926   1.00 11.46 ? 1387 LEU A N   1 
ATOM   613  C CA  . LEU A 1 96  ? -1.332  -6.247  2.784   1.00 12.01 ? 1387 LEU A CA  1 
ATOM   614  C C   . LEU A 1 96  ? -2.698  -5.718  2.336   1.00 11.32 ? 1387 LEU A C   1 
ATOM   615  O O   . LEU A 1 96  ? -3.659  -6.480  2.369   1.00 11.52 ? 1387 LEU A O   1 
ATOM   616  C CB  . LEU A 1 96  ? -1.057  -5.887  4.224   1.00 12.29 ? 1387 LEU A CB  1 
ATOM   617  C CG  . LEU A 1 96  ? -2.064  -6.382  5.243   1.00 13.37 ? 1387 LEU A CG  1 
ATOM   618  C CD1 . LEU A 1 96  ? -2.170  -7.887  5.234   1.00 14.15 ? 1387 LEU A CD1 1 
ATOM   619  C CD2 . LEU A 1 96  ? -1.654  -5.919  6.623   1.00 13.33 ? 1387 LEU A CD2 1 
ATOM   620  N N   . ILE A 1 97  ? -2.796  -4.461  1.915   1.00 11.69 ? 1388 ILE A N   1 
ATOM   621  C CA  . ILE A 1 97  ? -4.087  -3.954  1.390   1.00 10.46 ? 1388 ILE A CA  1 
ATOM   622  C C   . ILE A 1 97  ? -4.511  -4.852  0.249   1.00 10.95 ? 1388 ILE A C   1 
ATOM   623  O O   . ILE A 1 97  ? -5.685  -5.272  0.166   1.00 11.87 ? 1388 ILE A O   1 
ATOM   624  C CB  . ILE A 1 97  ? -3.962  -2.503  0.929   1.00 10.94 ? 1388 ILE A CB  1 
ATOM   625  C CG1 . ILE A 1 97  ? -3.578  -1.594  2.095   1.00 10.87 ? 1388 ILE A CG1 1 
ATOM   626  C CG2 . ILE A 1 97  ? -5.226  -2.071  0.235   1.00 11.19 ? 1388 ILE A CG2 1 
ATOM   627  C CD1 . ILE A 1 97  ? -3.232  -0.158  1.718   1.00 11.48 ? 1388 ILE A CD1 1 
ATOM   628  N N   . PHE A 1 98  ? -3.585  -5.185  -0.632  1.00 11.12 ? 1389 PHE A N   1 
ATOM   629  C CA  . PHE A 1 98  ? -3.933  -5.942  -1.833  1.00 11.38 ? 1389 PHE A CA  1 
ATOM   630  C C   . PHE A 1 98  ? -4.153  -7.402  -1.478  1.00 11.31 ? 1389 PHE A C   1 
ATOM   631  O O   . PHE A 1 98  ? -5.081  -8.012  -2.029  1.00 11.80 ? 1389 PHE A O   1 
ATOM   632  C CB  . PHE A 1 98  ? -2.862  -5.750  -2.905  1.00 12.02 ? 1389 PHE A CB  1 
ATOM   633  C CG  . PHE A 1 98  ? -2.703  -4.301  -3.296  1.00 12.73 ? 1389 PHE A CG  1 
ATOM   634  C CD1 . PHE A 1 98  ? -3.795  -3.522  -3.612  1.00 14.50 ? 1389 PHE A CD1 1 
ATOM   635  C CD2 . PHE A 1 98  ? -1.447  -3.743  -3.403  1.00 13.42 ? 1389 PHE A CD2 1 
ATOM   636  C CE1 . PHE A 1 98  ? -3.652  -2.190  -3.994  1.00 15.20 ? 1389 PHE A CE1 1 
ATOM   637  C CE2 . PHE A 1 98  ? -1.315  -2.416  -3.814  1.00 13.20 ? 1389 PHE A CE2 1 
ATOM   638  C CZ  . PHE A 1 98  ? -2.407  -1.663  -4.086  1.00 15.04 ? 1389 PHE A CZ  1 
ATOM   639  N N   . SER A 1 99  ? -3.341  -7.992  -0.605  1.00 11.62 ? 1390 SER A N   1 
ATOM   640  C CA  . SER A 1 99  ? -3.592  -9.409  -0.276  1.00 11.86 ? 1390 SER A CA  1 
ATOM   641  C C   . SER A 1 99  ? -4.920  -9.529  0.483   1.00 11.90 ? 1390 SER A C   1 
ATOM   642  O O   . SER A 1 99  ? -5.619  -10.525 0.288   1.00 12.69 ? 1390 SER A O   1 
ATOM   643  C CB  . SER A 1 99  ? -2.438  -9.985  0.471   1.00 11.62 ? 1390 SER A CB  1 
ATOM   644  O OG  . SER A 1 99  ? -2.193  -9.345  1.678   1.00 14.51 ? 1390 SER A OG  1 
ATOM   645  N N   . ASN A 1 100 ? -5.273  -8.580  1.302   1.00 11.43 ? 1391 ASN A N   1 
ATOM   646  C CA  . ASN A 1 100 ? -6.589  -8.624  1.970   1.00 12.11 ? 1391 ASN A CA  1 
ATOM   647  C C   . ASN A 1 100 ? -7.707  -8.606  0.923   1.00 12.72 ? 1391 ASN A C   1 
ATOM   648  O O   . ASN A 1 100 ? -8.666  -9.354  1.041   1.00 13.53 ? 1391 ASN A O   1 
ATOM   649  C CB  . ASN A 1 100 ? -6.754  -7.483  2.932   1.00 12.38 ? 1391 ASN A CB  1 
ATOM   650  C CG  . ASN A 1 100 ? -5.978  -7.604  4.208   1.00 13.01 ? 1391 ASN A CG  1 
ATOM   651  O OD1 . ASN A 1 100 ? -5.465  -8.668  4.497   1.00 13.34 ? 1391 ASN A OD1 1 
ATOM   652  N ND2 . ASN A 1 100 ? -5.968  -6.533  4.972   1.00 13.74 ? 1391 ASN A ND2 1 
ATOM   653  N N   . SER A 1 101 ? -7.603  -7.764  -0.092  1.00 11.73 ? 1392 SER A N   1 
ATOM   654  C CA  . SER A 1 101 ? -8.639  -7.720  -1.140  1.00 12.38 ? 1392 SER A CA  1 
ATOM   655  C C   . SER A 1 101 ? -8.717  -9.071  -1.847  1.00 12.36 ? 1392 SER A C   1 
ATOM   656  O O   . SER A 1 101 ? -9.832  -9.570  -2.088  1.00 13.00 ? 1392 SER A O   1 
ATOM   657  C CB  . SER A 1 101 ? -8.342  -6.589  -2.090  1.00 11.50 ? 1392 SER A CB  1 
ATOM   658  O OG  . SER A 1 101 ? -9.398  -6.438  -3.007  1.00 12.89 ? 1392 SER A OG  1 
ATOM   659  N N   . LYS A 1 102 ? -7.587  -9.684  -2.150  1.00 12.46 ? 1393 LYS A N   1 
ATOM   660  C CA  . LYS A 1 102 ? -7.567  -10.996 -2.822  1.00 13.32 ? 1393 LYS A CA  1 
ATOM   661  C C   . LYS A 1 102 ? -8.163  -12.063 -1.907  1.00 13.80 ? 1393 LYS A C   1 
ATOM   662  O O   . LYS A 1 102 ? -8.862  -12.960 -2.444  1.00 14.47 ? 1393 LYS A O   1 
ATOM   663  C CB  . LYS A 1 102 ? -6.135  -11.336 -3.198  1.00 13.62 ? 1393 LYS A CB  1 
ATOM   664  C CG  . LYS A 1 102 ? -6.014  -12.583 -4.059  1.00 15.01 ? 1393 LYS A CG  1 
ATOM   665  C CD  . LYS A 1 102 ? -4.649  -12.734 -4.601  1.00 16.72 ? 1393 LYS A CD  1 
ATOM   666  C CE  . LYS A 1 102 ? -4.579  -13.839 -5.622  1.00 17.39 ? 1393 LYS A CE  1 
ATOM   667  N NZ  . LYS A 1 102 ? -3.218  -13.919 -6.180  1.00 20.39 ? 1393 LYS A NZ  1 
ATOM   668  N N   . ALA A 1 103 ? -7.928  -11.990 -0.617  1.00 12.84 ? 1394 ALA A N   1 
ATOM   669  C CA  . ALA A 1 103 ? -8.433  -13.008 0.329   1.00 14.11 ? 1394 ALA A CA  1 
ATOM   670  C C   . ALA A 1 103 ? -9.936  -12.802 0.504   1.00 14.81 ? 1394 ALA A C   1 
ATOM   671  O O   . ALA A 1 103 ? -10.692 -13.781 0.646   1.00 15.99 ? 1394 ALA A O   1 
ATOM   672  C CB  . ALA A 1 103 ? -7.685  -12.888 1.620   1.00 13.68 ? 1394 ALA A CB  1 
ATOM   673  N N   . TYR A 1 104 ? -10.430 -11.575 0.503   1.00 13.95 ? 1395 TYR A N   1 
ATOM   674  C CA  . TYR A 1 104 ? -11.844 -11.305 0.841   1.00 13.81 ? 1395 TYR A CA  1 
ATOM   675  C C   . TYR A 1 104 ? -12.739 -11.459 -0.370  1.00 13.98 ? 1395 TYR A C   1 
ATOM   676  O O   . TYR A 1 104 ? -13.947 -11.699 -0.245  1.00 14.13 ? 1395 TYR A O   1 
ATOM   677  C CB  . TYR A 1 104 ? -12.043 -9.930  1.432   1.00 14.77 ? 1395 TYR A CB  1 
ATOM   678  C CG  . TYR A 1 104 ? -13.459 -9.749  1.901   1.00 15.15 ? 1395 TYR A CG  1 
ATOM   679  C CD1 . TYR A 1 104 ? -13.948 -10.508 2.952   1.00 16.16 ? 1395 TYR A CD1 1 
ATOM   680  C CD2 . TYR A 1 104 ? -14.321 -8.903  1.228   1.00 17.87 ? 1395 TYR A CD2 1 
ATOM   681  C CE1 . TYR A 1 104 ? -15.282 -10.414 3.331   1.00 15.86 ? 1395 TYR A CE1 1 
ATOM   682  C CE2 . TYR A 1 104 ? -15.646 -8.775  1.611   1.00 18.27 ? 1395 TYR A CE2 1 
ATOM   683  C CZ  . TYR A 1 104 ? -16.102 -9.491  2.700   1.00 16.93 ? 1395 TYR A CZ  1 
ATOM   684  O OH  . TYR A 1 104 ? -17.431 -9.383  3.023   1.00 19.95 ? 1395 TYR A OH  1 
ATOM   685  N N   . THR A 1 105 ? -12.189 -11.354 -1.565  1.00 13.78 ? 1396 THR A N   1 
ATOM   686  C CA  . THR A 1 105 ? -13.025 -11.329 -2.768  1.00 13.14 ? 1396 THR A CA  1 
ATOM   687  C C   . THR A 1 105 ? -13.742 -12.670 -2.938  1.00 15.35 ? 1396 THR A C   1 
ATOM   688  O O   . THR A 1 105 ? -13.130 -13.735 -2.841  1.00 16.27 ? 1396 THR A O   1 
ATOM   689  C CB  . THR A 1 105 ? -12.225 -10.941 -4.022  1.00 13.73 ? 1396 THR A CB  1 
ATOM   690  O OG1 . THR A 1 105 ? -13.187 -10.640 -5.029  1.00 14.35 ? 1396 THR A OG1 1 
ATOM   691  C CG2 . THR A 1 105 ? -11.296 -12.001 -4.549  1.00 15.86 ? 1396 THR A CG2 1 
ATOM   692  N N   . PRO A 1 106 ? -15.034 -12.642 -3.325  1.00 15.27 ? 1397 PRO A N   1 
ATOM   693  C CA  . PRO A 1 106 ? -15.749 -13.900 -3.592  1.00 16.64 ? 1397 PRO A CA  1 
ATOM   694  C C   . PRO A 1 106 ? -15.400 -14.414 -4.985  1.00 17.69 ? 1397 PRO A C   1 
ATOM   695  O O   . PRO A 1 106 ? -15.758 -15.538 -5.361  1.00 17.78 ? 1397 PRO A O   1 
ATOM   696  C CB  . PRO A 1 106 ? -17.223 -13.480 -3.538  1.00 17.47 ? 1397 PRO A CB  1 
ATOM   697  C CG  . PRO A 1 106 ? -17.226 -12.011 -3.952  1.00 16.71 ? 1397 PRO A CG  1 
ATOM   698  C CD  . PRO A 1 106 ? -15.914 -11.459 -3.410  1.00 16.70 ? 1397 PRO A CD  1 
ATOM   699  N N   . SER A 1 107 ? -14.831 -13.555 -5.822  1.00 16.30 ? 1398 SER A N   1 
ATOM   700  C CA  . SER A 1 107 ? -14.574 -13.875 -7.234  1.00 16.25 ? 1398 SER A CA  1 
ATOM   701  C C   . SER A 1 107 ? -13.345 -13.120 -7.720  1.00 15.47 ? 1398 SER A C   1 
ATOM   702  O O   . SER A 1 107 ? -13.138 -11.951 -7.360  1.00 14.98 ? 1398 SER A O   1 
ATOM   703  C CB  . SER A 1 107 ? -15.777 -13.536 -8.059  1.00 17.64 ? 1398 SER A CB  1 
ATOM   704  O OG  . SER A 1 107 ? -15.459 -13.606 -9.395  1.00 18.68 ? 1398 SER A OG  1 
ATOM   705  N N   . LYS A 1 108 ? -12.592 -13.738 -8.602  1.00 17.22 ? 1399 LYS A N   1 
ATOM   706  C CA  . LYS A 1 108 ? -11.445 -13.055 -9.224  1.00 18.77 ? 1399 LYS A CA  1 
ATOM   707  C C   . LYS A 1 108 ? -11.921 -11.971 -10.192 1.00 18.37 ? 1399 LYS A C   1 
ATOM   708  O O   . LYS A 1 108 ? -11.108 -11.195 -10.615 1.00 18.43 ? 1399 LYS A O   1 
ATOM   709  C CB  . LYS A 1 108 ? -10.457 -14.112 -9.732  1.00 23.20 ? 1399 LYS A CB  1 
ATOM   710  C CG  . LYS A 1 108 ? -9.619  -14.614 -8.552  1.00 27.73 ? 1399 LYS A CG  1 
ATOM   711  C CD  . LYS A 1 108 ? -8.585  -15.666 -8.818  1.00 31.54 ? 1399 LYS A CD  1 
ATOM   712  C CE  . LYS A 1 108 ? -7.719  -15.929 -7.614  1.00 33.48 ? 1399 LYS A CE  1 
ATOM   713  N NZ  . LYS A 1 108 ? -6.513  -16.703 -7.984  1.00 34.20 ? 1399 LYS A NZ  1 
ATOM   714  N N   . ARG A 1 109 ? -13.224 -11.890 -10.504 0.32 18.48 ? 1400 ARG A N   1 
ATOM   715  C CA  . ARG A 1 109 ? -13.786 -10.794 -11.354 0.32 18.89 ? 1400 ARG A CA  1 
ATOM   716  C C   . ARG A 1 109 ? -14.764 -9.943  -10.528 0.32 17.68 ? 1400 ARG A C   1 
ATOM   717  O O   . ARG A 1 109 ? -15.696 -9.349  -11.112 0.32 16.89 ? 1400 ARG A O   1 
ATOM   718  C CB  . ARG A 1 109 ? -14.395 -11.343 -12.651 0.32 20.87 ? 1400 ARG A CB  1 
ATOM   719  C CG  . ARG A 1 109 ? -15.268 -12.582 -12.506 0.32 22.35 ? 1400 ARG A CG  1 
ATOM   720  C CD  . ARG A 1 109 ? -15.047 -13.550 -13.655 0.32 24.09 ? 1400 ARG A CD  1 
ATOM   721  N NE  . ARG A 1 109 ? -15.211 -12.911 -14.956 0.32 24.83 ? 1400 ARG A NE  1 
ATOM   722  C CZ  . ARG A 1 109 ? -16.333 -12.896 -15.678 0.32 26.09 ? 1400 ARG A CZ  1 
ATOM   723  N NH1 . ARG A 1 109 ? -17.429 -13.502 -15.247 0.32 26.23 ? 1400 ARG A NH1 1 
ATOM   724  N NH2 . ARG A 1 109 ? -16.351 -12.282 -16.849 0.32 25.77 ? 1400 ARG A NH2 1 
ATOM   725  N N   . SER A 1 110 ? -14.538 -9.852  -9.216  0.32 16.65 ? 1401 SER A N   1 
ATOM   726  C CA  . SER A 1 110 ? -15.240 -8.911  -8.307  0.32 15.98 ? 1401 SER A CA  1 
ATOM   727  C C   . SER A 1 110 ? -14.757 -7.486  -8.593  0.32 14.87 ? 1401 SER A C   1 
ATOM   728  O O   . SER A 1 110 ? -13.537 -7.280  -8.662  0.32 15.06 ? 1401 SER A O   1 
ATOM   729  C CB  . SER A 1 110 ? -15.009 -9.273  -6.873  0.32 16.72 ? 1401 SER A CB  1 
ATOM   730  O OG  . SER A 1 110 ? -15.867 -8.535  -6.020  0.32 17.93 ? 1401 SER A OG  1 
ATOM   731  N N   . ARG A 1 111 ? -15.678 -6.532  -8.724  0.32 13.74 ? 1402 ARG A N   1 
ATOM   732  C CA  . ARG A 1 111 ? -15.357 -5.120  -9.055  0.32 12.82 ? 1402 ARG A CA  1 
ATOM   733  C C   . ARG A 1 111 ? -14.180 -4.643  -8.205  0.32 12.82 ? 1402 ARG A C   1 
ATOM   734  O O   . ARG A 1 111 ? -13.187 -4.155  -8.784  0.32 12.59 ? 1402 ARG A O   1 
ATOM   735  C CB  . ARG A 1 111 ? -16.568 -4.219  -8.802  0.32 12.29 ? 1402 ARG A CB  1 
ATOM   736  C CG  . ARG A 1 111 ? -16.256 -2.731  -8.870  0.32 11.80 ? 1402 ARG A CG  1 
ATOM   737  C CD  . ARG A 1 111 ? -15.841 -2.277  -10.256 0.32 11.87 ? 1402 ARG A CD  1 
ATOM   738  N NE  . ARG A 1 111 ? -15.348 -0.906  -10.282 0.32 11.89 ? 1402 ARG A NE  1 
ATOM   739  C CZ  . ARG A 1 111 ? -16.091 0.180   -10.471 0.32 11.78 ? 1402 ARG A CZ  1 
ATOM   740  N NH1 . ARG A 1 111 ? -17.392 0.085   -10.681 0.32 12.18 ? 1402 ARG A NH1 1 
ATOM   741  N NH2 . ARG A 1 111 ? -15.520 1.371   -10.481 0.32 11.65 ? 1402 ARG A NH2 1 
ATOM   742  N N   . ILE A 1 112 ? -14.325 -4.741  -6.889  1.00 12.58 ? 1403 ILE A N   1 
ATOM   743  C CA  . ILE A 1 112 ? -13.344 -4.145  -5.932  1.00 12.50 ? 1403 ILE A CA  1 
ATOM   744  C C   . ILE A 1 112 ? -12.007 -4.861  -6.086  1.00 13.37 ? 1403 ILE A C   1 
ATOM   745  O O   . ILE A 1 112 ? -10.969 -4.206  -6.146  1.00 13.17 ? 1403 ILE A O   1 
ATOM   746  C CB  . ILE A 1 112 ? -13.914 -4.136  -4.513  1.00 13.06 ? 1403 ILE A CB  1 
ATOM   747  C CG1 . ILE A 1 112 ? -15.061 -3.121  -4.434  1.00 14.47 ? 1403 ILE A CG1 1 
ATOM   748  C CG2 . ILE A 1 112 ? -12.809 -3.817  -3.507  1.00 13.97 ? 1403 ILE A CG2 1 
ATOM   749  C CD1 . ILE A 1 112 ? -15.894 -3.179  -3.168  1.00 17.04 ? 1403 ILE A CD1 1 
ATOM   750  N N   . TYR A 1 113 ? -11.992 -6.175  -6.215  1.00 12.41 ? 1404 TYR A N   1 
ATOM   751  C CA  . TYR A 1 113 ? -10.738 -6.920  -6.394  1.00 11.76 ? 1404 TYR A CA  1 
ATOM   752  C C   . TYR A 1 113 ? -10.059 -6.473  -7.687  1.00 12.65 ? 1404 TYR A C   1 
ATOM   753  O O   . TYR A 1 113 ? -8.866  -6.312  -7.740  1.00 12.25 ? 1404 TYR A O   1 
ATOM   754  C CB  . TYR A 1 113 ? -11.008 -8.413  -6.408  1.00 12.36 ? 1404 TYR A CB  1 
ATOM   755  C CG  . TYR A 1 113 ? -9.783  -9.223  -6.737  1.00 12.24 ? 1404 TYR A CG  1 
ATOM   756  C CD1 . TYR A 1 113 ? -8.669  -9.197  -5.916  1.00 13.25 ? 1404 TYR A CD1 1 
ATOM   757  C CD2 . TYR A 1 113 ? -9.751  -10.014 -7.879  1.00 13.57 ? 1404 TYR A CD2 1 
ATOM   758  C CE1 . TYR A 1 113 ? -7.550  -9.961  -6.201  1.00 13.51 ? 1404 TYR A CE1 1 
ATOM   759  C CE2 . TYR A 1 113 ? -8.649  -10.794 -8.161  1.00 14.43 ? 1404 TYR A CE2 1 
ATOM   760  C CZ  . TYR A 1 113 ? -7.551  -10.771 -7.314  1.00 13.86 ? 1404 TYR A CZ  1 
ATOM   761  O OH  . TYR A 1 113 ? -6.457  -11.528 -7.618  1.00 17.46 ? 1404 TYR A OH  1 
ATOM   762  N N   A SER A 1 114 ? -10.833 -6.281  -8.755  0.16 12.95 ? 1405 SER A N   1 
ATOM   763  N N   B SER A 1 114 ? -10.826 -6.284  -8.754  0.16 12.80 ? 1405 SER A N   1 
ATOM   764  C CA  A SER A 1 114 ? -10.280 -5.859  -10.068 0.16 13.36 ? 1405 SER A CA  1 
ATOM   765  C CA  B SER A 1 114 ? -10.256 -5.861  -10.058 0.16 13.13 ? 1405 SER A CA  1 
ATOM   766  C C   A SER A 1 114 ? -9.603  -4.489  -9.922  0.16 13.17 ? 1405 SER A C   1 
ATOM   767  C C   B SER A 1 114 ? -9.591  -4.486  -9.913  0.16 13.03 ? 1405 SER A C   1 
ATOM   768  O O   A SER A 1 114 ? -8.566  -4.267  -10.574 0.16 12.64 ? 1405 SER A O   1 
ATOM   769  O O   B SER A 1 114 ? -8.545  -4.262  -10.547 0.16 12.47 ? 1405 SER A O   1 
ATOM   770  C CB  A SER A 1 114 ? -11.331 -5.837  -11.147 0.16 13.85 ? 1405 SER A CB  1 
ATOM   771  C CB  B SER A 1 114 ? -11.302 -5.862  -11.123 0.16 13.49 ? 1405 SER A CB  1 
ATOM   772  O OG  A SER A 1 114 ? -12.142 -4.677  -11.055 0.16 14.83 ? 1405 SER A OG  1 
ATOM   773  O OG  B SER A 1 114 ? -11.756 -7.188  -11.335 0.16 14.27 ? 1405 SER A OG  1 
ATOM   774  N N   . MET A 1 115 ? -10.192 -3.588  -9.136  1.00 12.75 ? 1406 MET A N   1 
ATOM   775  C CA  . MET A 1 115 ? -9.596  -2.269  -8.855  1.00 12.91 ? 1406 MET A CA  1 
ATOM   776  C C   . MET A 1 115 ? -8.282  -2.495  -8.096  1.00 12.11 ? 1406 MET A C   1 
ATOM   777  O O   . MET A 1 115 ? -7.278  -1.843  -8.412  1.00 12.74 ? 1406 MET A O   1 
ATOM   778  C CB  . MET A 1 115 ? -10.590 -1.480  -8.034  1.00 13.04 ? 1406 MET A CB  1 
ATOM   779  C CG  . MET A 1 115 ? -11.808 -1.025  -8.796  1.00 14.16 ? 1406 MET A CG  1 
ATOM   780  S SD  . MET A 1 115 ? -13.157 -0.484  -7.755  1.00 15.81 ? 1406 MET A SD  1 
ATOM   781  C CE  . MET A 1 115 ? -12.603 1.168   -7.438  1.00 15.91 ? 1406 MET A CE  1 
ATOM   782  N N   . SER A 1 116 ? -8.266  -3.435  -7.152  1.00 11.98 ? 1407 SER A N   1 
ATOM   783  C CA  . SER A 1 116 ? -7.038  -3.717  -6.379  1.00 11.68 ? 1407 SER A CA  1 
ATOM   784  C C   . SER A 1 116 ? -5.934  -4.152  -7.326  1.00 11.58 ? 1407 SER A C   1 
ATOM   785  O O   . SER A 1 116 ? -4.790  -3.775  -7.087  1.00 12.97 ? 1407 SER A O   1 
ATOM   786  C CB  . SER A 1 116 ? -7.277  -4.729  -5.265  1.00 12.81 ? 1407 SER A CB  1 
ATOM   787  O OG  . SER A 1 116 ? -7.176  -6.061  -5.700  1.00 12.72 ? 1407 SER A OG  1 
ATOM   788  N N   . LEU A 1 117 ? -6.215  -4.973  -8.319  1.00 11.61 ? 1408 LEU A N   1 
ATOM   789  C CA  . LEU A 1 117 ? -5.119  -5.483  -9.156  1.00 12.02 ? 1408 LEU A CA  1 
ATOM   790  C C   . LEU A 1 117 ? -4.525  -4.337  -9.975  1.00 12.16 ? 1408 LEU A C   1 
ATOM   791  O O   . LEU A 1 117 ? -3.295  -4.346  -10.183 1.00 12.60 ? 1408 LEU A O   1 
ATOM   792  C CB  . LEU A 1 117 ? -5.624  -6.592  -10.061 1.00 12.48 ? 1408 LEU A CB  1 
ATOM   793  C CG  . LEU A 1 117 ? -6.057  -7.859  -9.360  1.00 14.03 ? 1408 LEU A CG  1 
ATOM   794  C CD1 . LEU A 1 117 ? -6.558  -8.836  -10.392 1.00 16.42 ? 1408 LEU A CD1 1 
ATOM   795  C CD2 . LEU A 1 117 ? -4.916  -8.465  -8.559  1.00 15.20 ? 1408 LEU A CD2 1 
ATOM   796  N N   . ARG A 1 118 ? -5.356  -3.440  -10.482 1.00 12.44 ? 1409 ARG A N   1 
ATOM   797  C CA  . ARG A 1 118 ? -4.819  -2.312  -11.277 1.00 12.19 ? 1409 ARG A CA  1 
ATOM   798  C C   . ARG A 1 118 ? -4.001  -1.404  -10.374 1.00 12.74 ? 1409 ARG A C   1 
ATOM   799  O O   . ARG A 1 118 ? -2.880  -0.961  -10.736 1.00 12.79 ? 1409 ARG A O   1 
ATOM   800  C CB  . ARG A 1 118 ? -5.942  -1.534  -11.952 1.00 12.33 ? 1409 ARG A CB  1 
ATOM   801  C CG  . ARG A 1 118 ? -6.612  -2.273  -13.106 1.00 13.73 ? 1409 ARG A CG  1 
ATOM   802  C CD  . ARG A 1 118 ? -7.544  -1.323  -13.839 1.00 13.55 ? 1409 ARG A CD  1 
ATOM   803  N NE  . ARG A 1 118 ? -8.627  -0.841  -13.054 1.00 13.84 ? 1409 ARG A NE  1 
ATOM   804  C CZ  . ARG A 1 118 ? -9.855  -1.344  -13.004 1.00 15.58 ? 1409 ARG A CZ  1 
ATOM   805  N NH1 . ARG A 1 118 ? -10.166 -2.398  -13.704 1.00 17.01 ? 1409 ARG A NH1 1 
ATOM   806  N NH2 . ARG A 1 118 ? -10.748 -0.796  -12.198 1.00 15.41 ? 1409 ARG A NH2 1 
ATOM   807  N N   . LEU A 1 119 ? -4.518  -1.146  -9.195  1.00 11.80 ? 1410 LEU A N   1 
ATOM   808  C CA  . LEU A 1 119 ? -3.807  -0.261  -8.280  1.00 12.50 ? 1410 LEU A CA  1 
ATOM   809  C C   . LEU A 1 119 ? -2.503  -0.907  -7.825  1.00 12.27 ? 1410 LEU A C   1 
ATOM   810  O O   . LEU A 1 119 ? -1.474  -0.192  -7.693  1.00 12.18 ? 1410 LEU A O   1 
ATOM   811  C CB  . LEU A 1 119 ? -4.733  0.068   -7.128  1.00 13.46 ? 1410 LEU A CB  1 
ATOM   812  C CG  . LEU A 1 119 ? -4.285  1.239   -6.282  1.00 15.15 ? 1410 LEU A CG  1 
ATOM   813  C CD1 . LEU A 1 119 ? -4.397  2.536   -7.066  1.00 15.93 ? 1410 LEU A CD1 1 
ATOM   814  C CD2 . LEU A 1 119 ? -5.139  1.350   -5.050  1.00 15.09 ? 1410 LEU A CD2 1 
ATOM   815  N N   . SER A 1 120 ? -2.497  -2.214  -7.620  1.00 11.28 ? 1411 SER A N   1 
ATOM   816  C CA  . SER A 1 120 ? -1.282  -2.943  -7.232  1.00 12.02 ? 1411 SER A CA  1 
ATOM   817  C C   . SER A 1 120 ? -0.254  -2.797  -8.355  1.00 12.52 ? 1411 SER A C   1 
ATOM   818  O O   . SER A 1 120 ? 0.919   -2.571  -8.075  1.00 12.12 ? 1411 SER A O   1 
ATOM   819  C CB  . SER A 1 120 ? -1.608  -4.376  -6.974  1.00 11.95 ? 1411 SER A CB  1 
ATOM   820  O OG  . SER A 1 120 ? -0.417  -5.124  -6.769  1.00 13.19 ? 1411 SER A OG  1 
ATOM   821  N N   . ALA A 1 121 ? -0.638  -2.983  -9.611  1.00 11.69 ? 1412 ALA A N   1 
ATOM   822  C CA  . ALA A 1 121 ? 0.327   -2.864  -10.723 1.00 12.53 ? 1412 ALA A CA  1 
ATOM   823  C C   . ALA A 1 121 ? 0.911   -1.467  -10.749 1.00 12.51 ? 1412 ALA A C   1 
ATOM   824  O O   . ALA A 1 121 ? 2.119   -1.297  -10.937 1.00 12.83 ? 1412 ALA A O   1 
ATOM   825  C CB  . ALA A 1 121 ? -0.334  -3.185  -12.037 1.00 13.45 ? 1412 ALA A CB  1 
ATOM   826  N N   . PHE A 1 122 ? 0.080   -0.465  -10.536 1.00 11.69 ? 1413 PHE A N   1 
ATOM   827  C CA  . PHE A 1 122 ? 0.525   0.947   -10.515 1.00 11.63 ? 1413 PHE A CA  1 
ATOM   828  C C   . PHE A 1 122 ? 1.514   1.148   -9.359  1.00 12.96 ? 1413 PHE A C   1 
ATOM   829  O O   . PHE A 1 122 ? 2.583   1.755   -9.505  1.00 12.97 ? 1413 PHE A O   1 
ATOM   830  C CB  . PHE A 1 122 ? -0.679  1.852   -10.372 1.00 13.33 ? 1413 PHE A CB  1 
ATOM   831  C CG  . PHE A 1 122 ? -0.331  3.311   -10.247 1.00 15.59 ? 1413 PHE A CG  1 
ATOM   832  C CD1 . PHE A 1 122 ? 0.013   4.068   -11.357 1.00 17.48 ? 1413 PHE A CD1 1 
ATOM   833  C CD2 . PHE A 1 122 ? -0.268  3.924   -9.003  1.00 16.49 ? 1413 PHE A CD2 1 
ATOM   834  C CE1 . PHE A 1 122 ? 0.357   5.403   -11.223 1.00 18.66 ? 1413 PHE A CE1 1 
ATOM   835  C CE2 . PHE A 1 122 ? 0.040   5.271   -8.880  1.00 18.60 ? 1413 PHE A CE2 1 
ATOM   836  C CZ  . PHE A 1 122 ? 0.351   6.007   -9.992  1.00 19.65 ? 1413 PHE A CZ  1 
ATOM   837  N N   . PHE A 1 123 ? 1.153   0.669   -8.182  1.00 12.30 ? 1414 PHE A N   1 
ATOM   838  C CA  . PHE A 1 123 ? 2.018   0.820   -7.011  1.00 12.10 ? 1414 PHE A CA  1 
ATOM   839  C C   . PHE A 1 123 ? 3.347   0.125   -7.259  1.00 11.63 ? 1414 PHE A C   1 
ATOM   840  O O   . PHE A 1 123 ? 4.410   0.747   -7.004  1.00 12.90 ? 1414 PHE A O   1 
ATOM   841  C CB  . PHE A 1 123 ? 1.331   0.227   -5.773  1.00 12.36 ? 1414 PHE A CB  1 
ATOM   842  C CG  . PHE A 1 123 ? 2.240   0.190   -4.572  1.00 12.64 ? 1414 PHE A CG  1 
ATOM   843  C CD1 . PHE A 1 123 ? 2.515   1.345   -3.860  1.00 11.80 ? 1414 PHE A CD1 1 
ATOM   844  C CD2 . PHE A 1 123 ? 2.850   -1.008  -4.183  1.00 12.76 ? 1414 PHE A CD2 1 
ATOM   845  C CE1 . PHE A 1 123 ? 3.393   1.289   -2.777  1.00 12.68 ? 1414 PHE A CE1 1 
ATOM   846  C CE2 . PHE A 1 123 ? 3.714   -1.037  -3.091  1.00 12.77 ? 1414 PHE A CE2 1 
ATOM   847  C CZ  . PHE A 1 123 ? 3.988   0.109   -2.422  1.00 13.12 ? 1414 PHE A CZ  1 
ATOM   848  N N   . GLU A 1 124 ? 3.363   -1.127  -7.702  1.00 11.48 ? 1415 GLU A N   1 
ATOM   849  C CA  . GLU A 1 124 ? 4.614   -1.872  -7.903  1.00 12.90 ? 1415 GLU A CA  1 
ATOM   850  C C   . GLU A 1 124 ? 5.480   -1.175  -8.950  1.00 13.83 ? 1415 GLU A C   1 
ATOM   851  O O   . GLU A 1 124 ? 6.709   -1.161  -8.772  1.00 16.17 ? 1415 GLU A O   1 
ATOM   852  C CB  . GLU A 1 124 ? 4.319   -3.300  -8.289  1.00 14.14 ? 1415 GLU A CB  1 
ATOM   853  C CG  . GLU A 1 124 ? 3.675   -4.084  -7.158  1.00 15.26 ? 1415 GLU A CG  1 
ATOM   854  C CD  . GLU A 1 124 ? 4.514   -4.276  -5.900  1.00 16.09 ? 1415 GLU A CD  1 
ATOM   855  O OE1 . GLU A 1 124 ? 5.740   -4.255  -6.010  1.00 18.36 ? 1415 GLU A OE1 1 
ATOM   856  O OE2 . GLU A 1 124 ? 3.949   -4.428  -4.819  1.00 14.84 ? 1415 GLU A OE2 1 
ATOM   857  N N   . GLU A 1 125 ? 4.871   -0.590  -9.985  1.00 14.21 ? 1416 GLU A N   1 
ATOM   858  C CA  . GLU A 1 125 ? 5.606   0.108   -11.075 1.00 14.70 ? 1416 GLU A CA  1 
ATOM   859  C C   . GLU A 1 125 ? 6.357   1.262   -10.468 1.00 14.91 ? 1416 GLU A C   1 
ATOM   860  O O   . GLU A 1 125 ? 7.478   1.516   -10.883 1.00 15.77 ? 1416 GLU A O   1 
ATOM   861  C CB  . GLU A 1 125 ? 4.572   0.590   -12.085 1.00 15.40 ? 1416 GLU A CB  1 
ATOM   862  C CG  . GLU A 1 125 ? 5.081   1.417   -13.234 1.00 17.52 ? 1416 GLU A CG  1 
ATOM   863  C CD  . GLU A 1 125 ? 3.934   1.694   -14.200 1.00 18.00 ? 1416 GLU A CD  1 
ATOM   864  O OE1 . GLU A 1 125 ? 3.491   0.679   -14.851 1.00 18.03 ? 1416 GLU A OE1 1 
ATOM   865  O OE2 . GLU A 1 125 ? 3.397   2.817   -14.195 1.00 19.86 ? 1416 GLU A OE2 1 
ATOM   866  N N   . HIS A 1 126 ? 5.748   1.941   -9.522  1.00 14.30 ? 1417 HIS A N   1 
ATOM   867  C CA  . HIS A 1 126 ? 6.277   3.189   -8.939  1.00 16.31 ? 1417 HIS A CA  1 
ATOM   868  C C   . HIS A 1 126 ? 7.195   2.930   -7.742  1.00 15.62 ? 1417 HIS A C   1 
ATOM   869  O O   . HIS A 1 126 ? 8.160   3.692   -7.559  1.00 16.98 ? 1417 HIS A O   1 
ATOM   870  C CB  . HIS A 1 126 ? 5.153   4.168   -8.605  1.00 17.47 ? 1417 HIS A CB  1 
ATOM   871  C CG  . HIS A 1 126 ? 4.565   4.818   -9.799  1.00 21.73 ? 1417 HIS A CG  1 
ATOM   872  N ND1 . HIS A 1 126 ? 3.831   4.121   -10.740 1.00 21.93 ? 1417 HIS A ND1 1 
ATOM   873  C CD2 . HIS A 1 126 ? 4.596   6.106   -10.191 1.00 26.00 ? 1417 HIS A CD2 1 
ATOM   874  C CE1 . HIS A 1 126 ? 3.497   4.957   -11.712 1.00 26.24 ? 1417 HIS A CE1 1 
ATOM   875  N NE2 . HIS A 1 126 ? 3.895   6.187   -11.358 1.00 29.05 ? 1417 HIS A NE2 1 
ATOM   876  N N   . ILE A 1 127 ? 6.935   1.895   -6.940  0.50 14.87 ? 1418 ILE A N   1 
ATOM   877  C CA  . ILE A 1 127 ? 7.704   1.665   -5.684  0.50 15.08 ? 1418 ILE A CA  1 
ATOM   878  C C   . ILE A 1 127 ? 9.065   1.053   -6.016  0.50 14.85 ? 1418 ILE A C   1 
ATOM   879  O O   . ILE A 1 127 ? 9.979   1.194   -5.199  0.50 14.29 ? 1418 ILE A O   1 
ATOM   880  C CB  . ILE A 1 127 ? 6.926   0.792   -4.684  0.50 14.86 ? 1418 ILE A CB  1 
ATOM   881  C CG1 . ILE A 1 127 ? 7.405   1.006   -3.244  0.50 15.49 ? 1418 ILE A CG1 1 
ATOM   882  C CG2 . ILE A 1 127 ? 7.000   -0.673  -5.064  0.50 15.01 ? 1418 ILE A CG2 1 
ATOM   883  C CD1 . ILE A 1 127 ? 7.264   2.417   -2.744  0.50 16.10 ? 1418 ILE A CD1 1 
ATOM   884  N N   A SER A 1 128 ? 9.219   0.407   -7.169  0.25 14.43 ? 1419 SER A N   1 
ATOM   885  N N   B SER A 1 128 ? 9.203   0.405   -7.184  0.25 15.06 ? 1419 SER A N   1 
ATOM   886  C CA  A SER A 1 128 ? 10.452  -0.346  -7.510  0.25 14.83 ? 1419 SER A CA  1 
ATOM   887  C CA  B SER A 1 128 ? 10.447  -0.318  -7.555  0.25 15.89 ? 1419 SER A CA  1 
ATOM   888  C C   A SER A 1 128 ? 11.706  0.559   -7.471  0.25 14.70 ? 1419 SER A C   1 
ATOM   889  C C   B SER A 1 128 ? 11.680  0.591   -7.408  0.25 15.55 ? 1419 SER A C   1 
ATOM   890  O O   A SER A 1 128 ? 12.807  0.046   -7.060  0.25 14.65 ? 1419 SER A O   1 
ATOM   891  O O   B SER A 1 128 ? 12.722  0.125   -6.846  0.25 17.32 ? 1419 SER A O   1 
ATOM   892  C CB  A SER A 1 128 ? 10.294  -1.023  -8.845  0.25 15.34 ? 1419 SER A CB  1 
ATOM   893  C CB  B SER A 1 128 ? 10.384  -0.886  -8.950  0.25 16.99 ? 1419 SER A CB  1 
ATOM   894  O OG  A SER A 1 128 ? 9.933   -0.077  -9.829  0.25 16.40 ? 1419 SER A OG  1 
ATOM   895  O OG  B SER A 1 128 ? 11.543  -1.681  -9.182  0.25 19.60 ? 1419 SER A OG  1 
ATOM   896  N N   . SER A 1 129 ? 11.606  1.809   -7.950  1.00 14.25 ? 1420 SER A N   1 
ATOM   897  C CA  . SER A 1 129 ? 12.759  2.747   -7.946  1.00 15.95 ? 1420 SER A CA  1 
ATOM   898  C C   . SER A 1 129 ? 12.982  3.246   -6.521  1.00 15.01 ? 1420 SER A C   1 
ATOM   899  O O   . SER A 1 129 ? 14.126  3.447   -6.109  1.00 15.07 ? 1420 SER A O   1 
ATOM   900  C CB  . SER A 1 129 ? 12.608  3.895   -8.895  1.00 17.54 ? 1420 SER A CB  1 
ATOM   901  O OG  . SER A 1 129 ? 11.451  4.642   -8.640  1.00 22.56 ? 1420 SER A OG  1 
ATOM   902  N N   . VAL A 1 130 ? 11.893  3.479   -5.793  1.00 14.14 ? 1421 VAL A N   1 
ATOM   903  C CA  . VAL A 1 130 ? 12.004  3.959   -4.394  1.00 13.98 ? 1421 VAL A CA  1 
ATOM   904  C C   . VAL A 1 130 ? 12.785  2.946   -3.584  1.00 13.34 ? 1421 VAL A C   1 
ATOM   905  O O   . VAL A 1 130 ? 13.730  3.324   -2.837  1.00 14.52 ? 1421 VAL A O   1 
ATOM   906  C CB  . VAL A 1 130 ? 10.637  4.194   -3.787  1.00 13.31 ? 1421 VAL A CB  1 
ATOM   907  C CG1 . VAL A 1 130 ? 10.778  4.636   -2.341  1.00 14.25 ? 1421 VAL A CG1 1 
ATOM   908  C CG2 . VAL A 1 130 ? 9.897   5.231   -4.578  1.00 14.22 ? 1421 VAL A CG2 1 
ATOM   909  N N   . LEU A 1 131 ? 12.471  1.650   -3.703  1.00 13.17 ? 1422 LEU A N   1 
ATOM   910  C CA  . LEU A 1 131 ? 13.187  0.599   -2.976  1.00 13.36 ? 1422 LEU A CA  1 
ATOM   911  C C   . LEU A 1 131 ? 14.630  0.503   -3.454  1.00 13.24 ? 1422 LEU A C   1 
ATOM   912  O O   . LEU A 1 131 ? 15.538  0.412   -2.610  1.00 14.30 ? 1422 LEU A O   1 
ATOM   913  C CB  . LEU A 1 131 ? 12.480  -0.740  -3.172  1.00 14.02 ? 1422 LEU A CB  1 
ATOM   914  C CG  . LEU A 1 131 ? 11.070  -0.813  -2.596  1.00 14.92 ? 1422 LEU A CG  1 
ATOM   915  C CD1 . LEU A 1 131 ? 10.338  -2.050  -3.080  1.00 15.72 ? 1422 LEU A CD1 1 
ATOM   916  C CD2 . LEU A 1 131 ? 11.135  -0.793  -1.080  1.00 16.45 ? 1422 LEU A CD2 1 
ATOM   917  N N   . SER A 1 132 ? 14.824  0.496   -4.760  1.00 14.23 ? 1423 SER A N   1 
ATOM   918  C CA  . SER A 1 132 ? 16.180  0.362   -5.328  1.00 14.16 ? 1423 SER A CA  1 
ATOM   919  C C   . SER A 1 132 ? 17.040  1.509   -4.808  1.00 14.88 ? 1423 SER A C   1 
ATOM   920  O O   . SER A 1 132 ? 18.174  1.275   -4.405  1.00 15.53 ? 1423 SER A O   1 
ATOM   921  C CB  . SER A 1 132 ? 16.145  0.365   -6.828  1.00 14.79 ? 1423 SER A CB  1 
ATOM   922  O OG  . SER A 1 132 ? 15.511  -0.798  -7.270  1.00 17.73 ? 1423 SER A OG  1 
ATOM   923  N N   . ASP A 1 133 ? 16.538  2.729   -4.890  1.00 14.53 ? 1424 ASP A N   1 
ATOM   924  C CA  . ASP A 1 133 ? 17.347  3.902   -4.496  1.00 14.58 ? 1424 ASP A CA  1 
ATOM   925  C C   . ASP A 1 133 ? 17.658  3.859   -3.005  1.00 15.10 ? 1424 ASP A C   1 
ATOM   926  O O   . ASP A 1 133 ? 18.803  4.129   -2.569  1.00 15.00 ? 1424 ASP A O   1 
ATOM   927  C CB  . ASP A 1 133 ? 16.661  5.224   -4.819  1.00 15.58 ? 1424 ASP A CB  1 
ATOM   928  C CG  . ASP A 1 133 ? 16.624  5.580   -6.284  1.00 19.59 ? 1424 ASP A CG  1 
ATOM   929  O OD1 . ASP A 1 133 ? 17.155  4.809   -7.083  1.00 20.65 ? 1424 ASP A OD1 1 
ATOM   930  O OD2 . ASP A 1 133 ? 16.052  6.641   -6.592  1.00 25.08 ? 1424 ASP A OD2 1 
ATOM   931  N N   . TYR A 1 134 ? 16.677  3.522   -2.175  1.00 14.53 ? 1425 TYR A N   1 
ATOM   932  C CA  . TYR A 1 134 ? 16.916  3.398   -0.731  1.00 14.13 ? 1425 TYR A CA  1 
ATOM   933  C C   . TYR A 1 134 ? 17.984  2.342   -0.489  1.00 13.73 ? 1425 TYR A C   1 
ATOM   934  O O   . TYR A 1 134 ? 18.944  2.576   0.301   1.00 13.87 ? 1425 TYR A O   1 
ATOM   935  C CB  . TYR A 1 134 ? 15.620  3.044   0.018   1.00 13.06 ? 1425 TYR A CB  1 
ATOM   936  C CG  . TYR A 1 134 ? 15.839  2.827   1.488   1.00 13.49 ? 1425 TYR A CG  1 
ATOM   937  C CD1 . TYR A 1 134 ? 16.026  3.914   2.313   1.00 14.73 ? 1425 TYR A CD1 1 
ATOM   938  C CD2 . TYR A 1 134 ? 15.951  1.557   2.016   1.00 14.61 ? 1425 TYR A CD2 1 
ATOM   939  C CE1 . TYR A 1 134 ? 16.196  3.737   3.669   1.00 16.14 ? 1425 TYR A CE1 1 
ATOM   940  C CE2 . TYR A 1 134 ? 16.126  1.366   3.365   1.00 15.73 ? 1425 TYR A CE2 1 
ATOM   941  C CZ  . TYR A 1 134 ? 16.299  2.464   4.177   1.00 16.14 ? 1425 TYR A CZ  1 
ATOM   942  O OH  . TYR A 1 134 ? 16.504  2.288   5.506   1.00 20.00 ? 1425 TYR A OH  1 
ATOM   943  N N   . LYS A 1 135 ? 17.843  1.151   -1.057  1.00 14.26 ? 1426 LYS A N   1 
ATOM   944  C CA  . LYS A 1 135 ? 18.789  0.082   -0.723  1.00 14.03 ? 1426 LYS A CA  1 
ATOM   945  C C   . LYS A 1 135 ? 20.185  0.463   -1.222  1.00 14.23 ? 1426 LYS A C   1 
ATOM   946  O O   . LYS A 1 135 ? 21.160  0.158   -0.531  1.00 14.17 ? 1426 LYS A O   1 
ATOM   947  C CB  . LYS A 1 135 ? 18.313  -1.238  -1.327  1.00 15.61 ? 1426 LYS A CB  1 
ATOM   948  C CG  . LYS A 1 135 ? 17.017  -1.725  -0.686  1.00 17.92 ? 1426 LYS A CG  1 
ATOM   949  C CD  . LYS A 1 135 ? 16.499  -2.974  -1.323  1.00 19.61 ? 1426 LYS A CD  1 
ATOM   950  C CE  . LYS A 1 135 ? 15.189  -3.428  -0.723  1.00 23.50 ? 1426 LYS A CE  1 
ATOM   951  N NZ  . LYS A 1 135 ? 14.504  -4.312  -1.686  1.00 25.61 ? 1426 LYS A NZ  1 
ATOM   952  N N   . SER A 1 136 ? 20.269  1.114   -2.365  1.00 14.14 ? 1427 SER A N   1 
ATOM   953  C CA  . SER A 1 136 ? 21.564  1.597   -2.893  1.00 15.09 ? 1427 SER A CA  1 
ATOM   954  C C   . SER A 1 136 ? 22.178  2.638   -1.953  1.00 14.86 ? 1427 SER A C   1 
ATOM   955  O O   . SER A 1 136 ? 23.375  2.577   -1.656  1.00 13.80 ? 1427 SER A O   1 
ATOM   956  C CB  . SER A 1 136 ? 21.382  2.150   -4.261  1.00 17.38 ? 1427 SER A CB  1 
ATOM   957  O OG  . SER A 1 136 ? 22.512  2.937   -4.616  1.00 23.51 ? 1427 SER A OG  1 
ATOM   958  N N   . ALA A 1 137 ? 21.373  3.533   -1.421  1.00 14.85 ? 1428 ALA A N   1 
ATOM   959  C CA  . ALA A 1 137 ? 21.853  4.595   -0.523  1.00 15.49 ? 1428 ALA A CA  1 
ATOM   960  C C   . ALA A 1 137 ? 22.368  3.974   0.751   1.00 15.82 ? 1428 ALA A C   1 
ATOM   961  O O   . ALA A 1 137 ? 23.385  4.392   1.288   1.00 16.67 ? 1428 ALA A O   1 
ATOM   962  C CB  . ALA A 1 137 ? 20.721  5.559   -0.241  1.00 16.06 ? 1428 ALA A CB  1 
ATOM   963  N N   . LEU A 1 138 ? 21.681  2.961   1.269   0.50 16.15 ? 1429 LEU A N   1 
ATOM   964  C CA  . LEU A 1 138 ? 22.112  2.298   2.517   0.50 17.47 ? 1429 LEU A CA  1 
ATOM   965  C C   . LEU A 1 138 ? 23.392  1.503   2.260   0.50 16.66 ? 1429 LEU A C   1 
ATOM   966  O O   . LEU A 1 138 ? 24.253  1.480   3.159   0.50 16.87 ? 1429 LEU A O   1 
ATOM   967  C CB  . LEU A 1 138 ? 20.988  1.415   3.060   0.50 19.54 ? 1429 LEU A CB  1 
ATOM   968  C CG  . LEU A 1 138 ? 20.886  1.384   4.580   0.50 19.97 ? 1429 LEU A CG  1 
ATOM   969  C CD1 . LEU A 1 138 ? 20.630  2.773   5.146   0.50 19.97 ? 1429 LEU A CD1 1 
ATOM   970  C CD2 . LEU A 1 138 ? 19.789  0.420   4.996   0.50 20.04 ? 1429 LEU A CD2 1 
ATOM   971  N N   . ARG A 1 139 ? 23.534  0.872   1.086   1.00 15.02 ? 1430 ARG A N   1 
ATOM   972  C CA  . ARG A 1 139 ? 24.795  0.161   0.787   1.00 15.52 ? 1430 ARG A CA  1 
ATOM   973  C C   . ARG A 1 139 ? 25.934  1.190   0.730   1.00 13.68 ? 1430 ARG A C   1 
ATOM   974  O O   . ARG A 1 139 ? 27.022  0.891   1.233   1.00 15.28 ? 1430 ARG A O   1 
ATOM   975  C CB  . ARG A 1 139 ? 24.702  -0.613  -0.518  1.00 15.55 ? 1430 ARG A CB  1 
ATOM   976  C CG  . ARG A 1 139 ? 23.779  -1.811  -0.457  1.00 16.48 ? 1430 ARG A CG  1 
ATOM   977  C CD  . ARG A 1 139 ? 23.888  -2.706  -1.686  1.00 17.82 ? 1430 ARG A CD  1 
ATOM   978  N NE  . ARG A 1 139 ? 23.352  -2.121  -2.884  1.00 17.98 ? 1430 ARG A NE  1 
ATOM   979  C CZ  . ARG A 1 139 ? 22.105  -2.245  -3.349  1.00 16.30 ? 1430 ARG A CZ  1 
ATOM   980  N NH1 . ARG A 1 139 ? 21.194  -2.880  -2.637  1.00 18.43 ? 1430 ARG A NH1 1 
ATOM   981  N NH2 . ARG A 1 139 ? 21.807  -1.731  -4.521  1.00 17.22 ? 1430 ARG A NH2 1 
ATOM   982  N N   . PHE A 1 140 ? 25.698  2.339   0.118   1.00 13.23 ? 1431 PHE A N   1 
ATOM   983  C CA  . PHE A 1 140 ? 26.743  3.373   -0.012  1.00 14.63 ? 1431 PHE A CA  1 
ATOM   984  C C   . PHE A 1 140 ? 27.138  3.836   1.380   1.00 14.80 ? 1431 PHE A C   1 
ATOM   985  O O   . PHE A 1 140 ? 28.296  3.995   1.702   1.00 14.52 ? 1431 PHE A O   1 
ATOM   986  C CB  . PHE A 1 140 ? 26.265  4.524   -0.885  1.00 14.40 ? 1431 PHE A CB  1 
ATOM   987  C CG  . PHE A 1 140 ? 27.344  5.530   -1.146  1.00 16.53 ? 1431 PHE A CG  1 
ATOM   988  C CD1 . PHE A 1 140 ? 28.348  5.242   -2.065  1.00 17.68 ? 1431 PHE A CD1 1 
ATOM   989  C CD2 . PHE A 1 140 ? 27.416  6.708   -0.441  1.00 15.95 ? 1431 PHE A CD2 1 
ATOM   990  C CE1 . PHE A 1 140 ? 29.368  6.152   -2.294  1.00 18.25 ? 1431 PHE A CE1 1 
ATOM   991  C CE2 . PHE A 1 140 ? 28.446  7.615   -0.667  1.00 18.62 ? 1431 PHE A CE2 1 
ATOM   992  C CZ  . PHE A 1 140 ? 29.402  7.341   -1.620  1.00 18.27 ? 1431 PHE A CZ  1 
ATOM   993  N N   . HIS A 1 141 ? 26.156  4.006   2.259   0.50 15.62 ? 1432 HIS A N   1 
ATOM   994  C CA  . HIS A 1 141 ? 26.450  4.410   3.654   0.50 16.42 ? 1432 HIS A CA  1 
ATOM   995  C C   . HIS A 1 141 ? 27.422  3.423   4.304   0.50 18.36 ? 1432 HIS A C   1 
ATOM   996  O O   . HIS A 1 141 ? 28.461  3.863   4.850   0.50 18.86 ? 1432 HIS A O   1 
ATOM   997  C CB  . HIS A 1 141 ? 25.182  4.510   4.476   0.50 15.77 ? 1432 HIS A CB  1 
ATOM   998  C CG  . HIS A 1 141 ? 25.472  5.109   5.800   0.50 14.84 ? 1432 HIS A CG  1 
ATOM   999  N ND1 . HIS A 1 141 ? 25.698  6.458   5.935   0.50 15.28 ? 1432 HIS A ND1 1 
ATOM   1000 C CD2 . HIS A 1 141 ? 25.598  4.559   7.022   0.50 14.98 ? 1432 HIS A CD2 1 
ATOM   1001 C CE1 . HIS A 1 141 ? 25.931  6.729   7.201   0.50 14.79 ? 1432 HIS A CE1 1 
ATOM   1002 N NE2 . HIS A 1 141 ? 25.874  5.576   7.891   0.50 14.62 ? 1432 HIS A NE2 1 
ATOM   1003 N N   . LYS A 1 142 ? 27.117  2.131   4.278   0.50 20.11 ? 1433 LYS A N   1 
ATOM   1004 C CA  . LYS A 1 142 ? 27.986  1.138   4.956   0.50 23.04 ? 1433 LYS A CA  1 
ATOM   1005 C C   . LYS A 1 142 ? 28.959  0.545   3.933   0.50 24.35 ? 1433 LYS A C   1 
ATOM   1006 O O   . LYS A 1 142 ? 29.283  -0.652  4.052   0.50 29.83 ? 1433 LYS A O   1 
ATOM   1007 C CB  . LYS A 1 142 ? 27.111  0.141   5.722   0.50 24.83 ? 1433 LYS A CB  1 
ATOM   1008 C CG  . LYS A 1 142 ? 26.761  0.612   7.130   0.50 26.44 ? 1433 LYS A CG  1 
ATOM   1009 C CD  . LYS A 1 142 ? 25.332  0.362   7.548   0.50 26.57 ? 1433 LYS A CD  1 
ATOM   1010 C CE  . LYS A 1 142 ? 24.394  1.488   7.168   0.50 26.62 ? 1433 LYS A CE  1 
ATOM   1011 N NZ  . LYS A 1 142 ? 23.805  1.289   5.822   0.50 25.38 ? 1433 LYS A NZ  1 
ATOM   1012 N N   . ARG A 1 143 ? 29.415  1.347   2.963   1.00 23.01 ? 1434 ARG A N   1 
ATOM   1013 C CA  . ARG A 1 143 ? 30.504  0.908   2.047   1.00 23.91 ? 1434 ARG A CA  1 
ATOM   1014 C C   . ARG A 1 143 ? 31.844  0.720   2.764   1.00 27.34 ? 1434 ARG A C   1 
ATOM   1015 O O   . ARG A 1 143 ? 32.145  1.452   3.634   1.00 30.13 ? 1434 ARG A O   1 
ATOM   1016 C CB  . ARG A 1 143 ? 30.628  1.875   0.880   1.00 22.41 ? 1434 ARG A CB  1 
ATOM   1017 C CG  . ARG A 1 143 ? 31.122  3.254   1.278   1.00 22.82 ? 1434 ARG A CG  1 
ATOM   1018 C CD  . ARG A 1 143 ? 30.947  4.198   0.145   1.00 22.42 ? 1434 ARG A CD  1 
ATOM   1019 N NE  . ARG A 1 143 ? 31.572  5.456   0.440   1.00 23.02 ? 1434 ARG A NE  1 
ATOM   1020 C CZ  . ARG A 1 143 ? 31.139  6.391   1.246   1.00 23.92 ? 1434 ARG A CZ  1 
ATOM   1021 N NH1 . ARG A 1 143 ? 30.009  6.268   1.913   1.00 22.33 ? 1434 ARG A NH1 1 
ATOM   1022 N NH2 . ARG A 1 143 ? 31.827  7.524   1.325   1.00 26.26 ? 1434 ARG A NH2 1 
HETATM 1023 N N1  . Y2M B 2 .   ? -14.029 -2.506  1.068   0.32 13.57 ? 1501 Y2M A N1  1 
HETATM 1024 C C4  . Y2M B 2 .   ? -13.111 -6.571  -1.491  0.32 10.61 ? 1501 Y2M A C4  1 
HETATM 1025 C C5  . Y2M B 2 .   ? -12.229 -5.706  -0.664  0.32 11.59 ? 1501 Y2M A C5  1 
HETATM 1026 C C6  . Y2M B 2 .   ? -11.942 -3.664  0.552   0.32 13.13 ? 1501 Y2M A C6  1 
HETATM 1027 C C7  . Y2M B 2 .   ? -12.666 -2.786  1.531   0.32 13.91 ? 1501 Y2M A C7  1 
HETATM 1028 C C8  . Y2M B 2 .   ? -14.700 -1.464  1.637   0.32 14.81 ? 1501 Y2M A C8  1 
HETATM 1029 C C10 . Y2M B 2 .   ? -13.870 2.009   2.647   0.32 17.80 ? 1501 Y2M A C10 1 
HETATM 1030 C C13 . Y2M B 2 .   ? -14.813 -3.723  0.784   0.32 12.96 ? 1501 Y2M A C13 1 
HETATM 1031 N N   . Y2M B 2 .   ? -12.724 -4.871  0.260   0.32 12.20 ? 1501 Y2M A N   1 
HETATM 1032 C C   . Y2M B 2 .   ? -16.453 -7.219  -2.617  0.32 9.93  ? 1501 Y2M A C   1 
HETATM 1033 O O   . Y2M B 2 .   ? -11.033 -5.731  -0.910  0.32 10.81 ? 1501 Y2M A O   1 
HETATM 1034 C C1  . Y2M B 2 .   ? -14.980 -7.252  -2.433  0.32 10.11 ? 1501 Y2M A C1  1 
HETATM 1035 C C11 . Y2M B 2 .   ? -13.137 2.916   1.726   0.32 17.81 ? 1501 Y2M A C11 1 
HETATM 1036 C C12 . Y2M B 2 .   ? -14.318 3.420   2.479   0.32 18.04 ? 1501 Y2M A C12 1 
HETATM 1037 C C14 . Y2M B 2 .   ? -13.979 -4.971  1.014   0.32 12.58 ? 1501 Y2M A C14 1 
HETATM 1038 C C2  . Y2M B 2 .   ? -13.976 -7.897  -3.041  0.32 10.11 ? 1501 Y2M A C2  1 
HETATM 1039 C C3  . Y2M B 2 .   ? -12.778 -7.473  -2.439  0.32 10.63 ? 1501 Y2M A C3  1 
HETATM 1040 C C9  . Y2M B 2 .   ? -14.784 0.937   2.082   0.32 16.69 ? 1501 Y2M A C9  1 
HETATM 1041 N N2  . Y2M B 2 .   ? -14.070 -0.275  1.684   0.32 15.89 ? 1501 Y2M A N2  1 
HETATM 1042 O O1  . Y2M B 2 .   ? -15.834 -1.602  2.073   0.32 14.30 ? 1501 Y2M A O1  1 
HETATM 1043 O O2  . Y2M B 2 .   ? -14.476 -6.424  -1.453  0.32 9.96  ? 1501 Y2M A O2  1 
HETATM 1044 O O   . HOH C 3 .   ? -17.952 -8.601  -5.369  1.00 44.98 ? 1601 HOH A O   1 
HETATM 1045 O O   . HOH C 3 .   ? 17.669  1.102   12.892  1.00 34.48 ? 1602 HOH A O   1 
HETATM 1046 O O   . HOH C 3 .   ? -12.991 -2.584  -11.782 1.00 30.08 ? 1603 HOH A O   1 
HETATM 1047 O O   . HOH C 3 .   ? 16.333  4.094   7.035   1.00 34.66 ? 1604 HOH A O   1 
HETATM 1048 O O   . HOH C 3 .   ? 8.795   5.808   -8.518  1.00 31.50 ? 1605 HOH A O   1 
HETATM 1049 O O   . HOH C 3 .   ? -15.791 -11.354 12.784  1.00 43.62 ? 1606 HOH A O   1 
HETATM 1050 O O   . HOH C 3 .   ? -5.838  -17.616 -5.801  1.00 32.98 ? 1607 HOH A O   1 
HETATM 1051 O O   . HOH C 3 .   ? -5.761  1.789   10.855  1.00 37.91 ? 1608 HOH A O   1 
HETATM 1052 O O   . HOH C 3 .   ? -20.065 -12.891 3.005   1.00 32.39 ? 1609 HOH A O   1 
HETATM 1053 O O   . HOH C 3 .   ? -4.570  -3.338  11.085  1.00 30.38 ? 1610 HOH A O   1 
HETATM 1054 O O   . HOH C 3 .   ? -10.088 -16.059 1.594   1.00 18.90 ? 1611 HOH A O   1 
HETATM 1055 O O   . HOH C 3 .   ? -14.443 2.997   7.108   1.00 46.16 ? 1612 HOH A O   1 
HETATM 1056 O O   . HOH C 3 .   ? -9.039  -16.105 5.888   1.00 50.04 ? 1613 HOH A O   1 
HETATM 1057 O O   . HOH C 3 .   ? 4.778   -1.488  -15.269 1.00 27.81 ? 1614 HOH A O   1 
HETATM 1058 O O   . HOH C 3 .   ? -6.127  -12.652 -9.890  1.00 31.88 ? 1615 HOH A O   1 
HETATM 1059 O O   . HOH C 3 .   ? 2.148   15.139  -4.215  1.00 39.93 ? 1616 HOH A O   1 
HETATM 1060 O O   . HOH C 3 .   ? 2.758   -0.721  10.092  1.00 39.76 ? 1617 HOH A O   1 
HETATM 1061 O O   . HOH C 3 .   ? 13.024  -2.477  -6.545  1.00 20.69 ? 1618 HOH A O   1 
HETATM 1062 O O   . HOH C 3 .   ? -9.212  -10.627 -12.280 1.00 29.19 ? 1619 HOH A O   1 
HETATM 1063 O O   . HOH C 3 .   ? -17.160 -0.601  4.056   0.32 18.22 ? 1620 HOH A O   1 
HETATM 1064 O O   . HOH C 3 .   ? -18.004 -15.225 5.422   1.00 24.61 ? 1621 HOH A O   1 
HETATM 1065 O O   . HOH C 3 .   ? -11.012 -15.149 -2.338  1.00 17.92 ? 1622 HOH A O   1 
HETATM 1066 O O   . HOH C 3 .   ? -9.793  -6.022  1.552   0.32 14.90 ? 1623 HOH A O   1 
HETATM 1067 O O   . HOH C 3 .   ? -20.063 -8.477  11.837  1.00 30.84 ? 1624 HOH A O   1 
HETATM 1068 O O   . HOH C 3 .   ? -10.540 -0.497  2.665   1.00 18.54 ? 1625 HOH A O   1 
HETATM 1069 O O   . HOH C 3 .   ? 6.998   12.556  10.257  1.00 18.65 ? 1626 HOH A O   1 
HETATM 1070 O O   . HOH C 3 .   ? 16.651  -0.076  6.643   1.00 30.09 ? 1627 HOH A O   1 
HETATM 1071 O O   . HOH C 3 .   ? -15.425 -0.323  10.065  1.00 42.94 ? 1628 HOH A O   1 
HETATM 1072 O O   . HOH C 3 .   ? 13.292  -2.293  6.841   1.00 31.61 ? 1629 HOH A O   1 
HETATM 1073 O O   . HOH C 3 .   ? -13.010 -8.198  -13.439 1.00 31.26 ? 1630 HOH A O   1 
HETATM 1074 O O   . HOH C 3 .   ? -9.475  13.469  -8.310  1.00 19.97 ? 1631 HOH A O   1 
HETATM 1075 O O   . HOH C 3 .   ? -20.273 -9.721  3.643   1.00 46.66 ? 1632 HOH A O   1 
HETATM 1076 O O   . HOH C 3 .   ? -15.655 2.630   -0.746  1.00 32.23 ? 1633 HOH A O   1 
HETATM 1077 O O   . HOH C 3 .   ? 7.790   -3.268  -7.404  1.00 18.77 ? 1634 HOH A O   1 
HETATM 1078 O O   . HOH C 3 .   ? 4.636   10.880  15.504  1.00 27.15 ? 1635 HOH A O   1 
HETATM 1079 O O   . HOH C 3 .   ? -16.374 -9.555  10.874  1.00 31.18 ? 1636 HOH A O   1 
HETATM 1080 O O   . HOH C 3 .   ? -17.612 5.280   -0.727  1.00 40.94 ? 1637 HOH A O   1 
HETATM 1081 O O   . HOH C 3 .   ? -8.733  10.926  -2.765  1.00 25.28 ? 1638 HOH A O   1 
HETATM 1082 O O   . HOH C 3 .   ? -15.417 -17.385 -7.264  1.00 22.02 ? 1639 HOH A O   1 
HETATM 1083 O O   . HOH C 3 .   ? -5.887  -9.960  14.225  1.00 44.48 ? 1640 HOH A O   1 
HETATM 1084 O O   . HOH C 3 .   ? 14.479  -0.328  -9.705  1.00 22.13 ? 1641 HOH A O   1 
HETATM 1085 O O   . HOH C 3 .   ? 1.310   -4.888  -4.609  1.00 17.52 ? 1642 HOH A O   1 
HETATM 1086 O O   . HOH C 3 .   ? 24.239  6.960   1.387   1.00 17.36 ? 1643 HOH A O   1 
HETATM 1087 O O   . HOH C 3 .   ? -22.018 1.562   7.064   1.00 45.86 ? 1644 HOH A O   1 
HETATM 1088 O O   . HOH C 3 .   ? -22.212 3.941   4.463   1.00 76.06 ? 1645 HOH A O   1 
HETATM 1089 O O   . HOH C 3 .   ? -17.972 -15.891 8.107   1.00 35.80 ? 1646 HOH A O   1 
HETATM 1090 O O   . HOH C 3 .   ? 8.693   -5.065  1.961   1.00 22.60 ? 1647 HOH A O   1 
HETATM 1091 O O   . HOH C 3 .   ? 0.446   -9.347  2.249   1.00 17.69 ? 1648 HOH A O   1 
HETATM 1092 O O   . HOH C 3 .   ? -1.679  -6.504  -10.338 1.00 23.23 ? 1649 HOH A O   1 
HETATM 1093 O O   . HOH C 3 .   ? -3.870  -10.583 3.406   1.00 18.16 ? 1650 HOH A O   1 
HETATM 1094 O O   . HOH C 3 .   ? -18.086 -0.908  -0.373  1.00 23.64 ? 1651 HOH A O   1 
HETATM 1095 O O   . HOH C 3 .   ? -13.676 4.219   -11.603 1.00 33.79 ? 1652 HOH A O   1 
HETATM 1096 O O   . HOH C 3 .   ? 2.344   -7.743  3.300   1.00 15.79 ? 1653 HOH A O   1 
HETATM 1097 O O   . HOH C 3 .   ? 28.894  6.238   6.095   1.00 43.10 ? 1654 HOH A O   1 
HETATM 1098 O O   . HOH C 3 .   ? 25.389  4.113   -7.599  1.00 30.76 ? 1655 HOH A O   1 
HETATM 1099 O O   . HOH C 3 .   ? -0.089  -8.378  -1.917  1.00 14.64 ? 1656 HOH A O   1 
HETATM 1100 O O   . HOH C 3 .   ? -7.988  -4.432  4.694   0.32 13.74 ? 1657 HOH A O   1 
HETATM 1101 O O   . HOH C 3 .   ? 12.145  12.312  2.148   1.00 14.90 ? 1658 HOH A O   1 
HETATM 1102 O O   . HOH C 3 .   ? -2.781  0.340   -13.133 1.00 20.80 ? 1659 HOH A O   1 
HETATM 1103 O O   . HOH C 3 .   ? 19.306  -1.071  -5.403  1.00 18.69 ? 1660 HOH A O   1 
HETATM 1104 O O   . HOH C 3 .   ? 7.155   9.232   -5.810  1.00 28.22 ? 1661 HOH A O   1 
HETATM 1105 O O   . HOH C 3 .   ? -9.843  -11.026 12.584  1.00 29.76 ? 1662 HOH A O   1 
HETATM 1106 O O   . HOH C 3 .   ? 28.242  -1.567  1.149   1.00 31.03 ? 1663 HOH A O   1 
HETATM 1107 O O   . HOH C 3 .   ? -5.217  -7.749  -4.770  1.00 14.82 ? 1664 HOH A O   1 
HETATM 1108 O O   . HOH C 3 .   ? 5.088   -2.885  7.718   1.00 22.12 ? 1665 HOH A O   1 
HETATM 1109 O O   . HOH C 3 .   ? -7.934  -5.655  -12.864 1.00 17.20 ? 1666 HOH A O   1 
HETATM 1110 O O   . HOH C 3 .   ? 8.665   -8.354  7.983   1.00 36.65 ? 1667 HOH A O   1 
HETATM 1111 O O   . HOH C 3 .   ? -19.305 -5.019  -2.825  1.00 30.63 ? 1668 HOH A O   1 
HETATM 1112 O O   . HOH C 3 .   ? 5.334   4.450   -15.283 1.00 28.04 ? 1669 HOH A O   1 
HETATM 1113 O O   . HOH C 3 .   ? -4.743  -14.837 -8.980  1.00 30.31 ? 1670 HOH A O   1 
HETATM 1114 O O   . HOH C 3 .   ? 25.392  -0.679  -4.056  1.00 20.65 ? 1671 HOH A O   1 
HETATM 1115 O O   . HOH C 3 .   ? -4.022  13.122  -3.809  1.00 27.77 ? 1672 HOH A O   1 
HETATM 1116 O O   . HOH C 3 .   ? -21.435 -7.824  2.454   1.00 46.94 ? 1673 HOH A O   1 
HETATM 1117 O O   . HOH C 3 .   ? 0.312   10.730  11.304  1.00 27.88 ? 1674 HOH A O   1 
HETATM 1118 O O   . HOH C 3 .   ? 14.407  6.049   -2.204  1.00 14.64 ? 1675 HOH A O   1 
HETATM 1119 O O   . HOH C 3 .   ? 3.524   -3.346  -12.174 1.00 25.02 ? 1676 HOH A O   1 
HETATM 1120 O O   . HOH C 3 .   ? 12.565  12.643  -1.778  1.00 24.38 ? 1677 HOH A O   1 
HETATM 1121 O O   . HOH C 3 .   ? 20.658  -1.797  1.379   1.00 22.31 ? 1678 HOH A O   1 
HETATM 1122 O O   . HOH C 3 .   ? -18.451 -9.544  -6.309  1.00 34.95 ? 1679 HOH A O   1 
HETATM 1123 O O   . HOH C 3 .   ? 18.005  7.718   -2.466  1.00 21.74 ? 1680 HOH A O   1 
HETATM 1124 O O   . HOH C 3 .   ? 9.944   2.686   -10.227 1.00 21.19 ? 1681 HOH A O   1 
HETATM 1125 O O   . HOH C 3 .   ? -0.963  -7.853  -6.497  1.00 29.67 ? 1682 HOH A O   1 
HETATM 1126 O O   . HOH C 3 .   ? -8.075  -1.459  2.137   0.32 15.49 ? 1683 HOH A O   1 
HETATM 1127 O O   . HOH C 3 .   ? -16.756 -5.888  -5.784  1.00 16.78 ? 1684 HOH A O   1 
HETATM 1128 O O   . HOH C 3 .   ? 8.638   0.160   -13.044 1.00 30.02 ? 1685 HOH A O   1 
HETATM 1129 O O   . HOH C 3 .   ? 0.477   1.180   11.180  1.00 30.95 ? 1686 HOH A O   1 
HETATM 1130 O O   . HOH C 3 .   ? -12.643 1.972   -10.924 1.00 26.59 ? 1687 HOH A O   1 
HETATM 1131 O O   . HOH C 3 .   ? 6.341   -10.290 6.642   1.00 24.71 ? 1688 HOH A O   1 
HETATM 1132 O O   . HOH C 3 .   ? -11.457 -7.886  -14.049 1.00 37.01 ? 1689 HOH A O   1 
HETATM 1133 O O   . HOH C 3 .   ? -4.333  -12.926 -0.449  1.00 22.02 ? 1690 HOH A O   1 
HETATM 1134 O O   . HOH C 3 .   ? 10.484  13.512  8.269   1.00 21.15 ? 1691 HOH A O   1 
HETATM 1135 O O   . HOH C 3 .   ? 1.862   -5.713  7.451   1.00 28.31 ? 1692 HOH A O   1 
HETATM 1136 O O   . HOH C 3 .   ? 7.654   7.122   8.571   1.00 14.84 ? 1693 HOH A O   1 
HETATM 1137 O O   . HOH C 3 .   ? 0.342   0.906   9.424   1.00 31.42 ? 1694 HOH A O   1 
HETATM 1138 O O   . HOH C 3 .   ? -7.802  -4.290  1.774   0.32 5.61  ? 1695 HOH A O   1 
HETATM 1139 O O   . HOH C 3 .   ? -10.307 10.750  -8.765  1.00 25.17 ? 1696 HOH A O   1 
HETATM 1140 O O   . HOH C 3 .   ? -13.258 5.883   0.733   1.00 44.16 ? 1697 HOH A O   1 
HETATM 1141 O O   . HOH C 3 .   ? 0.683   11.392  1.001   1.00 26.52 ? 1698 HOH A O   1 
HETATM 1142 O O   . HOH C 3 .   ? -5.071  1.860   -10.915 1.00 25.12 ? 1699 HOH A O   1 
HETATM 1143 O O   . HOH C 3 .   ? 5.198   0.547   11.224  1.00 26.02 ? 1700 HOH A O   1 
HETATM 1144 O O   . HOH C 3 .   ? 4.539   -10.565 8.862   1.00 24.61 ? 1701 HOH A O   1 
HETATM 1145 O O   . HOH C 3 .   ? -3.081  9.547   -9.934  1.00 33.43 ? 1702 HOH A O   1 
HETATM 1146 O O   . HOH C 3 .   ? -4.956  -9.979  6.986   1.00 19.12 ? 1703 HOH A O   1 
HETATM 1147 O O   . HOH C 3 .   ? -12.500 9.449   -0.909  1.00 24.84 ? 1704 HOH A O   1 
HETATM 1148 O O   . HOH C 3 .   ? 1.872   13.276  -6.031  1.00 29.90 ? 1705 HOH A O   1 
HETATM 1149 O O   . HOH C 3 .   ? 13.195  6.670   -6.300  1.00 31.49 ? 1706 HOH A O   1 
HETATM 1150 O O   . HOH C 3 .   ? 25.541  1.784   -3.371  1.00 15.90 ? 1707 HOH A O   1 
HETATM 1151 O O   . HOH C 3 .   ? 21.095  -4.061  -0.019  1.00 21.55 ? 1708 HOH A O   1 
HETATM 1152 O O   . HOH C 3 .   ? 9.992   -6.004  -2.351  1.00 34.08 ? 1709 HOH A O   1 
HETATM 1153 O O   . HOH C 3 .   ? -6.729  5.153   9.271   1.00 36.60 ? 1710 HOH A O   1 
HETATM 1154 O O   . HOH C 3 .   ? -12.884 10.980  -9.947  1.00 22.03 ? 1711 HOH A O   1 
HETATM 1155 O O   . HOH C 3 .   ? -13.971 4.595   -7.293  1.00 23.67 ? 1712 HOH A O   1 
HETATM 1156 O O   . HOH C 3 .   ? 3.189   14.149  11.832  1.00 41.16 ? 1713 HOH A O   1 
HETATM 1157 O O   . HOH C 3 .   ? -8.651  -4.352  -15.222 1.00 17.05 ? 1714 HOH A O   1 
HETATM 1158 O O   . HOH C 3 .   ? 19.783  10.531  -3.642  1.00 29.42 ? 1715 HOH A O   1 
HETATM 1159 O O   . HOH C 3 .   ? 0.859   -6.093  -9.190  1.00 22.44 ? 1716 HOH A O   1 
HETATM 1160 O O   . HOH C 3 .   ? -10.891 9.760   -6.794  1.00 32.93 ? 1717 HOH A O   1 
HETATM 1161 O O   . HOH C 3 .   ? 17.365  3.722   9.732   0.50 33.05 ? 1718 HOH A O   1 
HETATM 1162 O O   . HOH C 3 .   ? 1.301   5.605   13.185  1.00 40.63 ? 1719 HOH A O   1 
HETATM 1163 O O   . HOH C 3 .   ? 16.218  8.583   -4.361  1.00 22.96 ? 1720 HOH A O   1 
HETATM 1164 O O   . HOH C 3 .   ? 25.801  7.929   3.406   1.00 15.85 ? 1721 HOH A O   1 
HETATM 1165 O O   . HOH C 3 .   ? -2.728  -11.228 -7.226  1.00 26.04 ? 1722 HOH A O   1 
HETATM 1166 O O   . HOH C 3 .   ? 15.807  6.842   0.140   1.00 14.88 ? 1723 HOH A O   1 
HETATM 1167 O O   . HOH C 3 .   ? 29.292  7.424   -6.731  1.00 37.99 ? 1724 HOH A O   1 
HETATM 1168 O O   . HOH C 3 .   ? -17.975 2.850   -11.506 1.00 24.21 ? 1725 HOH A O   1 
HETATM 1169 O O   . HOH C 3 .   ? -8.451  7.757   -11.751 1.00 29.64 ? 1726 HOH A O   1 
HETATM 1170 O O   . HOH C 3 .   ? 13.165  9.827   5.701   1.00 17.36 ? 1727 HOH A O   1 
HETATM 1171 O O   . HOH C 3 .   ? -6.030  -12.524 6.927   1.00 26.86 ? 1728 HOH A O   1 
HETATM 1172 O O   . HOH C 3 .   ? -5.711  13.767  -10.617 1.00 39.90 ? 1729 HOH A O   1 
HETATM 1173 O O   . HOH C 3 .   ? 17.499  7.568   8.203   1.00 24.57 ? 1730 HOH A O   1 
HETATM 1174 O O   . HOH C 3 .   ? -0.831  5.087   11.931  1.00 36.72 ? 1731 HOH A O   1 
HETATM 1175 O O   . HOH C 3 .   ? -15.005 4.164   -9.591  1.00 33.27 ? 1732 HOH A O   1 
HETATM 1176 O O   . HOH C 3 .   ? 9.943   -5.541  -4.465  1.00 27.24 ? 1733 HOH A O   1 
HETATM 1177 O O   . HOH C 3 .   ? 8.604   14.100  4.765   1.00 38.49 ? 1734 HOH A O   1 
HETATM 1178 O O   . HOH C 3 .   ? 12.226  0.971   -11.434 1.00 30.00 ? 1735 HOH A O   1 
HETATM 1179 O O   . HOH C 3 .   ? 15.456  13.132  1.884   1.00 20.31 ? 1736 HOH A O   1 
HETATM 1180 O O   . HOH C 3 .   ? 14.680  7.830   6.668   1.00 21.99 ? 1737 HOH A O   1 
HETATM 1181 O O   . HOH C 3 .   ? -11.523 -2.859  8.211   1.00 24.21 ? 1738 HOH A O   1 
HETATM 1182 O O   . HOH C 3 .   ? -4.017  9.632   6.267   1.00 37.89 ? 1739 HOH A O   1 
HETATM 1183 O O   . HOH C 3 .   ? 6.596   -6.811  1.150   1.00 16.98 ? 1740 HOH A O   1 
HETATM 1184 O O   . HOH C 3 .   ? -8.784  -14.345 -5.129  1.00 27.90 ? 1741 HOH A O   1 
HETATM 1185 O O   . HOH C 3 .   ? 0.843   -4.645  9.343   1.00 35.85 ? 1742 HOH A O   1 
HETATM 1186 O O   . HOH C 3 .   ? 20.748  6.153   -3.738  1.00 50.21 ? 1743 HOH A O   1 
HETATM 1187 O O   . HOH C 3 .   ? -5.612  10.253  4.172   1.00 32.90 ? 1744 HOH A O   1 
HETATM 1188 O O   . HOH C 3 .   ? -16.019 -15.847 -11.383 1.00 56.52 ? 1745 HOH A O   1 
HETATM 1189 O O   . HOH C 3 .   ? 5.355   15.293  -0.163  1.00 44.12 ? 1746 HOH A O   1 
HETATM 1190 O O   . HOH C 3 .   ? -7.806  -0.773  7.579   1.00 20.67 ? 1747 HOH A O   1 
HETATM 1191 O O   . HOH C 3 .   ? -15.025 8.711   -1.367  1.00 48.45 ? 1748 HOH A O   1 
HETATM 1192 O O   . HOH C 3 .   ? -8.902  6.176   8.419   1.00 43.30 ? 1749 HOH A O   1 
HETATM 1193 O O   . HOH C 3 .   ? -12.725 8.452   -6.180  1.00 56.83 ? 1750 HOH A O   1 
HETATM 1194 O O   . HOH C 3 .   ? -14.302 -17.592 10.066  1.00 37.21 ? 1751 HOH A O   1 
HETATM 1195 O O   . HOH C 3 .   ? 12.915  -5.876  0.755   1.00 37.25 ? 1752 HOH A O   1 
HETATM 1196 O O   . HOH C 3 .   ? -8.066  10.436  3.963   0.32 16.55 ? 1753 HOH A O   1 
HETATM 1197 O O   . HOH C 3 .   ? -20.267 -9.472  1.114   1.00 36.17 ? 1754 HOH A O   1 
HETATM 1198 O O   . HOH C 3 .   ? 1.617   13.179  2.863   1.00 38.48 ? 1755 HOH A O   1 
HETATM 1199 O O   . HOH C 3 .   ? -10.797 11.916  -3.979  1.00 32.94 ? 1756 HOH A O   1 
HETATM 1200 O O   . HOH C 3 .   ? 9.911   -4.665  5.716   1.00 35.00 ? 1757 HOH A O   1 
HETATM 1201 O O   . HOH C 3 .   ? 28.161  1.454   -2.254  1.00 17.28 ? 1758 HOH A O   1 
HETATM 1202 O O   . HOH C 3 .   ? -1.973  -10.018 -3.183  1.00 16.80 ? 1759 HOH A O   1 
HETATM 1203 O O   . HOH C 3 .   ? 10.372  -3.746  -6.494  1.00 19.59 ? 1760 HOH A O   1 
HETATM 1204 O O   . HOH C 3 .   ? 22.565  -1.802  3.304   1.00 32.04 ? 1761 HOH A O   1 
HETATM 1205 O O   . HOH C 3 .   ? -12.627 11.814  -2.692  1.00 35.39 ? 1762 HOH A O   1 
HETATM 1206 O O   . HOH C 3 .   ? -18.954 -9.868  -9.608  1.00 46.03 ? 1763 HOH A O   1 
HETATM 1207 O O   . HOH C 3 .   ? -9.507  4.229   -12.881 1.00 36.88 ? 1764 HOH A O   1 
HETATM 1208 O O   . HOH C 3 .   ? -9.548  -2.289  6.208   1.00 19.87 ? 1765 HOH A O   1 
HETATM 1209 O O   . HOH C 3 .   ? 28.919  -0.982  -1.272  1.00 42.16 ? 1766 HOH A O   1 
HETATM 1210 O O   . HOH C 3 .   ? -8.825  -8.190  -13.343 1.00 24.89 ? 1767 HOH A O   1 
HETATM 1211 O O   . HOH C 3 .   ? 10.153  -4.578  -0.149  1.00 25.56 ? 1768 HOH A O   1 
HETATM 1212 O O   . HOH C 3 .   ? 27.167  -2.417  -3.099  1.00 27.64 ? 1769 HOH A O   1 
HETATM 1213 O O   . HOH C 3 .   ? 3.595   -10.802 6.847   1.00 27.30 ? 1770 HOH A O   1 
HETATM 1214 O O   . HOH C 3 .   ? -5.811  -15.196 -1.325  1.00 28.65 ? 1771 HOH A O   1 
HETATM 1215 O O   . HOH C 3 .   ? -1.021  16.801  -4.129  1.00 29.99 ? 1772 HOH A O   1 
HETATM 1216 O O   . HOH C 3 .   ? 1.233   -7.549  -4.140  1.00 23.00 ? 1773 HOH A O   1 
HETATM 1217 O O   . HOH C 3 .   ? -7.289  -12.220 -11.823 1.00 37.31 ? 1774 HOH A O   1 
HETATM 1218 O O   . HOH C 3 .   ? -16.220 -17.727 11.540  1.00 39.23 ? 1775 HOH A O   1 
HETATM 1219 O O   . HOH C 3 .   ? -2.932  -11.371 -9.816  1.00 36.10 ? 1776 HOH A O   1 
HETATM 1220 O O   . HOH C 3 .   ? 11.103  13.571  4.324   1.00 22.71 ? 1777 HOH A O   1 
HETATM 1221 O O   . HOH C 3 .   ? -14.480 6.858   -6.913  1.00 47.76 ? 1778 HOH A O   1 
HETATM 1222 O O   . HOH C 3 .   ? 13.328  14.159  0.285   1.00 26.40 ? 1779 HOH A O   1 
HETATM 1223 O O   . HOH C 3 .   ? -3.047  -9.124  -5.565  1.00 15.17 ? 1780 HOH A O   1 
HETATM 1224 O O   . HOH C 3 .   ? 2.040   -8.271  6.009   1.00 25.46 ? 1781 HOH A O   1 
HETATM 1225 O O   . HOH C 3 .   ? -11.632 8.521   1.434   1.00 31.87 ? 1782 HOH A O   1 
HETATM 1226 O O   . HOH C 3 .   ? -5.244  -6.365  -13.633 1.00 32.09 ? 1783 HOH A O   1 
HETATM 1227 O O   . HOH C 3 .   ? 25.120  -2.836  2.910   1.00 37.51 ? 1784 HOH A O   1 
HETATM 1228 O O   . HOH C 3 .   ? 26.802  -4.786  -1.779  1.00 38.06 ? 1785 HOH A O   1 
HETATM 1229 O O   . HOH C 3 .   ? 23.320  -5.283  0.535   1.00 43.66 ? 1786 HOH A O   1 
HETATM 1230 O O   . HOH C 3 .   ? -8.179  -0.615  10.330  1.00 35.33 ? 1787 HOH A O   1 
HETATM 1231 O O   . HOH C 3 .   ? -1.301  -0.050  11.520  1.00 34.88 ? 1788 HOH A O   1 
HETATM 1232 O O   . HOH C 3 .   ? -10.823 -2.106  10.584  1.00 42.51 ? 1789 HOH A O   1 
HETATM 1233 O O   . HOH C 3 .   ? 13.183  12.716  6.680   0.50 12.38 ? 1790 HOH A O   1 
HETATM 1234 O O   . HOH C 3 .   ? 17.762  -2.169  5.483   1.00 26.44 ? 1791 HOH A O   1 
HETATM 1235 O O   . HOH C 3 .   ? 3.004   -5.933  -10.553 1.00 30.73 ? 1792 HOH A O   1 
HETATM 1236 O O   . HOH C 3 .   ? -2.181  -8.813  -11.372 1.00 43.45 ? 1793 HOH A O   1 
HETATM 1237 O O   . HOH C 3 .   ? 18.048  -2.074  2.683   1.00 29.18 ? 1794 HOH A O   1 
# 
